data_4N90
#
_entry.id   4N90
#
_cell.length_a   152.006
_cell.length_b   152.006
_cell.length_c   613.155
_cell.angle_alpha   90.00
_cell.angle_beta   90.00
_cell.angle_gamma   120.00
#
_symmetry.space_group_name_H-M   'P 61 2 2'
#
loop_
_entity.id
_entity.type
_entity.pdbx_description
1 polymer 'Tumor necrosis factor receptor superfamily member 10B'
2 polymer 'Tumor necrosis factor ligand superfamily member 10'
3 polymer 'Fab light chain'
4 polymer 'Fab heavy chain'
5 non-polymer 'ZINC ION'
#
loop_
_entity_poly.entity_id
_entity_poly.type
_entity_poly.pdbx_seq_one_letter_code
_entity_poly.pdbx_strand_id
1 'polypeptide(L)'
;TQQDLAPQQRAAPQQKRSSPSEGLCPPGHHISEDGRDCISCKYGQDYSTHWNDLLFCLRCTRCDSGEVELSPCTTTRNTV
CQCEEGTFREEDSPEMCRKCRTGCPRGMVKVGDCTPWSDIECVHKE
;
R,S,T
2 'polypeptide(L)'
;VRERGPQRVAAHITGTRGRSNTLSSPNSKNEKALGRKINSWESSRSGHSFLSNLHLRNGELVIHEKGFYYIYSQTYFRFQ
EEIKENTKNDKQMVQYIYKYTSYPDPILLMKSARNSCWSKDAEYGLYSIYQGGIFELKENDRIFVSVTNEHLIDMDHEAS
FFGAFLVG
;
A,B,C
3 'polypeptide(L)'
;EIVLTQSPGTLSLSPGERATLSCRASQGISRSYLAWYQQKPGQAPSLLIYGASSRATGIPDRFSGSGSGTDFTLTISRLE
PEDFAVYYCQQFGSSPWTFGQGTKVEIKRTVAAPSVFIFPPSDEQLKSGTASVVCLLNNFYPREAKVQWKVDNALQSGNS
QESVTEQDSKDSTYSLSSTLTLSKADYEKHKVYACEVTHQGLSSPVTKSFNRGEC
;
E,G,I
4 'polypeptide(L)'
;QVQLQESGPGLVKPSQTLSLTCTVSGGSISSGDYFWSWIRQLPGKGLEWIGHIHNSGTTYYNPSLKSRVTISVDTSKKQF
SLRLSSVTAADTAVYYCARDRGGDYYYGMDVWGQGTTVTVSSASTKGPSVFPLAPSSKSTSGGTAALGCLVKDYFPEPVT
VSWNSGALTSGVHTFPAVLQSSGLYSLSSVVTVPSSSLGTQTYICNVNHKPSNTKVDKKVEPKS
;
D,F,H
#
loop_
_chem_comp.id
_chem_comp.type
_chem_comp.name
_chem_comp.formula
ZN non-polymer 'ZINC ION' 'Zn 2'
#
# COMPACT_ATOMS: atom_id res chain seq x y z
N SER A 18 -29.55 -17.91 37.40
CA SER A 18 -28.96 -17.52 36.08
C SER A 18 -29.71 -18.18 34.90
N SER A 19 -31.02 -18.00 34.86
CA SER A 19 -31.86 -18.50 33.77
C SER A 19 -32.27 -17.34 32.85
N PRO A 20 -32.12 -17.52 31.53
CA PRO A 20 -32.32 -16.38 30.61
C PRO A 20 -33.76 -15.87 30.55
N SER A 21 -33.95 -14.58 30.82
CA SER A 21 -35.24 -13.92 30.65
C SER A 21 -35.57 -13.78 29.17
N GLU A 22 -36.63 -14.45 28.73
CA GLU A 22 -37.16 -14.34 27.36
C GLU A 22 -36.15 -14.84 26.30
N GLY A 23 -35.37 -15.85 26.64
CA GLY A 23 -34.29 -16.36 25.77
C GLY A 23 -33.12 -15.39 25.62
N LEU A 24 -32.84 -14.63 26.69
CA LEU A 24 -31.79 -13.61 26.71
C LEU A 24 -31.11 -13.52 28.08
N CYS A 25 -29.79 -13.42 28.09
CA CYS A 25 -29.00 -13.35 29.31
C CYS A 25 -28.60 -11.91 29.64
N PRO A 26 -28.45 -11.60 30.95
CA PRO A 26 -28.11 -10.25 31.42
C PRO A 26 -26.63 -9.94 31.31
N PRO A 27 -26.29 -8.67 30.97
CA PRO A 27 -24.94 -8.17 30.72
C PRO A 27 -23.87 -8.77 31.64
N GLY A 28 -22.77 -9.22 31.06
CA GLY A 28 -21.71 -9.82 31.86
C GLY A 28 -21.83 -11.33 31.90
N HIS A 29 -23.04 -11.81 31.66
CA HIS A 29 -23.24 -13.24 31.44
C HIS A 29 -23.48 -13.43 29.93
N HIS A 30 -23.45 -14.68 29.44
CA HIS A 30 -23.76 -15.02 28.03
C HIS A 30 -24.51 -16.34 27.97
N ILE A 31 -25.30 -16.57 26.91
CA ILE A 31 -26.21 -17.73 26.88
C ILE A 31 -25.52 -19.05 26.56
N SER A 32 -26.07 -20.16 27.07
CA SER A 32 -25.45 -21.47 26.87
C SER A 32 -25.86 -22.10 25.54
N GLU A 33 -25.08 -23.08 25.10
CA GLU A 33 -25.34 -23.82 23.85
C GLU A 33 -26.78 -24.30 23.76
N ASP A 34 -27.24 -25.04 24.78
CA ASP A 34 -28.59 -25.57 24.83
C ASP A 34 -29.64 -24.48 25.06
N GLY A 35 -29.21 -23.32 25.54
CA GLY A 35 -30.10 -22.19 25.70
C GLY A 35 -30.67 -22.02 27.09
N ARG A 36 -30.39 -22.95 28.00
CA ARG A 36 -31.04 -22.91 29.31
C ARG A 36 -30.26 -22.21 30.45
N ASP A 37 -29.10 -21.64 30.15
CA ASP A 37 -28.27 -21.02 31.21
C ASP A 37 -27.64 -19.66 30.87
N CYS A 38 -27.23 -18.97 31.92
CA CYS A 38 -26.49 -17.72 31.79
C CYS A 38 -25.10 -17.85 32.40
N ILE A 39 -24.19 -18.44 31.64
CA ILE A 39 -22.78 -18.54 32.02
C ILE A 39 -22.08 -17.18 31.89
N SER A 40 -21.32 -16.80 32.92
CA SER A 40 -20.81 -15.43 33.05
C SER A 40 -19.45 -15.17 32.41
N CYS A 41 -19.30 -14.02 31.76
CA CYS A 41 -18.03 -13.64 31.12
C CYS A 41 -16.87 -13.68 32.13
N LYS A 42 -15.75 -14.25 31.68
CA LYS A 42 -14.51 -14.32 32.46
C LYS A 42 -13.93 -12.93 32.62
N TYR A 43 -13.75 -12.50 33.87
CA TYR A 43 -13.37 -11.12 34.20
C TYR A 43 -12.02 -10.64 33.62
N GLY A 44 -12.08 -9.63 32.77
CA GLY A 44 -10.85 -9.02 32.28
C GLY A 44 -10.28 -9.61 31.00
N GLN A 45 -10.93 -10.65 30.49
CA GLN A 45 -10.59 -11.20 29.18
C GLN A 45 -11.70 -10.88 28.20
N ASP A 46 -12.94 -11.07 28.65
CA ASP A 46 -14.07 -10.77 27.81
C ASP A 46 -15.20 -10.05 28.56
N TYR A 47 -16.27 -9.73 27.83
CA TYR A 47 -17.37 -8.91 28.33
C TYR A 47 -18.59 -8.95 27.44
N SER A 48 -19.69 -8.38 27.93
CA SER A 48 -20.96 -8.26 27.18
C SER A 48 -21.77 -7.12 27.78
N THR A 49 -22.10 -6.10 27.00
CA THR A 49 -22.67 -4.90 27.62
C THR A 49 -24.19 -4.87 27.66
N HIS A 50 -24.83 -5.24 26.56
CA HIS A 50 -26.28 -5.20 26.51
C HIS A 50 -26.84 -6.55 26.91
N TRP A 51 -28.17 -6.67 27.05
CA TRP A 51 -28.80 -8.00 27.30
C TRP A 51 -28.60 -8.85 26.09
N ASN A 52 -28.21 -10.11 26.27
CA ASN A 52 -27.82 -10.91 25.09
C ASN A 52 -28.11 -12.41 25.05
N ASP A 53 -28.19 -12.93 23.82
CA ASP A 53 -28.27 -14.37 23.53
C ASP A 53 -26.97 -14.90 22.92
N LEU A 54 -25.85 -14.30 23.29
CA LEU A 54 -24.53 -14.63 22.71
C LEU A 54 -23.97 -15.94 23.25
N LEU A 55 -23.34 -16.70 22.35
CA LEU A 55 -22.70 -17.97 22.70
C LEU A 55 -21.29 -17.72 23.22
N PHE A 56 -20.71 -16.57 22.87
CA PHE A 56 -19.39 -16.15 23.35
C PHE A 56 -19.33 -14.67 23.71
N CYS A 57 -18.80 -14.36 24.89
CA CYS A 57 -18.58 -12.98 25.29
C CYS A 57 -17.61 -12.32 24.34
N LEU A 58 -17.63 -11.00 24.27
CA LEU A 58 -16.70 -10.29 23.41
C LEU A 58 -15.38 -10.01 24.15
N ARG A 59 -14.26 -10.23 23.47
CA ARG A 59 -12.96 -10.11 24.10
C ARG A 59 -12.60 -8.65 24.32
N CYS A 60 -12.07 -8.34 25.50
CA CYS A 60 -11.64 -6.96 25.83
C CYS A 60 -10.56 -6.46 24.88
N THR A 61 -10.53 -5.15 24.68
CA THR A 61 -9.45 -4.52 23.92
C THR A 61 -8.20 -4.33 24.79
N ARG A 62 -7.02 -4.46 24.19
CA ARG A 62 -5.77 -4.17 24.88
C ARG A 62 -5.23 -2.93 24.25
N CYS A 63 -4.88 -1.94 25.07
CA CYS A 63 -4.45 -0.67 24.53
C CYS A 63 -3.27 -0.83 23.60
N ASP A 64 -3.40 -0.29 22.38
CA ASP A 64 -2.33 -0.33 21.40
C ASP A 64 -1.21 0.66 21.90
N SER A 65 0.00 0.60 21.31
CA SER A 65 1.20 1.33 21.82
C SER A 65 1.07 2.77 22.31
N GLY A 66 1.04 3.75 21.41
CA GLY A 66 1.00 5.17 21.82
C GLY A 66 -0.29 5.64 22.49
N GLU A 67 -0.87 4.76 23.32
CA GLU A 67 -2.14 4.98 24.00
C GLU A 67 -2.00 4.66 25.51
N VAL A 68 -3.04 4.98 26.28
CA VAL A 68 -3.06 4.67 27.71
C VAL A 68 -4.42 4.11 28.12
N GLU A 69 -4.43 3.18 29.08
CA GLU A 69 -5.67 2.60 29.58
C GLU A 69 -6.28 3.40 30.73
N LEU A 70 -7.19 4.34 30.41
CA LEU A 70 -7.91 5.12 31.44
C LEU A 70 -8.71 4.25 32.43
N SER A 71 -9.19 3.09 31.96
CA SER A 71 -9.90 2.12 32.81
C SER A 71 -9.88 0.68 32.29
N PRO A 72 -9.84 -0.31 33.20
CA PRO A 72 -9.72 -1.72 32.82
C PRO A 72 -11.01 -2.26 32.19
N CYS A 73 -10.98 -3.53 31.80
CA CYS A 73 -12.15 -4.16 31.25
C CYS A 73 -12.81 -4.99 32.34
N THR A 74 -14.10 -4.72 32.59
CA THR A 74 -14.96 -5.50 33.52
C THR A 74 -15.78 -6.50 32.70
N THR A 75 -16.72 -7.21 33.30
CA THR A 75 -17.51 -8.15 32.49
C THR A 75 -18.59 -7.43 31.69
N THR A 76 -18.87 -6.19 32.07
CA THR A 76 -20.01 -5.44 31.50
C THR A 76 -19.60 -4.13 30.84
N ARG A 77 -18.30 -3.93 30.70
CA ARG A 77 -17.77 -2.74 30.05
C ARG A 77 -16.40 -3.06 29.49
N ASN A 78 -16.12 -2.61 28.28
CA ASN A 78 -14.82 -2.87 27.68
C ASN A 78 -13.77 -1.95 28.22
N THR A 79 -12.51 -2.36 28.03
CA THR A 79 -11.33 -1.52 28.21
C THR A 79 -11.54 -0.11 27.61
N VAL A 80 -10.92 0.90 28.21
CA VAL A 80 -11.02 2.25 27.65
C VAL A 80 -9.67 2.86 27.35
N CYS A 81 -9.32 2.96 26.08
CA CYS A 81 -8.00 3.44 25.70
C CYS A 81 -8.03 4.82 25.09
N GLN A 82 -7.26 5.72 25.66
CA GLN A 82 -7.17 7.09 25.21
C GLN A 82 -5.77 7.35 24.67
N CYS A 83 -5.67 8.25 23.70
CA CYS A 83 -4.38 8.64 23.12
C CYS A 83 -3.41 9.23 24.15
N GLU A 84 -2.17 8.73 24.14
CA GLU A 84 -1.08 9.27 24.96
C GLU A 84 -1.05 10.79 24.82
N GLU A 85 -0.76 11.48 25.92
CA GLU A 85 -0.76 12.94 25.91
C GLU A 85 0.19 13.51 24.85
N GLY A 86 -0.28 14.49 24.08
CA GLY A 86 0.53 15.06 23.00
C GLY A 86 0.04 14.61 21.63
N THR A 87 -0.80 13.57 21.61
CA THR A 87 -1.41 13.07 20.38
C THR A 87 -2.94 13.07 20.48
N PHE A 88 -3.64 12.73 19.40
CA PHE A 88 -5.10 12.74 19.42
C PHE A 88 -5.74 11.82 18.40
N ARG A 89 -7.04 11.64 18.52
CA ARG A 89 -7.88 10.78 17.68
C ARG A 89 -8.85 11.66 16.86
N GLU A 90 -9.19 11.26 15.63
CA GLU A 90 -10.17 11.97 14.81
C GLU A 90 -11.36 11.03 14.51
N GLU A 91 -12.47 11.57 13.99
CA GLU A 91 -13.62 10.78 13.52
C GLU A 91 -13.28 9.85 12.36
N ASP A 92 -12.40 10.33 11.48
CA ASP A 92 -12.00 9.69 10.22
C ASP A 92 -10.67 8.96 10.35
N SER A 93 -10.21 8.79 11.57
CA SER A 93 -8.89 8.26 11.75
C SER A 93 -8.77 7.58 13.09
N PRO A 94 -9.84 6.92 13.54
CA PRO A 94 -9.73 6.21 14.82
C PRO A 94 -8.52 5.25 14.88
N GLU A 95 -7.99 4.88 13.71
CA GLU A 95 -6.88 3.92 13.63
C GLU A 95 -5.61 4.31 14.35
N MET A 96 -5.13 5.52 14.11
CA MET A 96 -3.85 5.92 14.68
C MET A 96 -3.90 7.25 15.42
N CYS A 97 -3.30 7.30 16.62
CA CYS A 97 -3.16 8.55 17.33
C CYS A 97 -2.22 9.41 16.52
N ARG A 98 -2.50 10.72 16.48
CA ARG A 98 -1.72 11.66 15.67
C ARG A 98 -1.16 12.81 16.52
N LYS A 99 0.03 13.28 16.15
CA LYS A 99 0.69 14.41 16.82
C LYS A 99 -0.10 15.71 16.66
N CYS A 100 -0.30 16.39 17.77
CA CYS A 100 -0.72 17.78 17.77
C CYS A 100 0.47 18.58 17.32
N ARG A 101 0.26 19.61 16.48
CA ARG A 101 1.37 20.53 16.17
C ARG A 101 1.39 21.60 17.26
N THR A 102 2.58 22.12 17.56
CA THR A 102 2.73 23.05 18.69
C THR A 102 2.52 24.53 18.31
N GLY A 103 3.27 25.01 17.32
CA GLY A 103 3.05 26.37 16.83
C GLY A 103 1.80 26.46 15.98
N CYS A 104 1.29 27.67 15.80
CA CYS A 104 0.28 27.94 14.78
C CYS A 104 0.99 28.46 13.52
N PRO A 105 0.34 28.32 12.34
CA PRO A 105 0.93 28.85 11.10
C PRO A 105 1.09 30.36 11.12
N ARG A 106 1.97 30.88 10.27
CA ARG A 106 2.18 32.32 10.13
C ARG A 106 0.89 33.01 9.66
N GLY A 107 0.33 33.85 10.53
CA GLY A 107 -0.90 34.59 10.23
C GLY A 107 -2.14 34.10 10.95
N MET A 108 -1.95 33.26 11.96
CA MET A 108 -3.05 32.65 12.71
C MET A 108 -2.82 32.68 14.22
N VAL A 109 -3.91 32.77 14.97
CA VAL A 109 -3.87 32.79 16.44
C VAL A 109 -4.43 31.50 17.03
N LYS A 110 -3.70 30.94 18.01
CA LYS A 110 -4.04 29.65 18.61
C LYS A 110 -5.32 29.71 19.45
N VAL A 111 -6.45 29.44 18.79
CA VAL A 111 -7.77 29.52 19.46
C VAL A 111 -8.16 28.23 20.19
N GLY A 112 -7.85 27.08 19.61
CA GLY A 112 -8.23 25.78 20.17
C GLY A 112 -7.09 24.95 20.77
N ASP A 113 -7.45 24.10 21.75
CA ASP A 113 -6.47 23.30 22.46
C ASP A 113 -6.33 21.88 21.94
N CYS A 114 -5.11 21.32 22.03
CA CYS A 114 -4.88 19.90 21.76
C CYS A 114 -5.39 19.02 22.91
N THR A 115 -6.41 18.23 22.63
CA THR A 115 -6.88 17.21 23.57
C THR A 115 -6.52 15.83 23.06
N PRO A 116 -6.95 14.77 23.79
CA PRO A 116 -6.99 13.43 23.25
C PRO A 116 -7.94 13.28 22.07
N TRP A 117 -8.90 14.18 21.92
CA TRP A 117 -9.85 14.10 20.82
C TRP A 117 -9.77 15.17 19.79
N SER A 118 -8.83 16.10 19.93
CA SER A 118 -8.70 17.19 18.98
C SER A 118 -7.31 17.80 18.91
N ASP A 119 -6.88 18.14 17.71
CA ASP A 119 -5.67 18.93 17.49
C ASP A 119 -5.92 20.37 17.95
N ILE A 120 -4.85 21.13 18.14
CA ILE A 120 -4.95 22.58 18.34
C ILE A 120 -5.67 23.20 17.15
N GLU A 121 -6.57 24.14 17.43
CA GLU A 121 -7.26 24.88 16.38
C GLU A 121 -6.68 26.29 16.28
N CYS A 122 -6.30 26.68 15.06
CA CYS A 122 -5.92 28.06 14.78
C CYS A 122 -6.98 28.68 13.85
N VAL A 123 -7.01 30.00 13.79
CA VAL A 123 -7.89 30.75 12.86
C VAL A 123 -7.21 32.06 12.39
N HIS A 124 -7.50 32.47 11.15
CA HIS A 124 -6.98 33.72 10.58
C HIS A 124 -7.34 34.90 11.43
N LYS A 125 -6.42 35.85 11.59
CA LYS A 125 -6.74 37.09 12.30
C LYS A 125 -7.06 38.21 11.29
N SER B 18 16.84 -44.79 -11.20
CA SER B 18 15.73 -45.58 -11.83
C SER B 18 14.72 -46.21 -10.84
N SER B 19 15.21 -46.93 -9.84
CA SER B 19 14.38 -47.69 -8.89
C SER B 19 14.09 -46.93 -7.57
N PRO B 20 12.81 -46.90 -7.13
CA PRO B 20 12.42 -46.04 -6.00
C PRO B 20 12.67 -46.60 -4.57
N SER B 21 13.88 -46.39 -4.06
CA SER B 21 14.30 -46.94 -2.76
C SER B 21 13.48 -46.45 -1.55
N GLU B 22 12.59 -47.33 -1.08
CA GLU B 22 11.82 -47.15 0.17
C GLU B 22 10.54 -46.32 0.04
N GLY B 23 10.22 -45.94 -1.19
CA GLY B 23 9.07 -45.08 -1.49
C GLY B 23 9.50 -43.74 -2.06
N LEU B 24 10.81 -43.60 -2.31
CA LEU B 24 11.39 -42.31 -2.69
C LEU B 24 12.35 -42.37 -3.88
N CYS B 25 12.37 -41.29 -4.65
CA CYS B 25 13.40 -41.08 -5.65
C CYS B 25 14.50 -40.20 -5.08
N PRO B 26 15.74 -40.33 -5.60
CA PRO B 26 16.89 -39.54 -5.12
C PRO B 26 17.03 -38.14 -5.73
N PRO B 27 17.81 -37.26 -5.05
CA PRO B 27 18.11 -35.93 -5.55
C PRO B 27 18.21 -35.90 -7.05
N GLY B 28 17.41 -35.07 -7.72
CA GLY B 28 17.57 -34.87 -9.14
C GLY B 28 16.75 -35.80 -10.00
N HIS B 29 16.61 -37.05 -9.57
CA HIS B 29 15.52 -37.88 -10.11
C HIS B 29 14.24 -37.37 -9.31
N HIS B 30 13.02 -37.83 -9.66
CA HIS B 30 11.70 -37.41 -9.03
C HIS B 30 10.59 -38.39 -9.36
N ILE B 31 9.57 -38.53 -8.51
CA ILE B 31 8.65 -39.70 -8.65
C ILE B 31 7.63 -39.63 -9.79
N SER B 32 7.28 -40.78 -10.34
CA SER B 32 6.27 -40.80 -11.40
C SER B 32 4.85 -40.80 -10.83
N GLU B 33 3.88 -40.63 -11.71
CA GLU B 33 2.47 -40.67 -11.35
C GLU B 33 2.16 -41.99 -10.67
N ASP B 34 2.34 -43.08 -11.41
CA ASP B 34 2.13 -44.44 -10.90
C ASP B 34 2.99 -44.74 -9.68
N GLY B 35 3.86 -43.80 -9.33
CA GLY B 35 4.73 -43.91 -8.15
C GLY B 35 5.65 -45.11 -8.16
N ARG B 36 5.97 -45.58 -9.36
CA ARG B 36 6.71 -46.81 -9.53
C ARG B 36 8.12 -46.53 -10.10
N ASP B 37 8.23 -45.61 -11.05
CA ASP B 37 9.52 -45.26 -11.65
C ASP B 37 10.07 -43.94 -11.12
N CYS B 38 11.35 -43.67 -11.38
CA CYS B 38 12.01 -42.43 -10.98
C CYS B 38 12.52 -41.65 -12.17
N ILE B 39 11.96 -40.46 -12.39
CA ILE B 39 12.29 -39.66 -13.58
C ILE B 39 13.27 -38.52 -13.25
N SER B 40 14.12 -38.14 -14.21
CA SER B 40 15.19 -37.18 -13.94
C SER B 40 14.91 -35.74 -14.35
N CYS B 41 15.17 -34.80 -13.44
CA CYS B 41 14.95 -33.36 -13.66
C CYS B 41 15.66 -32.80 -14.90
N LYS B 42 14.94 -31.99 -15.67
CA LYS B 42 15.49 -31.17 -16.76
C LYS B 42 16.64 -30.32 -16.22
N TYR B 43 17.71 -30.17 -17.00
CA TYR B 43 18.92 -29.56 -16.43
C TYR B 43 18.90 -28.04 -16.29
N GLY B 44 18.94 -27.58 -15.05
CA GLY B 44 18.98 -26.15 -14.80
C GLY B 44 17.68 -25.47 -15.17
N GLN B 45 16.62 -26.25 -15.22
CA GLN B 45 15.29 -25.68 -15.28
C GLN B 45 14.56 -26.06 -14.01
N ASP B 46 14.72 -27.30 -13.58
CA ASP B 46 14.26 -27.70 -12.25
C ASP B 46 15.30 -28.53 -11.47
N TYR B 47 14.89 -29.01 -10.29
CA TYR B 47 15.80 -29.70 -9.38
C TYR B 47 15.08 -30.38 -8.19
N SER B 48 15.82 -31.21 -7.48
CA SER B 48 15.35 -31.78 -6.22
C SER B 48 16.58 -32.11 -5.40
N THR B 49 16.59 -31.76 -4.11
CA THR B 49 17.82 -31.88 -3.32
C THR B 49 17.84 -32.95 -2.21
N HIS B 50 16.69 -33.22 -1.61
CA HIS B 50 16.60 -34.33 -0.68
C HIS B 50 15.85 -35.42 -1.40
N TRP B 51 15.94 -36.65 -0.92
CA TRP B 51 15.18 -37.76 -1.47
C TRP B 51 13.75 -37.35 -1.42
N ASN B 52 13.04 -37.52 -2.52
CA ASN B 52 11.70 -36.96 -2.61
C ASN B 52 10.67 -37.92 -3.12
N ASP B 53 9.40 -37.60 -2.91
CA ASP B 53 8.31 -38.27 -3.61
C ASP B 53 7.48 -37.23 -4.37
N LEU B 54 8.18 -36.23 -4.90
CA LEU B 54 7.56 -35.13 -5.62
C LEU B 54 7.15 -35.51 -7.03
N LEU B 55 5.91 -35.19 -7.40
CA LEU B 55 5.45 -35.48 -8.75
C LEU B 55 6.07 -34.55 -9.78
N PHE B 56 6.69 -33.46 -9.32
CA PHE B 56 7.33 -32.44 -10.16
C PHE B 56 8.60 -31.96 -9.46
N CYS B 57 9.67 -31.74 -10.21
CA CYS B 57 10.88 -31.16 -9.60
C CYS B 57 10.62 -29.72 -9.29
N LEU B 58 11.28 -29.18 -8.27
CA LEU B 58 11.11 -27.77 -7.92
C LEU B 58 11.80 -26.85 -8.93
N ARG B 59 11.13 -25.78 -9.35
CA ARG B 59 11.68 -24.88 -10.39
C ARG B 59 12.87 -24.02 -9.90
N CYS B 60 13.90 -23.85 -10.75
CA CYS B 60 15.12 -23.05 -10.40
C CYS B 60 14.88 -21.57 -10.13
N THR B 61 15.56 -21.03 -9.11
CA THR B 61 15.55 -19.60 -8.82
C THR B 61 16.40 -18.80 -9.84
N ARG B 62 15.92 -17.66 -10.29
CA ARG B 62 16.66 -16.83 -11.24
C ARG B 62 16.91 -15.52 -10.55
N CYS B 63 18.15 -15.07 -10.53
CA CYS B 63 18.52 -14.00 -9.61
C CYS B 63 17.78 -12.72 -9.93
N ASP B 64 16.80 -12.42 -9.07
CA ASP B 64 15.95 -11.22 -9.12
C ASP B 64 16.92 -9.97 -9.22
N SER B 65 16.40 -8.79 -9.60
CA SER B 65 17.22 -7.66 -10.13
C SER B 65 18.53 -7.25 -9.44
N GLY B 66 18.53 -6.97 -8.14
CA GLY B 66 19.72 -6.42 -7.45
C GLY B 66 20.87 -7.34 -6.99
N GLU B 67 20.74 -8.64 -7.20
CA GLU B 67 21.69 -9.64 -6.71
C GLU B 67 22.64 -10.14 -7.81
N VAL B 68 23.50 -11.10 -7.46
CA VAL B 68 24.37 -11.81 -8.42
C VAL B 68 24.39 -13.32 -8.18
N GLU B 69 24.49 -14.06 -9.28
CA GLU B 69 24.50 -15.51 -9.20
C GLU B 69 25.89 -15.99 -8.83
N LEU B 70 25.95 -16.58 -7.66
CA LEU B 70 27.16 -17.12 -7.10
C LEU B 70 27.48 -18.49 -7.73
N SER B 71 26.43 -19.31 -7.95
CA SER B 71 26.55 -20.65 -8.56
C SER B 71 25.24 -21.17 -9.16
N PRO B 72 25.29 -21.68 -10.40
CA PRO B 72 24.13 -21.99 -11.25
C PRO B 72 23.30 -23.17 -10.77
N CYS B 73 22.18 -23.43 -11.44
CA CYS B 73 21.25 -24.46 -11.03
C CYS B 73 21.66 -25.80 -11.61
N THR B 74 21.97 -26.74 -10.73
CA THR B 74 22.09 -28.15 -11.13
C THR B 74 20.76 -28.84 -10.93
N THR B 75 20.70 -30.16 -11.14
CA THR B 75 19.44 -30.87 -10.96
C THR B 75 19.28 -31.31 -9.51
N THR B 76 20.30 -31.05 -8.70
CA THR B 76 20.31 -31.49 -7.31
C THR B 76 20.62 -30.35 -6.34
N ARG B 77 20.81 -29.15 -6.87
CA ARG B 77 20.97 -27.97 -6.04
C ARG B 77 20.48 -26.73 -6.79
N ASN B 78 19.61 -25.98 -6.10
CA ASN B 78 19.06 -24.71 -6.60
C ASN B 78 20.21 -23.76 -6.89
N THR B 79 19.97 -22.80 -7.77
CA THR B 79 20.93 -21.72 -7.96
C THR B 79 21.03 -20.86 -6.70
N VAL B 80 22.20 -20.28 -6.49
CA VAL B 80 22.48 -19.44 -5.34
C VAL B 80 22.72 -17.99 -5.78
N CYS B 81 21.90 -17.08 -5.26
CA CYS B 81 22.08 -15.64 -5.48
C CYS B 81 22.59 -14.96 -4.23
N GLN B 82 23.24 -13.80 -4.40
CA GLN B 82 23.74 -13.00 -3.28
C GLN B 82 23.78 -11.54 -3.66
N CYS B 83 23.76 -10.65 -2.67
CA CYS B 83 23.71 -9.21 -2.96
C CYS B 83 24.98 -8.72 -3.62
N GLU B 84 24.83 -7.89 -4.65
CA GLU B 84 25.97 -7.32 -5.38
C GLU B 84 26.84 -6.50 -4.42
N GLU B 85 28.09 -6.24 -4.81
CA GLU B 85 29.01 -5.49 -3.93
C GLU B 85 28.35 -4.19 -3.46
N GLY B 86 28.62 -3.81 -2.22
CA GLY B 86 28.15 -2.53 -1.71
C GLY B 86 26.68 -2.51 -1.34
N THR B 87 26.01 -3.64 -1.53
CA THR B 87 24.64 -3.80 -1.08
C THR B 87 24.57 -5.00 -0.16
N PHE B 88 23.54 -5.07 0.66
CA PHE B 88 23.44 -6.12 1.68
C PHE B 88 21.99 -6.54 1.93
N ARG B 89 21.81 -7.52 2.83
CA ARG B 89 20.51 -8.12 3.09
C ARG B 89 20.50 -8.70 4.49
N GLU B 90 19.52 -8.33 5.30
CA GLU B 90 19.36 -9.03 6.58
C GLU B 90 18.07 -9.83 6.68
N GLU B 91 17.91 -10.51 7.82
CA GLU B 91 16.74 -11.33 8.14
C GLU B 91 15.41 -10.68 7.72
N ASP B 92 15.26 -9.39 8.05
CA ASP B 92 14.02 -8.64 7.92
C ASP B 92 13.90 -7.80 6.65
N SER B 93 14.57 -8.21 5.58
CA SER B 93 14.43 -7.49 4.31
C SER B 93 14.83 -8.37 3.14
N PRO B 94 14.23 -9.57 3.04
CA PRO B 94 14.69 -10.50 2.02
C PRO B 94 14.41 -9.99 0.62
N GLU B 95 13.35 -9.22 0.48
CA GLU B 95 12.82 -8.89 -0.81
C GLU B 95 13.70 -8.01 -1.70
N MET B 96 14.58 -7.20 -1.11
CA MET B 96 15.40 -6.28 -1.90
C MET B 96 16.74 -5.92 -1.23
N CYS B 97 17.82 -5.99 -2.00
CA CYS B 97 19.15 -5.69 -1.46
C CYS B 97 19.25 -4.23 -1.15
N ARG B 98 19.79 -3.88 0.03
CA ARG B 98 19.86 -2.48 0.48
C ARG B 98 21.26 -1.87 0.42
N LYS B 99 21.32 -0.60 0.04
CA LYS B 99 22.58 0.16 -0.07
C LYS B 99 23.30 0.43 1.26
N CYS B 100 24.59 0.12 1.29
CA CYS B 100 25.45 0.41 2.45
C CYS B 100 25.89 1.87 2.46
N ARG B 101 26.10 2.43 3.66
CA ARG B 101 26.51 3.84 3.76
C ARG B 101 28.01 4.01 3.60
N THR B 102 28.40 5.07 2.90
CA THR B 102 29.81 5.43 2.75
C THR B 102 30.42 5.84 4.10
N GLY B 103 30.10 7.04 4.57
CA GLY B 103 30.63 7.53 5.84
C GLY B 103 29.71 7.30 7.02
N CYS B 104 30.06 7.89 8.16
CA CYS B 104 29.21 7.95 9.34
C CYS B 104 28.85 9.41 9.63
N PRO B 105 27.83 9.67 10.47
CA PRO B 105 27.53 11.07 10.82
C PRO B 105 28.61 11.68 11.72
N ARG B 106 28.79 13.00 11.59
CA ARG B 106 29.84 13.76 12.28
C ARG B 106 30.03 13.37 13.75
N GLY B 107 31.27 13.05 14.12
CA GLY B 107 31.62 12.63 15.47
C GLY B 107 31.94 11.15 15.58
N MET B 108 31.16 10.32 14.88
CA MET B 108 31.27 8.85 14.94
C MET B 108 32.27 8.30 13.92
N VAL B 109 32.79 7.09 14.17
CA VAL B 109 33.84 6.51 13.31
C VAL B 109 33.62 5.03 12.96
N LYS B 110 34.11 4.64 11.78
CA LYS B 110 33.88 3.35 11.13
C LYS B 110 34.35 2.08 11.87
N VAL B 111 33.39 1.34 12.45
CA VAL B 111 33.68 0.13 13.24
C VAL B 111 33.75 -1.12 12.36
N GLY B 112 32.59 -1.54 11.84
CA GLY B 112 32.51 -2.68 10.93
C GLY B 112 32.51 -2.24 9.49
N ASP B 113 32.53 -3.20 8.57
CA ASP B 113 32.53 -2.91 7.14
C ASP B 113 31.35 -3.62 6.45
N CYS B 114 30.83 -2.99 5.39
CA CYS B 114 29.69 -3.54 4.64
C CYS B 114 30.06 -4.78 3.83
N THR B 115 29.49 -5.92 4.24
CA THR B 115 29.60 -7.15 3.50
C THR B 115 28.18 -7.69 3.24
N PRO B 116 27.98 -8.42 2.12
CA PRO B 116 26.77 -9.13 1.71
C PRO B 116 25.81 -9.69 2.79
N TRP B 117 26.06 -9.42 4.07
CA TRP B 117 25.12 -9.87 5.09
C TRP B 117 24.79 -8.82 6.10
N SER B 118 25.47 -7.67 6.04
CA SER B 118 25.08 -6.48 6.81
C SER B 118 25.72 -5.16 6.33
N ASP B 119 25.50 -4.11 7.13
CA ASP B 119 25.94 -2.76 6.81
C ASP B 119 27.29 -2.42 7.49
N ILE B 120 27.74 -1.18 7.30
CA ILE B 120 28.85 -0.58 8.07
C ILE B 120 28.45 -0.43 9.55
N GLU B 121 29.42 -0.14 10.41
CA GLU B 121 29.16 0.11 11.84
C GLU B 121 29.82 1.40 12.32
N CYS B 122 29.12 2.15 13.17
CA CYS B 122 29.66 3.41 13.70
C CYS B 122 29.58 3.45 15.24
N VAL B 123 30.48 4.23 15.86
CA VAL B 123 30.50 4.42 17.33
C VAL B 123 30.27 5.88 17.75
N SER C 18 -36.30 -2.82 -32.28
CA SER C 18 -37.15 -3.59 -33.24
C SER C 18 -37.30 -5.07 -32.90
N SER C 19 -37.10 -5.93 -33.91
CA SER C 19 -37.01 -7.38 -33.74
C SER C 19 -35.55 -7.77 -33.96
N PRO C 20 -35.11 -8.93 -33.41
CA PRO C 20 -33.72 -9.35 -33.59
C PRO C 20 -33.29 -9.48 -35.05
N SER C 21 -31.98 -9.52 -35.27
CA SER C 21 -31.42 -9.71 -36.59
C SER C 21 -30.18 -10.59 -36.48
N GLU C 22 -30.39 -11.91 -36.55
CA GLU C 22 -29.34 -12.94 -36.44
C GLU C 22 -29.13 -13.43 -35.01
N GLY C 23 -30.05 -13.10 -34.12
CA GLY C 23 -29.85 -13.30 -32.68
C GLY C 23 -29.10 -12.11 -32.06
N LEU C 24 -29.08 -10.99 -32.78
CA LEU C 24 -28.41 -9.77 -32.34
C LEU C 24 -29.37 -8.59 -32.34
N CYS C 25 -29.21 -7.72 -31.35
CA CYS C 25 -29.84 -6.41 -31.34
C CYS C 25 -28.77 -5.39 -31.71
N PRO C 26 -29.17 -4.29 -32.36
CA PRO C 26 -28.20 -3.33 -32.90
C PRO C 26 -27.64 -2.43 -31.81
N PRO C 27 -26.76 -1.47 -32.16
CA PRO C 27 -26.40 -0.43 -31.17
C PRO C 27 -27.65 0.18 -30.48
N GLY C 28 -27.42 0.80 -29.32
CA GLY C 28 -28.46 1.51 -28.59
C GLY C 28 -29.55 0.63 -28.00
N HIS C 29 -29.84 -0.47 -28.69
CA HIS C 29 -30.80 -1.44 -28.22
C HIS C 29 -29.97 -2.52 -27.46
N HIS C 30 -30.62 -3.58 -26.96
CA HIS C 30 -29.99 -4.69 -26.18
C HIS C 30 -31.00 -5.80 -25.96
N ILE C 31 -30.60 -7.07 -25.85
CA ILE C 31 -31.63 -8.13 -25.92
C ILE C 31 -32.43 -8.44 -24.64
N SER C 32 -33.53 -9.18 -24.77
CA SER C 32 -34.36 -9.53 -23.62
C SER C 32 -34.06 -10.93 -23.08
N GLU C 33 -34.56 -11.21 -21.88
CA GLU C 33 -34.40 -12.52 -21.24
C GLU C 33 -34.94 -13.65 -22.14
N ASP C 34 -36.20 -13.53 -22.56
CA ASP C 34 -36.82 -14.56 -23.41
C ASP C 34 -36.07 -14.71 -24.73
N GLY C 35 -35.12 -13.81 -24.96
CA GLY C 35 -34.23 -13.86 -26.11
C GLY C 35 -34.87 -13.40 -27.40
N ARG C 36 -36.11 -12.91 -27.31
CA ARG C 36 -36.88 -12.66 -28.50
C ARG C 36 -36.95 -11.21 -28.92
N ASP C 37 -36.89 -10.28 -27.95
CA ASP C 37 -37.05 -8.84 -28.25
C ASP C 37 -35.82 -7.96 -27.96
N CYS C 38 -35.69 -6.89 -28.76
CA CYS C 38 -34.70 -5.83 -28.53
C CYS C 38 -35.27 -4.73 -27.64
N ILE C 39 -34.52 -4.36 -26.60
CA ILE C 39 -34.91 -3.30 -25.69
C ILE C 39 -33.86 -2.19 -25.79
N SER C 40 -34.21 -0.96 -25.40
CA SER C 40 -33.33 0.17 -25.69
C SER C 40 -32.74 0.87 -24.50
N CYS C 41 -31.40 0.92 -24.47
CA CYS C 41 -30.62 1.59 -23.44
C CYS C 41 -31.19 2.95 -23.06
N LYS C 42 -31.28 3.22 -21.76
CA LYS C 42 -31.65 4.54 -21.21
C LYS C 42 -30.64 5.61 -21.66
N TYR C 43 -31.09 6.85 -21.84
CA TYR C 43 -30.21 7.88 -22.44
C TYR C 43 -29.36 8.61 -21.41
N GLY C 44 -28.06 8.68 -21.70
CA GLY C 44 -27.07 9.22 -20.76
C GLY C 44 -27.01 8.46 -19.45
N GLN C 45 -27.12 7.14 -19.53
CA GLN C 45 -27.11 6.28 -18.36
C GLN C 45 -26.41 4.97 -18.71
N ASP C 46 -26.79 4.38 -19.84
CA ASP C 46 -26.06 3.24 -20.36
C ASP C 46 -25.96 3.25 -21.88
N TYR C 47 -25.28 2.26 -22.42
CA TYR C 47 -25.02 2.21 -23.85
C TYR C 47 -24.79 0.81 -24.40
N SER C 48 -24.50 0.78 -25.70
CA SER C 48 -24.10 -0.43 -26.44
C SER C 48 -23.69 0.07 -27.81
N THR C 49 -22.56 -0.37 -28.32
CA THR C 49 -22.06 0.28 -29.54
C THR C 49 -21.91 -0.65 -30.72
N HIS C 50 -21.48 -1.87 -30.45
CA HIS C 50 -21.41 -2.90 -31.47
C HIS C 50 -22.64 -3.77 -31.29
N TRP C 51 -23.08 -4.43 -32.36
CA TRP C 51 -24.22 -5.39 -32.29
C TRP C 51 -24.04 -6.40 -31.19
N ASN C 52 -25.08 -6.61 -30.39
CA ASN C 52 -24.92 -7.44 -29.17
C ASN C 52 -26.04 -8.42 -28.80
N ASP C 53 -25.77 -9.25 -27.80
CA ASP C 53 -26.75 -10.19 -27.24
C ASP C 53 -26.82 -9.99 -25.73
N LEU C 54 -26.57 -8.75 -25.30
CA LEU C 54 -26.44 -8.43 -23.88
C LEU C 54 -27.77 -8.27 -23.16
N LEU C 55 -27.92 -8.95 -22.02
CA LEU C 55 -29.13 -8.84 -21.21
C LEU C 55 -29.17 -7.50 -20.49
N PHE C 56 -28.05 -6.78 -20.52
CA PHE C 56 -27.92 -5.47 -19.87
C PHE C 56 -27.09 -4.52 -20.73
N CYS C 57 -27.46 -3.25 -20.79
CA CYS C 57 -26.63 -2.28 -21.50
C CYS C 57 -25.43 -1.97 -20.61
N LEU C 58 -24.29 -1.64 -21.23
CA LEU C 58 -23.09 -1.26 -20.50
C LEU C 58 -23.27 0.13 -19.90
N ARG C 59 -22.99 0.31 -18.60
CA ARG C 59 -23.16 1.61 -17.94
C ARG C 59 -22.24 2.72 -18.49
N CYS C 60 -22.68 3.98 -18.33
CA CYS C 60 -21.98 5.14 -18.86
C CYS C 60 -20.85 5.58 -17.91
N THR C 61 -19.77 6.10 -18.49
CA THR C 61 -18.73 6.73 -17.68
C THR C 61 -19.15 8.14 -17.25
N ARG C 62 -18.81 8.56 -16.02
CA ARG C 62 -18.79 10.00 -15.74
C ARG C 62 -17.46 10.53 -15.30
N CYS C 63 -16.89 11.42 -16.11
CA CYS C 63 -15.55 11.92 -15.93
C CYS C 63 -15.14 12.04 -14.46
N ASP C 64 -14.18 11.20 -14.07
CA ASP C 64 -13.53 11.29 -12.77
C ASP C 64 -12.93 12.74 -12.69
N SER C 65 -12.50 13.18 -11.51
CA SER C 65 -12.06 14.59 -11.33
C SER C 65 -10.84 14.94 -12.15
N GLY C 66 -10.54 16.23 -12.29
CA GLY C 66 -9.34 16.67 -13.00
C GLY C 66 -9.33 16.24 -14.47
N GLU C 67 -10.53 15.90 -14.97
CA GLU C 67 -10.74 15.64 -16.39
C GLU C 67 -11.79 16.65 -16.89
N VAL C 68 -11.96 16.71 -18.21
CA VAL C 68 -13.07 17.42 -18.81
C VAL C 68 -13.96 16.44 -19.60
N GLU C 69 -15.28 16.59 -19.52
CA GLU C 69 -16.16 15.88 -20.44
C GLU C 69 -16.06 16.54 -21.79
N LEU C 70 -15.77 15.74 -22.80
CA LEU C 70 -15.49 16.25 -24.13
C LEU C 70 -16.65 15.93 -25.09
N SER C 71 -17.52 15.02 -24.66
CA SER C 71 -18.74 14.65 -25.38
C SER C 71 -19.64 13.83 -24.46
N PRO C 72 -20.95 14.06 -24.51
CA PRO C 72 -21.86 13.36 -23.57
C PRO C 72 -22.12 11.90 -23.93
N CYS C 73 -22.42 11.09 -22.91
CA CYS C 73 -22.73 9.67 -23.09
C CYS C 73 -24.08 9.50 -23.76
N THR C 74 -24.06 9.08 -25.01
CA THR C 74 -25.32 8.79 -25.67
C THR C 74 -25.74 7.35 -25.42
N THR C 75 -26.13 6.70 -26.51
CA THR C 75 -26.86 5.48 -26.43
C THR C 75 -26.14 4.48 -27.28
N THR C 76 -25.22 5.00 -28.09
CA THR C 76 -24.41 4.18 -28.98
C THR C 76 -22.95 4.56 -28.87
N ARG C 77 -22.66 5.53 -28.00
CA ARG C 77 -21.30 5.95 -27.70
C ARG C 77 -21.20 6.32 -26.22
N ASN C 78 -20.12 5.87 -25.59
CA ASN C 78 -19.83 6.23 -24.21
C ASN C 78 -19.32 7.65 -24.18
N THR C 79 -19.43 8.26 -23.01
CA THR C 79 -18.94 9.61 -22.79
C THR C 79 -17.45 9.62 -23.02
N VAL C 80 -16.93 10.76 -23.43
CA VAL C 80 -15.50 10.89 -23.66
C VAL C 80 -14.90 11.81 -22.63
N CYS C 81 -13.86 11.32 -21.96
CA CYS C 81 -13.10 12.14 -21.03
C CYS C 81 -11.69 12.41 -21.54
N GLN C 82 -11.20 13.61 -21.30
CA GLN C 82 -9.86 13.98 -21.68
C GLN C 82 -9.20 14.60 -20.45
N CYS C 83 -7.87 14.54 -20.36
CA CYS C 83 -7.21 15.18 -19.23
C CYS C 83 -7.44 16.69 -19.29
N GLU C 84 -7.52 17.30 -18.11
CA GLU C 84 -7.54 18.76 -17.94
C GLU C 84 -6.42 19.42 -18.74
N GLU C 85 -6.51 20.73 -18.92
CA GLU C 85 -5.53 21.50 -19.69
C GLU C 85 -4.31 21.76 -18.81
N GLY C 86 -3.16 21.27 -19.24
CA GLY C 86 -1.95 21.32 -18.43
C GLY C 86 -1.61 19.99 -17.76
N THR C 87 -2.47 19.00 -17.93
CA THR C 87 -2.19 17.65 -17.47
C THR C 87 -2.21 16.68 -18.65
N PHE C 88 -1.46 15.59 -18.56
CA PHE C 88 -1.44 14.58 -19.60
C PHE C 88 -1.79 13.18 -19.11
N ARG C 89 -2.06 12.28 -20.05
CA ARG C 89 -2.44 10.89 -19.78
C ARG C 89 -1.60 9.98 -20.64
N GLU C 90 -0.68 9.25 -20.01
CA GLU C 90 0.20 8.32 -20.70
C GLU C 90 -0.37 6.90 -20.67
N GLU C 91 0.06 6.07 -21.62
CA GLU C 91 -0.30 4.63 -21.67
C GLU C 91 -0.26 3.85 -20.33
N ASP C 92 0.80 4.04 -19.56
CA ASP C 92 1.01 3.28 -18.32
C ASP C 92 0.57 4.01 -17.04
N SER C 93 -0.08 5.15 -17.23
CA SER C 93 -0.61 5.90 -16.10
C SER C 93 -1.98 6.45 -16.46
N PRO C 94 -2.96 5.56 -16.57
CA PRO C 94 -4.28 5.88 -17.03
C PRO C 94 -5.23 5.85 -15.85
N GLU C 95 -4.95 6.66 -14.85
CA GLU C 95 -5.71 6.55 -13.62
C GLU C 95 -5.77 7.90 -12.92
N MET C 96 -4.67 8.64 -13.03
CA MET C 96 -4.62 10.05 -12.67
C MET C 96 -3.93 10.82 -13.76
N CYS C 97 -4.49 11.97 -14.12
CA CYS C 97 -3.89 12.82 -15.09
C CYS C 97 -2.70 13.41 -14.39
N ARG C 98 -1.57 13.44 -15.07
CA ARG C 98 -0.35 13.89 -14.44
C ARG C 98 0.04 15.26 -14.96
N LYS C 99 0.56 16.11 -14.07
CA LYS C 99 0.94 17.48 -14.40
C LYS C 99 2.10 17.54 -15.40
N CYS C 100 1.92 18.30 -16.47
CA CYS C 100 3.01 18.60 -17.41
C CYS C 100 4.13 19.33 -16.69
N ARG C 101 5.38 18.99 -17.00
CA ARG C 101 6.52 19.77 -16.50
C ARG C 101 6.51 21.15 -17.12
N THR C 102 7.08 22.12 -16.42
CA THR C 102 7.20 23.47 -16.96
C THR C 102 8.57 23.71 -17.58
N GLY C 103 9.62 23.61 -16.77
CA GLY C 103 10.99 23.75 -17.26
C GLY C 103 11.59 22.44 -17.73
N CYS C 104 12.69 22.54 -18.50
CA CYS C 104 13.56 21.41 -18.79
C CYS C 104 14.77 21.53 -17.86
N PRO C 105 15.64 20.50 -17.81
CA PRO C 105 16.91 20.68 -17.10
C PRO C 105 17.91 21.54 -17.88
N ARG C 106 18.99 21.97 -17.22
CA ARG C 106 20.10 22.64 -17.89
C ARG C 106 20.73 21.71 -18.93
N GLY C 107 21.34 22.29 -19.95
CA GLY C 107 21.95 21.52 -21.04
C GLY C 107 20.93 20.78 -21.90
N MET C 108 19.66 20.99 -21.58
CA MET C 108 18.56 20.34 -22.26
C MET C 108 17.57 21.36 -22.79
N VAL C 109 17.17 21.18 -24.05
CA VAL C 109 16.30 22.11 -24.76
C VAL C 109 14.96 21.45 -25.16
N LYS C 110 13.88 22.25 -25.17
CA LYS C 110 12.50 21.78 -25.31
C LYS C 110 11.96 21.81 -26.75
N VAL C 111 11.54 20.65 -27.25
CA VAL C 111 10.85 20.56 -28.56
C VAL C 111 9.64 19.62 -28.53
N GLY C 112 8.45 20.22 -28.59
CA GLY C 112 7.21 19.48 -28.50
C GLY C 112 6.49 19.89 -27.22
N ASP C 113 5.41 20.64 -27.40
CA ASP C 113 4.61 21.17 -26.29
C ASP C 113 3.95 20.07 -25.45
N CYS C 114 3.21 20.49 -24.41
CA CYS C 114 2.45 19.57 -23.58
C CYS C 114 1.04 19.34 -24.15
N THR C 115 0.74 18.07 -24.47
CA THR C 115 -0.59 17.69 -24.98
C THR C 115 -1.45 16.93 -23.93
N PRO C 116 -2.75 16.77 -24.21
CA PRO C 116 -3.59 15.85 -23.45
C PRO C 116 -3.01 14.44 -23.29
N TRP C 117 -2.14 13.99 -24.21
CA TRP C 117 -1.56 12.63 -24.09
C TRP C 117 -0.08 12.56 -23.87
N SER C 118 0.61 13.69 -23.92
CA SER C 118 2.03 13.62 -23.60
C SER C 118 2.56 14.78 -22.74
N ASP C 119 3.57 14.45 -21.94
CA ASP C 119 4.41 15.40 -21.24
C ASP C 119 5.03 16.38 -22.25
N ILE C 120 5.85 17.30 -21.78
CA ILE C 120 6.71 18.04 -22.71
C ILE C 120 7.87 17.14 -23.13
N GLU C 121 8.49 17.45 -24.27
CA GLU C 121 9.60 16.64 -24.76
C GLU C 121 10.91 17.42 -24.83
N CYS C 122 11.77 17.26 -23.83
CA CYS C 122 13.05 17.94 -23.84
C CYS C 122 14.15 17.05 -24.41
N VAL C 123 14.97 17.64 -25.29
CA VAL C 123 16.21 17.03 -25.80
C VAL C 123 17.43 17.81 -25.25
N HIS C 124 18.62 17.50 -25.77
CA HIS C 124 19.89 18.04 -25.21
C HIS C 124 20.32 19.36 -25.80
N PRO D 6 -21.98 -29.76 8.85
CA PRO D 6 -21.11 -30.32 9.89
C PRO D 6 -20.08 -31.33 9.34
N GLN D 7 -20.22 -31.69 8.07
CA GLN D 7 -19.17 -32.40 7.33
C GLN D 7 -18.66 -31.52 6.16
N ARG D 8 -18.34 -30.28 6.52
CA ARG D 8 -17.78 -29.25 5.64
C ARG D 8 -16.32 -29.01 6.04
N VAL D 9 -15.55 -28.45 5.12
CA VAL D 9 -14.12 -28.37 5.31
C VAL D 9 -13.55 -26.94 5.07
N ALA D 10 -13.44 -26.23 6.19
CA ALA D 10 -12.89 -24.89 6.20
C ALA D 10 -12.48 -24.54 7.61
N ALA D 11 -11.64 -23.52 7.68
CA ALA D 11 -11.20 -22.96 8.93
C ALA D 11 -10.84 -21.50 8.73
N HIS D 12 -10.97 -20.73 9.81
CA HIS D 12 -10.58 -19.35 9.81
C HIS D 12 -10.21 -19.13 11.22
N ILE D 13 -8.92 -18.92 11.45
CA ILE D 13 -8.40 -18.63 12.79
C ILE D 13 -7.82 -17.22 12.87
N THR D 14 -7.97 -16.63 14.06
CA THR D 14 -7.57 -15.24 14.29
C THR D 14 -6.38 -15.11 15.24
N GLY D 15 -5.84 -13.91 15.31
CA GLY D 15 -4.88 -13.60 16.36
C GLY D 15 -5.59 -13.53 17.70
N THR D 16 -4.86 -13.76 18.79
CA THR D 16 -5.34 -13.34 20.12
C THR D 16 -5.02 -11.85 20.32
N ARG D 17 -4.86 -11.41 21.57
CA ARG D 17 -4.64 -10.00 21.87
C ARG D 17 -5.93 -9.40 22.36
N GLY D 18 -6.95 -9.50 21.52
CA GLY D 18 -8.26 -8.95 21.82
C GLY D 18 -8.83 -8.21 20.63
N ARG D 19 -10.03 -7.67 20.79
CA ARG D 19 -10.72 -7.02 19.68
C ARG D 19 -10.33 -5.56 19.51
N SER D 20 -10.53 -5.06 18.30
CA SER D 20 -10.16 -3.69 17.96
C SER D 20 -10.83 -2.67 18.84
N ASN D 21 -10.15 -1.53 18.97
CA ASN D 21 -10.60 -0.39 19.74
C ASN D 21 -12.00 0.04 19.32
N THR D 22 -12.81 0.34 20.34
CA THR D 22 -14.25 0.19 20.26
C THR D 22 -15.03 1.48 20.00
N GLU D 31 11.99 -23.36 8.74
CA GLU D 31 13.27 -22.83 9.23
C GLU D 31 14.37 -22.68 8.15
N LYS D 32 14.24 -23.42 7.04
CA LYS D 32 14.80 -22.95 5.78
C LYS D 32 13.83 -21.83 5.33
N ALA D 33 12.64 -21.83 5.95
CA ALA D 33 11.54 -20.92 5.63
C ALA D 33 11.75 -19.46 6.03
N LEU D 34 11.69 -18.59 5.03
CA LEU D 34 11.83 -17.14 5.20
C LEU D 34 10.85 -16.57 6.20
N GLY D 35 11.19 -15.40 6.75
CA GLY D 35 10.37 -14.74 7.77
C GLY D 35 10.28 -15.62 8.99
N ARG D 36 9.37 -15.28 9.90
CA ARG D 36 9.23 -16.03 11.13
C ARG D 36 7.78 -16.47 11.26
N LYS D 37 7.58 -17.79 11.34
CA LYS D 37 6.24 -18.38 11.41
C LYS D 37 5.40 -17.91 12.59
N ILE D 38 4.21 -17.37 12.30
CA ILE D 38 3.22 -16.97 13.30
C ILE D 38 2.69 -18.21 13.96
N ASN D 39 2.76 -18.23 15.28
CA ASN D 39 2.49 -19.41 16.08
C ASN D 39 1.42 -19.13 17.09
N SER D 40 0.85 -17.92 17.02
CA SER D 40 0.00 -17.41 18.09
C SER D 40 -1.42 -17.13 17.65
N TRP D 41 -1.89 -17.89 16.65
CA TRP D 41 -3.30 -17.96 16.28
C TRP D 41 -3.97 -18.77 17.35
N GLU D 42 -5.30 -18.68 17.51
CA GLU D 42 -5.94 -19.55 18.51
C GLU D 42 -7.38 -19.98 18.31
N SER D 43 -7.74 -21.05 19.06
CA SER D 43 -8.97 -21.89 18.92
C SER D 43 -10.26 -21.52 19.72
N SER D 44 -11.32 -22.29 19.43
CA SER D 44 -12.72 -22.08 19.88
C SER D 44 -13.52 -21.14 18.95
N ARG D 45 -14.17 -20.14 19.55
CA ARG D 45 -14.82 -19.06 18.81
C ARG D 45 -14.95 -17.83 19.71
N SER D 46 -14.10 -17.78 20.75
CA SER D 46 -14.11 -16.71 21.76
C SER D 46 -13.96 -15.30 21.19
N GLY D 47 -13.48 -15.21 19.93
CA GLY D 47 -13.28 -13.94 19.21
C GLY D 47 -13.01 -14.11 17.73
N HIS D 48 -13.91 -14.82 17.04
CA HIS D 48 -14.03 -14.87 15.58
C HIS D 48 -13.49 -16.06 14.84
N SER D 49 -13.35 -17.20 15.50
CA SER D 49 -12.68 -18.36 14.86
C SER D 49 -13.55 -19.61 14.64
N PHE D 50 -13.06 -20.53 13.79
CA PHE D 50 -13.63 -21.89 13.70
C PHE D 50 -12.68 -22.87 12.98
N LEU D 51 -12.70 -24.14 13.38
CA LEU D 51 -12.02 -25.20 12.62
C LEU D 51 -13.02 -26.30 12.26
N SER D 52 -13.27 -26.50 10.95
CA SER D 52 -14.19 -27.55 10.52
C SER D 52 -13.48 -28.55 9.63
N ASN D 53 -13.18 -29.72 10.18
CA ASN D 53 -12.39 -30.78 9.51
C ASN D 53 -11.00 -30.36 9.05
N LEU D 54 -10.38 -29.53 9.87
CA LEU D 54 -8.95 -29.29 9.93
C LEU D 54 -8.65 -29.11 11.41
N HIS D 55 -7.37 -29.20 11.80
CA HIS D 55 -7.00 -28.68 13.11
C HIS D 55 -5.76 -27.80 13.12
N LEU D 56 -5.41 -27.35 14.32
CA LEU D 56 -4.25 -26.49 14.55
C LEU D 56 -3.08 -27.23 15.20
N ARG D 57 -1.85 -26.82 14.87
CA ARG D 57 -0.63 -27.45 15.40
C ARG D 57 0.54 -26.44 15.39
N ASN D 58 0.65 -25.65 16.47
CA ASN D 58 1.59 -24.54 16.54
C ASN D 58 1.39 -23.55 15.41
N GLY D 59 0.17 -23.02 15.30
CA GLY D 59 -0.16 -22.06 14.25
C GLY D 59 -0.01 -22.60 12.82
N GLU D 60 -0.02 -23.93 12.70
CA GLU D 60 -0.10 -24.61 11.40
C GLU D 60 -1.47 -25.25 11.24
N LEU D 61 -2.02 -25.20 10.04
CA LEU D 61 -3.27 -25.89 9.79
C LEU D 61 -2.96 -27.24 9.18
N VAL D 62 -3.52 -28.27 9.81
CA VAL D 62 -3.25 -29.62 9.39
C VAL D 62 -4.39 -30.17 8.55
N ILE D 63 -4.12 -30.42 7.27
CA ILE D 63 -5.10 -30.93 6.32
C ILE D 63 -5.57 -32.37 6.63
N HIS D 64 -6.88 -32.55 6.86
CA HIS D 64 -7.45 -33.90 6.99
C HIS D 64 -7.81 -34.38 5.63
N GLU D 65 -8.74 -33.68 4.99
CA GLU D 65 -9.28 -34.16 3.73
C GLU D 65 -8.54 -33.52 2.57
N LYS D 66 -7.94 -34.37 1.74
CA LYS D 66 -7.20 -33.97 0.55
C LYS D 66 -8.10 -33.22 -0.42
N GLY D 67 -7.53 -32.24 -1.12
CA GLY D 67 -8.26 -31.49 -2.13
C GLY D 67 -7.61 -30.19 -2.55
N PHE D 68 -8.39 -29.36 -3.23
CA PHE D 68 -7.96 -28.00 -3.61
C PHE D 68 -8.48 -26.98 -2.60
N TYR D 69 -7.57 -26.25 -2.00
CA TYR D 69 -7.98 -25.35 -0.96
C TYR D 69 -7.74 -23.92 -1.38
N TYR D 70 -8.68 -23.06 -1.09
CA TYR D 70 -8.39 -21.64 -1.21
C TYR D 70 -7.79 -21.25 0.11
N ILE D 71 -6.48 -20.99 0.11
CA ILE D 71 -5.76 -20.52 1.31
C ILE D 71 -5.60 -19.01 1.28
N TYR D 72 -5.77 -18.40 2.46
CA TYR D 72 -5.69 -16.95 2.57
C TYR D 72 -5.27 -16.52 3.98
N SER D 73 -4.53 -15.42 4.06
CA SER D 73 -4.26 -14.79 5.35
C SER D 73 -4.22 -13.28 5.26
N GLN D 74 -4.58 -12.61 6.37
CA GLN D 74 -4.37 -11.15 6.48
C GLN D 74 -3.58 -10.76 7.73
N THR D 75 -2.48 -10.04 7.49
CA THR D 75 -1.53 -9.65 8.53
C THR D 75 -1.43 -8.14 8.54
N TYR D 76 -1.61 -7.54 9.70
CA TYR D 76 -1.61 -6.09 9.83
C TYR D 76 -0.27 -5.55 10.31
N PHE D 77 0.42 -4.81 9.46
CA PHE D 77 1.62 -4.16 9.91
C PHE D 77 1.28 -2.76 10.44
N ARG D 78 1.55 -2.54 11.71
CA ARG D 78 1.15 -1.29 12.33
C ARG D 78 2.23 -0.83 13.27
N PHE D 79 2.86 0.27 12.89
CA PHE D 79 3.94 0.81 13.66
C PHE D 79 3.89 2.32 13.75
N GLN D 80 4.41 2.84 14.85
CA GLN D 80 4.54 4.26 15.08
C GLN D 80 5.98 4.69 14.86
N GLU D 81 6.43 4.54 13.61
CA GLU D 81 7.71 5.06 13.12
C GLU D 81 8.51 5.97 14.05
N GLU D 82 9.66 5.47 14.47
CA GLU D 82 10.58 6.24 15.28
C GLU D 82 11.83 6.56 14.46
N ILE D 83 12.12 7.85 14.34
CA ILE D 83 13.33 8.34 13.66
C ILE D 83 14.53 8.38 14.63
N LYS D 84 15.07 7.20 14.91
CA LYS D 84 16.08 6.97 15.96
C LYS D 84 17.47 7.52 15.65
N GLU D 85 18.49 6.78 16.10
CA GLU D 85 19.90 7.16 15.98
C GLU D 85 20.42 7.03 14.54
N ASN D 86 21.70 6.69 14.39
CA ASN D 86 22.35 6.51 13.08
C ASN D 86 21.83 5.26 12.37
N THR D 87 20.82 5.42 11.52
CA THR D 87 20.12 4.26 10.94
C THR D 87 19.44 4.47 9.58
N LYS D 88 19.22 3.36 8.88
CA LYS D 88 18.35 3.31 7.70
C LYS D 88 16.99 2.76 8.12
N ASN D 89 15.92 3.48 7.73
CA ASN D 89 14.54 3.17 8.13
C ASN D 89 13.76 2.17 7.26
N ASP D 90 14.00 2.19 5.95
CA ASP D 90 13.29 1.32 5.02
C ASP D 90 12.84 -0.01 5.60
N LYS D 91 11.52 -0.21 5.63
CA LYS D 91 10.90 -1.48 6.02
C LYS D 91 10.43 -2.27 4.82
N GLN D 92 10.63 -3.58 4.88
CA GLN D 92 10.09 -4.48 3.88
C GLN D 92 9.19 -5.46 4.61
N MET D 93 7.90 -5.12 4.71
CA MET D 93 6.90 -6.01 5.31
C MET D 93 6.39 -7.03 4.30
N VAL D 94 6.63 -8.31 4.59
CA VAL D 94 6.31 -9.37 3.67
C VAL D 94 5.50 -10.49 4.32
N GLN D 95 4.57 -11.05 3.53
CA GLN D 95 3.74 -12.16 3.96
C GLN D 95 4.03 -13.45 3.18
N TYR D 96 4.24 -14.52 3.93
CA TYR D 96 4.55 -15.80 3.33
C TYR D 96 3.48 -16.82 3.71
N ILE D 97 2.99 -17.56 2.72
CA ILE D 97 2.19 -18.76 3.00
C ILE D 97 2.94 -20.00 2.51
N TYR D 98 3.35 -20.83 3.46
CA TYR D 98 4.17 -22.02 3.22
C TYR D 98 3.40 -23.30 3.50
N LYS D 99 3.89 -24.40 2.95
CA LYS D 99 3.30 -25.70 3.22
C LYS D 99 4.39 -26.69 3.54
N TYR D 100 4.18 -27.43 4.62
CA TYR D 100 5.04 -28.53 5.03
C TYR D 100 4.40 -29.80 4.56
N THR D 101 5.20 -30.65 3.94
CA THR D 101 4.67 -31.81 3.28
C THR D 101 5.54 -33.07 3.59
N SER D 102 5.42 -34.12 2.79
CA SER D 102 6.22 -35.32 2.95
C SER D 102 7.65 -35.05 2.48
N TYR D 103 7.91 -33.80 2.09
CA TYR D 103 9.23 -33.33 1.67
C TYR D 103 9.82 -32.46 2.77
N PRO D 104 11.09 -32.73 3.15
CA PRO D 104 11.78 -32.16 4.33
C PRO D 104 11.92 -30.63 4.36
N ASP D 105 12.34 -30.01 3.26
CA ASP D 105 12.41 -28.57 3.20
C ASP D 105 11.00 -28.03 2.91
N PRO D 106 10.60 -26.88 3.50
CA PRO D 106 9.23 -26.42 3.25
C PRO D 106 9.10 -25.73 1.91
N ILE D 107 7.87 -25.63 1.44
CA ILE D 107 7.58 -25.10 0.12
C ILE D 107 6.71 -23.87 0.19
N LEU D 108 7.18 -22.80 -0.44
CA LEU D 108 6.42 -21.58 -0.55
C LEU D 108 5.28 -21.73 -1.55
N LEU D 109 4.06 -21.49 -1.08
CA LEU D 109 2.88 -21.34 -1.94
C LEU D 109 2.82 -19.92 -2.45
N MET D 110 2.48 -18.96 -1.58
CA MET D 110 2.38 -17.56 -2.03
C MET D 110 3.12 -16.58 -1.13
N LYS D 111 3.44 -15.41 -1.71
CA LYS D 111 4.04 -14.31 -0.98
C LYS D 111 3.57 -12.90 -1.43
N SER D 112 3.20 -12.08 -0.46
CA SER D 112 2.94 -10.67 -0.74
C SER D 112 3.90 -9.72 -0.01
N ALA D 113 4.30 -8.66 -0.69
CA ALA D 113 5.30 -7.73 -0.20
C ALA D 113 4.81 -6.28 -0.28
N ARG D 114 5.28 -5.46 0.68
CA ARG D 114 5.09 -4.02 0.61
C ARG D 114 6.29 -3.30 1.25
N ASN D 115 6.72 -2.17 0.67
CA ASN D 115 7.64 -1.29 1.36
C ASN D 115 6.93 -0.13 2.06
N SER D 116 7.50 0.36 3.16
CA SER D 116 6.94 1.50 3.91
C SER D 116 7.25 2.81 3.20
N CYS D 117 6.58 3.90 3.59
CA CYS D 117 6.87 5.20 2.97
C CYS D 117 8.28 5.61 3.26
N TRP D 118 8.95 6.16 2.26
CA TRP D 118 10.35 6.56 2.37
C TRP D 118 10.56 7.93 2.90
N SER D 119 9.50 8.74 2.96
CA SER D 119 9.72 10.13 3.33
C SER D 119 10.13 10.27 4.76
N LYS D 120 10.99 11.26 4.99
CA LYS D 120 11.51 11.51 6.31
C LYS D 120 10.39 11.98 7.24
N ASP D 121 9.31 12.52 6.67
CA ASP D 121 8.20 13.07 7.47
C ASP D 121 7.20 12.01 7.95
N ALA D 122 7.51 10.75 7.74
CA ALA D 122 6.58 9.69 8.06
C ALA D 122 6.49 9.37 9.56
N GLU D 123 5.42 9.80 10.19
CA GLU D 123 5.23 9.62 11.63
C GLU D 123 4.75 8.21 12.05
N TYR D 124 3.94 7.56 11.21
CA TYR D 124 3.44 6.20 11.48
C TYR D 124 3.23 5.38 10.21
N GLY D 125 2.93 4.09 10.40
CA GLY D 125 2.65 3.20 9.28
C GLY D 125 1.46 2.29 9.51
N LEU D 126 0.55 2.27 8.54
CA LEU D 126 -0.52 1.29 8.51
C LEU D 126 -0.48 0.53 7.15
N TYR D 127 -0.22 -0.78 7.22
CA TYR D 127 0.03 -1.66 6.06
C TYR D 127 -0.62 -3.02 6.32
N SER D 128 -1.87 -3.15 5.91
CA SER D 128 -2.62 -4.40 6.04
C SER D 128 -2.30 -5.22 4.80
N ILE D 129 -2.03 -6.53 4.97
CA ILE D 129 -1.76 -7.42 3.82
C ILE D 129 -2.63 -8.67 3.73
N TYR D 130 -3.39 -8.78 2.63
CA TYR D 130 -4.22 -9.94 2.33
C TYR D 130 -3.71 -10.59 1.07
N GLN D 131 -3.61 -11.92 1.12
CA GLN D 131 -3.39 -12.73 -0.07
C GLN D 131 -4.07 -14.10 0.06
N GLY D 132 -4.31 -14.74 -1.08
CA GLY D 132 -4.94 -16.05 -1.13
C GLY D 132 -4.80 -16.65 -2.51
N GLY D 133 -5.03 -17.94 -2.60
CA GLY D 133 -4.95 -18.67 -3.87
C GLY D 133 -5.42 -20.09 -3.64
N ILE D 134 -5.46 -20.90 -4.71
CA ILE D 134 -5.92 -22.28 -4.59
C ILE D 134 -4.77 -23.26 -4.82
N PHE D 135 -4.53 -24.11 -3.84
CA PHE D 135 -3.51 -25.14 -4.01
C PHE D 135 -4.02 -26.54 -3.72
N GLU D 136 -3.48 -27.51 -4.45
CA GLU D 136 -3.80 -28.88 -4.24
C GLU D 136 -2.97 -29.34 -3.05
N LEU D 137 -3.64 -29.72 -1.97
CA LEU D 137 -2.95 -30.31 -0.82
C LEU D 137 -3.37 -31.76 -0.66
N LYS D 138 -2.55 -32.54 0.06
CA LYS D 138 -2.87 -33.91 0.39
C LYS D 138 -2.95 -34.06 1.90
N GLU D 139 -3.54 -35.16 2.36
CA GLU D 139 -3.70 -35.43 3.78
C GLU D 139 -2.43 -35.09 4.57
N ASN D 140 -2.62 -34.53 5.77
CA ASN D 140 -1.49 -34.27 6.65
C ASN D 140 -0.51 -33.19 6.22
N ASP D 141 -0.59 -32.72 4.98
CA ASP D 141 0.11 -31.49 4.60
C ASP D 141 -0.24 -30.41 5.64
N ARG D 142 0.75 -29.61 6.02
CA ARG D 142 0.54 -28.49 6.96
C ARG D 142 0.78 -27.14 6.27
N ILE D 143 -0.07 -26.16 6.56
CA ILE D 143 0.09 -24.80 6.01
C ILE D 143 0.22 -23.76 7.13
N PHE D 144 1.13 -22.80 6.93
CA PHE D 144 1.41 -21.78 7.93
C PHE D 144 1.74 -20.42 7.28
N VAL D 145 1.57 -19.37 8.07
CA VAL D 145 1.92 -18.03 7.63
C VAL D 145 3.22 -17.65 8.27
N SER D 146 4.01 -16.88 7.56
CA SER D 146 5.28 -16.41 8.06
C SER D 146 5.48 -14.99 7.57
N VAL D 147 5.93 -14.12 8.47
CA VAL D 147 6.05 -12.68 8.19
C VAL D 147 7.44 -12.20 8.52
N THR D 148 7.94 -11.24 7.74
CA THR D 148 9.10 -10.53 8.18
C THR D 148 8.53 -9.51 9.13
N ASN D 149 9.32 -9.09 10.12
CA ASN D 149 8.96 -8.01 11.01
C ASN D 149 7.84 -8.35 11.97
N GLU D 150 7.80 -9.59 12.47
CA GLU D 150 6.70 -10.01 13.35
C GLU D 150 6.41 -9.02 14.49
N HIS D 151 7.43 -8.28 14.89
CA HIS D 151 7.30 -7.28 15.95
C HIS D 151 6.39 -6.12 15.56
N LEU D 152 6.01 -6.05 14.28
CA LEU D 152 5.14 -4.97 13.78
C LEU D 152 3.69 -5.36 13.57
N ILE D 153 3.37 -6.61 13.89
CA ILE D 153 2.08 -7.18 13.54
C ILE D 153 1.01 -6.85 14.59
N ASP D 154 -0.07 -6.20 14.19
CA ASP D 154 -1.22 -6.02 15.11
C ASP D 154 -2.08 -7.29 15.12
N MET D 155 -2.18 -7.93 16.27
CA MET D 155 -2.91 -9.18 16.33
C MET D 155 -4.37 -9.05 16.79
N ASP D 156 -4.79 -7.82 17.08
CA ASP D 156 -6.21 -7.48 17.23
C ASP D 156 -6.93 -8.42 16.21
N HIS D 157 -7.90 -9.22 16.67
CA HIS D 157 -8.46 -10.29 15.83
C HIS D 157 -9.17 -9.92 14.55
N GLU D 158 -9.72 -8.71 14.47
CA GLU D 158 -10.33 -8.24 13.23
C GLU D 158 -9.30 -7.91 12.16
N ALA D 159 -8.05 -7.74 12.58
CA ALA D 159 -7.04 -7.10 11.76
C ALA D 159 -6.08 -8.08 11.12
N SER D 160 -5.85 -9.21 11.80
CA SER D 160 -4.93 -10.23 11.35
C SER D 160 -5.44 -11.62 11.63
N PHE D 161 -5.52 -12.41 10.55
CA PHE D 161 -6.08 -13.78 10.58
C PHE D 161 -5.54 -14.58 9.40
N PHE D 162 -5.97 -15.84 9.35
CA PHE D 162 -5.43 -16.87 8.46
C PHE D 162 -6.51 -17.94 8.40
N GLY D 163 -6.80 -18.43 7.19
CA GLY D 163 -7.86 -19.41 7.02
C GLY D 163 -7.84 -20.09 5.67
N ALA D 164 -8.69 -21.11 5.53
CA ALA D 164 -8.76 -21.90 4.30
C ALA D 164 -10.06 -22.69 4.21
N PHE D 165 -10.46 -23.00 2.97
CA PHE D 165 -11.65 -23.82 2.71
C PHE D 165 -11.41 -24.67 1.48
N LEU D 166 -12.23 -25.71 1.34
CA LEU D 166 -12.05 -26.69 0.28
C LEU D 166 -12.92 -26.42 -0.96
N VAL D 167 -12.35 -25.91 -2.04
CA VAL D 167 -13.12 -25.72 -3.30
C VAL D 167 -13.47 -27.03 -4.03
N GLY D 168 -14.60 -27.03 -4.72
CA GLY D 168 -15.12 -28.25 -5.35
C GLY D 168 -15.81 -28.07 -6.70
N PRO E 6 -12.13 -35.49 -9.87
CA PRO E 6 -11.97 -34.18 -10.53
C PRO E 6 -13.19 -33.75 -11.36
N GLN E 7 -14.36 -33.72 -10.72
CA GLN E 7 -15.59 -33.13 -11.29
C GLN E 7 -15.85 -31.78 -10.61
N ARG E 8 -14.74 -31.06 -10.44
CA ARG E 8 -14.70 -29.79 -9.78
C ARG E 8 -14.10 -28.75 -10.71
N VAL E 9 -14.73 -27.58 -10.74
CA VAL E 9 -14.38 -26.54 -11.70
C VAL E 9 -13.58 -25.45 -11.00
N ALA E 10 -12.28 -25.35 -11.32
CA ALA E 10 -11.35 -24.47 -10.60
C ALA E 10 -9.96 -24.44 -11.23
N ALA E 11 -9.27 -23.31 -11.17
CA ALA E 11 -7.92 -23.21 -11.73
C ALA E 11 -7.07 -22.15 -11.05
N HIS E 12 -5.79 -22.43 -10.93
CA HIS E 12 -4.82 -21.49 -10.39
C HIS E 12 -3.66 -21.58 -11.29
N ILE E 13 -3.25 -20.47 -11.89
CA ILE E 13 -2.09 -20.50 -12.77
C ILE E 13 -1.06 -19.41 -12.47
N THR E 14 0.20 -19.81 -12.48
CA THR E 14 1.26 -18.95 -11.96
C THR E 14 2.16 -18.37 -13.03
N GLY E 15 2.93 -17.37 -12.62
CA GLY E 15 3.92 -16.80 -13.50
C GLY E 15 4.91 -17.91 -13.69
N THR E 16 5.71 -17.81 -14.75
CA THR E 16 6.80 -18.75 -14.97
C THR E 16 8.09 -17.96 -15.08
N ARG E 17 8.93 -18.08 -14.07
CA ARG E 17 10.27 -17.49 -14.10
C ARG E 17 11.10 -18.26 -13.10
N GLY E 18 10.44 -19.21 -12.43
CA GLY E 18 11.09 -19.98 -11.40
C GLY E 18 10.69 -19.49 -10.02
N ARG E 19 10.99 -20.30 -9.01
CA ARG E 19 10.54 -20.01 -7.67
C ARG E 19 11.39 -18.91 -7.06
N SER E 20 10.88 -18.35 -5.97
CA SER E 20 11.54 -17.27 -5.25
C SER E 20 12.72 -17.74 -4.46
N ASN E 21 13.68 -16.82 -4.26
CA ASN E 21 14.95 -17.08 -3.59
C ASN E 21 14.81 -17.78 -2.25
N THR E 22 15.74 -18.69 -1.97
CA THR E 22 15.71 -19.48 -0.75
C THR E 22 16.96 -19.19 0.13
N LEU E 23 18.14 -19.39 -0.49
CA LEU E 23 19.48 -19.10 0.08
C LEU E 23 19.53 -17.85 0.96
N LYS E 32 -7.80 -1.99 -26.99
CA LYS E 32 -8.83 -1.27 -26.24
C LYS E 32 -8.85 -1.66 -24.76
N ALA E 33 -8.49 -2.91 -24.46
CA ALA E 33 -8.35 -3.36 -23.07
C ALA E 33 -7.19 -2.60 -22.45
N LEU E 34 -7.33 -2.19 -21.20
CA LEU E 34 -6.31 -1.33 -20.60
C LEU E 34 -5.03 -2.08 -20.26
N GLY E 35 -3.92 -1.36 -20.32
CA GLY E 35 -2.62 -1.96 -20.02
C GLY E 35 -2.20 -2.94 -21.08
N ARG E 36 -1.32 -3.87 -20.69
CA ARG E 36 -0.81 -4.91 -21.55
C ARG E 36 -1.21 -6.24 -20.90
N LYS E 37 -1.58 -7.25 -21.69
CA LYS E 37 -2.15 -8.49 -21.15
C LYS E 37 -1.09 -9.49 -20.77
N ILE E 38 -1.13 -9.96 -19.53
CA ILE E 38 -0.30 -11.07 -19.11
C ILE E 38 -0.75 -12.31 -19.88
N ASN E 39 0.08 -12.68 -20.85
CA ASN E 39 -0.17 -13.86 -21.69
C ASN E 39 0.89 -14.95 -21.46
N SER E 40 1.53 -14.93 -20.31
CA SER E 40 2.67 -15.78 -20.08
C SER E 40 2.52 -16.56 -18.78
N TRP E 41 1.29 -16.83 -18.38
CA TRP E 41 1.06 -17.80 -17.32
C TRP E 41 1.40 -19.07 -17.98
N GLU E 42 1.61 -20.16 -17.26
CA GLU E 42 1.58 -21.39 -18.06
C GLU E 42 0.64 -22.49 -17.61
N SER E 43 0.39 -23.39 -18.56
CA SER E 43 -0.36 -24.64 -18.40
C SER E 43 0.50 -25.82 -17.85
N SER E 44 0.45 -26.02 -16.53
CA SER E 44 1.38 -26.92 -15.79
C SER E 44 1.04 -27.01 -14.26
N ARG E 45 1.83 -27.74 -13.46
CA ARG E 45 1.64 -27.82 -11.98
C ARG E 45 2.90 -27.99 -11.13
N SER E 46 4.04 -27.66 -11.73
CA SER E 46 5.33 -27.67 -11.04
C SER E 46 5.46 -26.43 -10.11
N GLY E 47 5.55 -25.23 -10.69
CA GLY E 47 5.47 -23.96 -9.95
C GLY E 47 4.03 -23.84 -9.51
N HIS E 48 3.61 -24.83 -8.73
CA HIS E 48 2.24 -25.34 -8.62
C HIS E 48 1.03 -24.61 -9.14
N SER E 49 0.66 -24.92 -10.37
CA SER E 49 -0.62 -24.51 -10.90
C SER E 49 -1.50 -25.73 -11.27
N PHE E 50 -2.64 -25.48 -11.91
CA PHE E 50 -3.56 -26.54 -12.34
C PHE E 50 -4.70 -25.98 -13.15
N LEU E 51 -5.36 -26.84 -13.91
CA LEU E 51 -6.55 -26.47 -14.66
C LEU E 51 -7.59 -27.61 -14.62
N SER E 52 -8.62 -27.46 -13.80
CA SER E 52 -9.68 -28.44 -13.83
C SER E 52 -11.02 -27.89 -14.33
N ASN E 53 -11.40 -28.38 -15.51
CA ASN E 53 -12.61 -27.96 -16.16
C ASN E 53 -12.55 -26.52 -16.60
N LEU E 54 -11.34 -26.01 -16.75
CA LEU E 54 -11.13 -24.85 -17.60
C LEU E 54 -9.88 -25.13 -18.43
N HIS E 55 -9.60 -24.31 -19.44
CA HIS E 55 -8.35 -24.47 -20.20
C HIS E 55 -7.85 -23.11 -20.62
N LEU E 56 -6.66 -23.04 -21.19
CA LEU E 56 -6.07 -21.73 -21.49
C LEU E 56 -5.94 -21.42 -23.00
N ARG E 57 -6.24 -20.19 -23.38
CA ARG E 57 -6.00 -19.70 -24.75
C ARG E 57 -5.26 -18.36 -24.70
N ASN E 58 -3.97 -18.36 -25.04
CA ASN E 58 -3.12 -17.18 -24.94
C ASN E 58 -3.33 -16.42 -23.62
N GLY E 59 -3.03 -17.12 -22.52
CA GLY E 59 -3.13 -16.53 -21.19
C GLY E 59 -4.51 -16.06 -20.76
N GLU E 60 -5.54 -16.43 -21.52
CA GLU E 60 -6.93 -16.12 -21.18
C GLU E 60 -7.55 -17.43 -20.75
N LEU E 61 -8.08 -17.47 -19.54
CA LEU E 61 -8.78 -18.66 -19.05
C LEU E 61 -10.09 -18.77 -19.80
N VAL E 62 -10.35 -19.94 -20.39
CA VAL E 62 -11.60 -20.15 -21.14
C VAL E 62 -12.60 -20.94 -20.29
N ILE E 63 -13.86 -20.49 -20.30
CA ILE E 63 -14.88 -21.03 -19.38
C ILE E 63 -15.73 -22.13 -20.02
N HIS E 64 -15.93 -23.25 -19.31
CA HIS E 64 -16.82 -24.33 -19.80
C HIS E 64 -18.21 -24.20 -19.26
N GLU E 65 -18.37 -24.54 -17.98
CA GLU E 65 -19.64 -24.43 -17.26
C GLU E 65 -20.05 -22.97 -17.08
N LYS E 66 -21.29 -22.63 -17.42
CA LYS E 66 -21.81 -21.33 -17.01
C LYS E 66 -22.21 -21.39 -15.52
N GLY E 67 -21.79 -20.38 -14.77
CA GLY E 67 -22.13 -20.24 -13.35
C GLY E 67 -21.47 -19.00 -12.76
N PHE E 68 -21.41 -18.96 -11.43
CA PHE E 68 -20.72 -17.88 -10.68
C PHE E 68 -19.29 -18.23 -10.30
N TYR E 69 -18.37 -17.36 -10.74
CA TYR E 69 -16.97 -17.67 -10.56
C TYR E 69 -16.25 -16.60 -9.75
N TYR E 70 -15.69 -16.99 -8.59
CA TYR E 70 -14.75 -16.13 -7.88
C TYR E 70 -13.46 -16.08 -8.67
N ILE E 71 -13.25 -14.98 -9.39
CA ILE E 71 -12.02 -14.79 -10.12
C ILE E 71 -11.08 -14.05 -9.17
N TYR E 72 -9.77 -14.32 -9.29
CA TYR E 72 -8.73 -13.60 -8.55
C TYR E 72 -7.41 -13.58 -9.28
N SER E 73 -6.54 -12.66 -8.87
CA SER E 73 -5.20 -12.59 -9.43
C SER E 73 -4.38 -11.73 -8.51
N GLN E 74 -3.14 -12.15 -8.26
CA GLN E 74 -2.19 -11.31 -7.56
C GLN E 74 -1.07 -10.98 -8.52
N THR E 75 -0.77 -9.71 -8.68
CA THR E 75 0.42 -9.38 -9.45
C THR E 75 1.39 -8.62 -8.56
N TYR E 76 2.69 -8.86 -8.76
CA TYR E 76 3.72 -8.27 -7.92
C TYR E 76 4.55 -7.24 -8.65
N PHE E 77 4.46 -5.99 -8.20
CA PHE E 77 5.27 -4.89 -8.74
C PHE E 77 6.48 -4.71 -7.85
N ARG E 78 7.66 -4.78 -8.48
CA ARG E 78 8.93 -4.84 -7.74
C ARG E 78 9.98 -4.21 -8.60
N PHE E 79 10.68 -3.20 -8.07
CA PHE E 79 11.59 -2.36 -8.86
C PHE E 79 12.44 -1.46 -7.95
N GLN E 80 13.65 -1.14 -8.41
CA GLN E 80 14.49 -0.13 -7.79
C GLN E 80 14.43 1.06 -8.71
N GLU E 81 14.65 2.24 -8.17
CA GLU E 81 14.89 3.37 -9.05
C GLU E 81 15.94 4.26 -8.47
N GLU E 82 16.88 4.66 -9.32
CA GLU E 82 17.74 5.79 -9.02
C GLU E 82 16.90 7.02 -9.40
N ILE E 83 16.91 8.03 -8.54
CA ILE E 83 16.16 9.26 -8.81
C ILE E 83 17.02 10.19 -9.68
N LYS E 84 16.78 10.11 -10.99
CA LYS E 84 17.47 10.92 -11.97
C LYS E 84 17.02 12.38 -11.86
N GLU E 85 17.95 13.28 -12.17
CA GLU E 85 17.73 14.74 -12.23
C GLU E 85 16.29 15.26 -12.17
N ASN E 86 15.67 15.41 -13.34
CA ASN E 86 14.35 16.02 -13.51
C ASN E 86 13.44 15.20 -14.44
N THR E 87 13.01 14.03 -13.96
CA THR E 87 12.11 13.14 -14.71
C THR E 87 10.90 12.68 -13.87
N LYS E 88 9.78 12.48 -14.55
CA LYS E 88 8.53 12.06 -13.91
C LYS E 88 8.60 10.60 -13.45
N ASN E 89 8.96 10.41 -12.18
CA ASN E 89 9.12 9.07 -11.61
C ASN E 89 7.86 8.45 -11.01
N ASP E 90 6.84 9.25 -10.76
CA ASP E 90 5.57 8.76 -10.24
C ASP E 90 5.09 7.52 -11.01
N LYS E 91 4.68 6.49 -10.30
CA LYS E 91 4.24 5.26 -10.94
C LYS E 91 2.85 4.85 -10.53
N GLN E 92 1.97 4.75 -11.52
CA GLN E 92 0.64 4.23 -11.31
C GLN E 92 0.68 2.78 -11.72
N MET E 93 0.48 1.88 -10.75
CA MET E 93 0.49 0.43 -10.98
C MET E 93 -0.89 -0.10 -10.76
N VAL E 94 -1.50 -0.54 -11.85
CA VAL E 94 -2.89 -0.97 -11.83
C VAL E 94 -2.99 -2.42 -12.32
N GLN E 95 -3.84 -3.21 -11.65
CA GLN E 95 -4.24 -4.53 -12.14
C GLN E 95 -5.70 -4.59 -12.56
N TYR E 96 -5.93 -4.82 -13.85
CA TYR E 96 -7.26 -5.11 -14.38
C TYR E 96 -7.44 -6.61 -14.58
N ILE E 97 -8.65 -7.08 -14.29
CA ILE E 97 -9.11 -8.41 -14.65
C ILE E 97 -10.28 -8.21 -15.59
N TYR E 98 -10.14 -8.65 -16.83
CA TYR E 98 -11.13 -8.43 -17.88
C TYR E 98 -11.86 -9.72 -18.28
N LYS E 99 -13.09 -9.60 -18.78
CA LYS E 99 -13.72 -10.75 -19.41
C LYS E 99 -14.02 -10.46 -20.88
N TYR E 100 -13.78 -11.45 -21.73
CA TYR E 100 -14.16 -11.40 -23.14
C TYR E 100 -15.44 -12.19 -23.31
N THR E 101 -16.39 -11.60 -24.02
CA THR E 101 -17.71 -12.20 -24.15
C THR E 101 -18.08 -12.23 -25.62
N SER E 102 -19.22 -12.83 -25.96
CA SER E 102 -19.76 -12.75 -27.33
C SER E 102 -20.13 -11.29 -27.64
N TYR E 103 -19.10 -10.45 -27.77
CA TYR E 103 -19.24 -8.99 -27.87
C TYR E 103 -17.86 -8.42 -28.11
N PRO E 104 -17.69 -7.70 -29.21
CA PRO E 104 -16.44 -7.16 -29.75
C PRO E 104 -15.50 -6.62 -28.68
N ASP E 105 -15.71 -5.37 -28.26
CA ASP E 105 -14.91 -4.71 -27.24
C ASP E 105 -15.00 -5.56 -25.91
N PRO E 106 -13.92 -5.62 -25.09
CA PRO E 106 -13.96 -6.45 -23.87
C PRO E 106 -14.48 -5.74 -22.60
N ILE E 107 -15.03 -6.49 -21.67
CA ILE E 107 -15.63 -5.93 -20.46
C ILE E 107 -14.72 -6.03 -19.22
N LEU E 108 -14.38 -4.89 -18.63
CA LEU E 108 -13.59 -4.91 -17.42
C LEU E 108 -14.45 -5.48 -16.32
N LEU E 109 -13.86 -6.31 -15.46
CA LEU E 109 -14.60 -6.92 -14.36
C LEU E 109 -14.27 -6.32 -12.99
N MET E 110 -12.97 -6.30 -12.68
CA MET E 110 -12.42 -5.76 -11.44
C MET E 110 -11.19 -4.95 -11.81
N LYS E 111 -10.88 -3.92 -11.02
CA LYS E 111 -9.58 -3.26 -11.14
C LYS E 111 -9.04 -2.79 -9.80
N SER E 112 -7.72 -2.87 -9.64
CA SER E 112 -7.06 -2.42 -8.42
C SER E 112 -5.81 -1.65 -8.80
N ALA E 113 -5.52 -0.57 -8.08
CA ALA E 113 -4.40 0.30 -8.42
C ALA E 113 -3.69 0.81 -7.19
N ARG E 114 -2.44 1.22 -7.40
CA ARG E 114 -1.63 1.89 -6.38
C ARG E 114 -0.68 2.88 -7.05
N ASN E 115 -0.23 3.85 -6.26
CA ASN E 115 0.85 4.73 -6.67
C ASN E 115 2.10 4.36 -5.92
N SER E 116 3.24 4.49 -6.58
CA SER E 116 4.51 4.39 -5.90
C SER E 116 4.67 5.59 -4.96
N CYS E 117 5.54 5.43 -3.97
CA CYS E 117 5.83 6.49 -2.99
C CYS E 117 6.47 7.67 -3.68
N TRP E 118 6.16 8.84 -3.14
CA TRP E 118 6.52 10.09 -3.78
C TRP E 118 7.84 10.67 -3.33
N SER E 119 8.36 10.17 -2.20
CA SER E 119 9.55 10.73 -1.57
C SER E 119 10.72 10.73 -2.52
N LYS E 120 11.57 11.75 -2.43
CA LYS E 120 12.79 11.78 -3.23
C LYS E 120 13.73 10.64 -2.80
N ASP E 121 13.66 10.29 -1.51
CA ASP E 121 14.62 9.39 -0.88
C ASP E 121 14.30 7.93 -1.10
N ALA E 122 13.34 7.65 -1.99
CA ALA E 122 12.90 6.29 -2.23
C ALA E 122 13.89 5.58 -3.13
N GLU E 123 14.18 4.33 -2.81
CA GLU E 123 15.21 3.60 -3.56
C GLU E 123 14.67 2.38 -4.25
N TYR E 124 13.50 1.93 -3.83
CA TYR E 124 12.85 0.78 -4.45
C TYR E 124 11.40 0.67 -4.02
N GLY E 125 10.59 0.05 -4.87
CA GLY E 125 9.20 -0.20 -4.56
C GLY E 125 8.89 -1.69 -4.46
N LEU E 126 7.98 -2.00 -3.55
CA LEU E 126 7.45 -3.34 -3.45
C LEU E 126 5.93 -3.17 -3.35
N TYR E 127 5.25 -3.62 -4.39
CA TYR E 127 3.82 -3.43 -4.51
C TYR E 127 3.09 -4.69 -4.99
N SER E 128 2.71 -5.56 -4.08
CA SER E 128 1.90 -6.72 -4.45
C SER E 128 0.44 -6.29 -4.53
N ILE E 129 -0.29 -6.71 -5.57
CA ILE E 129 -1.73 -6.37 -5.72
C ILE E 129 -2.60 -7.62 -5.84
N TYR E 130 -3.55 -7.78 -4.91
CA TYR E 130 -4.49 -8.90 -4.98
C TYR E 130 -5.89 -8.35 -5.07
N GLN E 131 -6.71 -8.95 -5.92
CA GLN E 131 -8.14 -8.67 -5.93
C GLN E 131 -8.93 -9.88 -6.39
N GLY E 132 -10.13 -10.04 -5.82
CA GLY E 132 -11.02 -11.13 -6.16
C GLY E 132 -12.44 -10.66 -6.20
N GLY E 133 -13.32 -11.48 -6.75
CA GLY E 133 -14.75 -11.16 -6.79
C GLY E 133 -15.52 -12.18 -7.60
N ILE E 134 -16.77 -12.44 -7.20
CA ILE E 134 -17.65 -13.40 -7.88
C ILE E 134 -18.36 -12.77 -9.06
N PHE E 135 -18.21 -13.39 -10.24
CA PHE E 135 -18.93 -12.89 -11.41
C PHE E 135 -19.69 -13.98 -12.12
N GLU E 136 -20.65 -13.56 -12.93
CA GLU E 136 -21.51 -14.49 -13.65
C GLU E 136 -20.94 -14.69 -15.03
N LEU E 137 -20.59 -15.92 -15.36
CA LEU E 137 -19.93 -16.20 -16.63
C LEU E 137 -20.66 -17.26 -17.46
N LYS E 138 -20.55 -17.15 -18.78
CA LYS E 138 -21.27 -18.02 -19.72
C LYS E 138 -20.29 -18.94 -20.41
N GLU E 139 -20.79 -19.97 -21.12
CA GLU E 139 -19.91 -20.90 -21.82
C GLU E 139 -19.05 -20.09 -22.79
N ASN E 140 -17.79 -20.49 -22.91
CA ASN E 140 -16.81 -19.87 -23.82
C ASN E 140 -16.45 -18.40 -23.57
N ASP E 141 -16.92 -17.87 -22.43
CA ASP E 141 -16.39 -16.62 -21.88
C ASP E 141 -14.91 -16.81 -21.55
N ARG E 142 -14.12 -15.78 -21.87
CA ARG E 142 -12.67 -15.74 -21.58
C ARG E 142 -12.36 -14.65 -20.54
N ILE E 143 -11.65 -15.03 -19.47
CA ILE E 143 -11.22 -14.07 -18.47
C ILE E 143 -9.69 -13.97 -18.43
N PHE E 144 -9.18 -12.75 -18.43
CA PHE E 144 -7.74 -12.50 -18.44
C PHE E 144 -7.28 -11.37 -17.51
N VAL E 145 -5.97 -11.24 -17.31
CA VAL E 145 -5.43 -10.20 -16.42
C VAL E 145 -4.58 -9.25 -17.24
N SER E 146 -4.61 -7.99 -16.86
CA SER E 146 -3.78 -7.04 -17.55
C SER E 146 -3.36 -5.96 -16.59
N VAL E 147 -2.17 -5.42 -16.84
CA VAL E 147 -1.49 -4.56 -15.89
C VAL E 147 -0.81 -3.38 -16.57
N THR E 148 -0.74 -2.26 -15.87
CA THR E 148 0.09 -1.15 -16.26
C THR E 148 1.50 -1.49 -15.83
N ASN E 149 2.47 -0.70 -16.31
CA ASN E 149 3.88 -0.91 -15.98
C ASN E 149 4.18 -2.40 -15.91
N GLU E 150 4.10 -3.06 -17.07
CA GLU E 150 4.25 -4.51 -17.13
C GLU E 150 5.68 -4.93 -16.83
N HIS E 151 6.62 -4.04 -17.16
CA HIS E 151 8.06 -4.33 -17.05
C HIS E 151 8.52 -4.41 -15.63
N LEU E 152 7.66 -4.04 -14.69
CA LEU E 152 8.01 -4.13 -13.29
C LEU E 152 7.32 -5.28 -12.56
N ILE E 153 6.93 -6.32 -13.29
CA ILE E 153 6.26 -7.44 -12.65
C ILE E 153 7.29 -8.50 -12.32
N ASP E 154 7.31 -8.96 -11.07
CA ASP E 154 8.05 -10.15 -10.69
C ASP E 154 7.20 -11.36 -11.03
N MET E 155 7.61 -12.13 -12.01
CA MET E 155 6.92 -13.37 -12.34
C MET E 155 7.39 -14.60 -11.55
N ASP E 156 8.33 -14.43 -10.60
CA ASP E 156 8.60 -15.48 -9.61
C ASP E 156 7.18 -16.07 -9.34
N HIS E 157 7.08 -17.38 -9.20
CA HIS E 157 5.80 -18.05 -9.31
C HIS E 157 4.94 -18.02 -8.07
N GLU E 158 5.49 -17.56 -6.97
CA GLU E 158 4.71 -17.49 -5.75
C GLU E 158 4.12 -16.10 -5.59
N ALA E 159 4.47 -15.21 -6.51
CA ALA E 159 4.33 -13.79 -6.31
C ALA E 159 3.29 -13.19 -7.21
N SER E 160 3.05 -13.83 -8.36
CA SER E 160 2.02 -13.39 -9.29
C SER E 160 1.31 -14.58 -9.85
N PHE E 161 0.00 -14.64 -9.67
CA PHE E 161 -0.80 -15.72 -10.21
C PHE E 161 -2.17 -15.22 -10.60
N PHE E 162 -2.94 -16.13 -11.20
CA PHE E 162 -4.27 -15.86 -11.73
C PHE E 162 -5.07 -17.14 -11.46
N GLY E 163 -6.21 -17.02 -10.80
CA GLY E 163 -7.01 -18.21 -10.51
C GLY E 163 -8.49 -17.93 -10.44
N ALA E 164 -9.30 -18.92 -10.77
CA ALA E 164 -10.75 -18.81 -10.60
C ALA E 164 -11.36 -20.14 -10.19
N PHE E 165 -12.50 -20.08 -9.51
CA PHE E 165 -13.23 -21.29 -9.22
C PHE E 165 -14.72 -21.00 -9.21
N LEU E 166 -15.51 -22.07 -9.18
CA LEU E 166 -16.96 -21.98 -9.30
C LEU E 166 -17.63 -21.97 -7.93
N VAL E 167 -18.31 -20.89 -7.56
CA VAL E 167 -19.03 -20.93 -6.28
C VAL E 167 -20.43 -21.52 -6.42
N GLY E 168 -20.85 -21.76 -7.65
CA GLY E 168 -22.21 -22.22 -7.96
C GLY E 168 -22.80 -21.54 -9.21
N PRO F 6 -28.35 -22.26 -9.35
CA PRO F 6 -29.60 -21.52 -9.17
C PRO F 6 -30.17 -21.60 -7.72
N GLN F 7 -29.86 -22.69 -7.02
CA GLN F 7 -30.25 -22.90 -5.62
C GLN F 7 -28.98 -22.70 -4.78
N ARG F 8 -28.30 -21.60 -5.07
CA ARG F 8 -26.97 -21.33 -4.52
C ARG F 8 -26.89 -19.96 -3.86
N VAL F 9 -26.12 -19.89 -2.79
CA VAL F 9 -26.04 -18.73 -1.91
C VAL F 9 -24.80 -17.87 -2.19
N ALA F 10 -24.97 -16.78 -2.92
CA ALA F 10 -23.86 -15.95 -3.35
C ALA F 10 -24.41 -14.59 -3.64
N ALA F 11 -23.54 -13.60 -3.81
CA ALA F 11 -23.93 -12.20 -3.98
C ALA F 11 -22.69 -11.36 -4.26
N HIS F 12 -22.81 -10.36 -5.13
CA HIS F 12 -21.70 -9.45 -5.40
C HIS F 12 -22.25 -8.17 -5.93
N ILE F 13 -22.47 -7.23 -5.03
CA ILE F 13 -23.14 -5.96 -5.35
C ILE F 13 -22.11 -4.86 -5.50
N THR F 14 -22.36 -3.84 -6.31
CA THR F 14 -21.29 -2.88 -6.59
C THR F 14 -21.61 -1.40 -6.46
N GLY F 15 -20.56 -0.60 -6.56
CA GLY F 15 -20.70 0.82 -6.63
C GLY F 15 -21.56 1.13 -7.83
N THR F 16 -22.75 1.68 -7.58
CA THR F 16 -23.46 2.49 -8.59
C THR F 16 -22.53 3.66 -8.93
N ARG F 17 -22.81 4.37 -10.00
CA ARG F 17 -21.93 5.46 -10.48
C ARG F 17 -21.04 5.03 -11.63
N GLY F 18 -21.30 3.83 -12.15
CA GLY F 18 -20.92 3.54 -13.52
C GLY F 18 -19.64 2.79 -13.76
N ARG F 19 -18.90 3.19 -14.80
CA ARG F 19 -17.70 2.46 -15.21
C ARG F 19 -16.61 3.35 -15.76
N SER F 20 -15.39 2.82 -15.73
CA SER F 20 -14.12 3.52 -15.93
C SER F 20 -13.95 4.23 -17.27
N ASN F 21 -12.76 4.75 -17.52
CA ASN F 21 -12.43 5.38 -18.80
C ASN F 21 -12.16 4.28 -19.82
N THR F 22 -11.67 4.66 -21.01
CA THR F 22 -11.13 3.71 -22.03
C THR F 22 -10.59 4.43 -23.28
N LYS F 32 -22.56 3.39 16.78
CA LYS F 32 -21.42 2.90 17.52
C LYS F 32 -20.48 2.09 16.61
N ALA F 33 -20.46 2.40 15.31
CA ALA F 33 -19.67 1.64 14.33
C ALA F 33 -18.72 2.52 13.54
N LEU F 34 -17.43 2.21 13.59
CA LEU F 34 -16.40 3.13 13.11
C LEU F 34 -16.52 3.36 11.64
N GLY F 35 -16.23 4.57 11.20
CA GLY F 35 -16.34 4.96 9.80
C GLY F 35 -17.78 5.28 9.50
N ARG F 36 -18.14 5.27 8.23
CA ARG F 36 -19.53 5.42 7.83
C ARG F 36 -19.85 4.24 6.96
N LYS F 37 -21.05 3.69 7.10
CA LYS F 37 -21.50 2.57 6.27
C LYS F 37 -21.74 2.96 4.83
N ILE F 38 -21.26 2.16 3.89
CA ILE F 38 -21.59 2.36 2.50
C ILE F 38 -22.95 1.70 2.30
N ASN F 39 -23.89 2.46 1.72
CA ASN F 39 -25.24 1.96 1.45
C ASN F 39 -25.75 2.31 0.05
N SER F 40 -24.88 2.84 -0.79
CA SER F 40 -25.23 3.12 -2.17
C SER F 40 -24.76 2.03 -3.17
N TRP F 41 -24.95 0.76 -2.78
CA TRP F 41 -24.66 -0.39 -3.62
C TRP F 41 -25.95 -0.79 -4.28
N GLU F 42 -25.98 -1.12 -5.59
CA GLU F 42 -27.23 -1.73 -6.16
C GLU F 42 -27.18 -2.80 -7.27
N SER F 43 -28.40 -3.29 -7.60
CA SER F 43 -28.74 -4.68 -8.06
C SER F 43 -29.17 -4.95 -9.51
N SER F 44 -28.88 -6.19 -9.95
CA SER F 44 -29.11 -6.77 -11.32
C SER F 44 -28.01 -6.53 -12.40
N ARG F 45 -27.31 -7.61 -12.72
CA ARG F 45 -26.11 -7.71 -13.59
C ARG F 45 -25.55 -6.58 -14.46
N SER F 46 -26.04 -5.36 -14.35
CA SER F 46 -25.51 -4.31 -15.25
C SER F 46 -24.12 -3.72 -14.84
N GLY F 47 -23.97 -3.29 -13.58
CA GLY F 47 -22.64 -3.09 -12.99
C GLY F 47 -22.03 -4.47 -12.84
N HIS F 48 -22.90 -5.46 -12.94
CA HIS F 48 -22.60 -6.87 -12.79
C HIS F 48 -22.61 -7.24 -11.36
N SER F 49 -23.80 -7.06 -10.81
CA SER F 49 -24.12 -7.49 -9.49
C SER F 49 -25.08 -8.67 -9.60
N PHE F 50 -25.40 -9.27 -8.46
CA PHE F 50 -26.38 -10.34 -8.41
C PHE F 50 -26.59 -10.67 -6.96
N LEU F 51 -27.74 -11.23 -6.62
CA LEU F 51 -27.98 -11.72 -5.28
C LEU F 51 -28.68 -13.04 -5.44
N SER F 52 -28.40 -14.00 -4.59
CA SER F 52 -28.79 -15.35 -4.88
C SER F 52 -28.92 -16.09 -3.55
N ASN F 53 -30.16 -16.26 -3.09
CA ASN F 53 -30.46 -16.71 -1.73
C ASN F 53 -29.92 -15.77 -0.63
N LEU F 54 -29.72 -14.50 -0.99
CA LEU F 54 -29.50 -13.41 -0.02
C LEU F 54 -30.26 -12.16 -0.50
N HIS F 55 -30.72 -11.31 0.42
CA HIS F 55 -31.28 -9.98 0.03
C HIS F 55 -30.59 -8.74 0.59
N LEU F 56 -30.92 -7.58 0.03
CA LEU F 56 -30.29 -6.28 0.42
C LEU F 56 -31.20 -5.35 1.26
N ARG F 57 -30.62 -4.40 2.01
CA ARG F 57 -31.36 -3.62 3.05
C ARG F 57 -30.65 -2.33 3.48
N ASN F 58 -30.57 -1.35 2.58
CA ASN F 58 -29.72 -0.18 2.76
C ASN F 58 -28.29 -0.72 2.93
N GLY F 59 -27.67 -1.08 1.81
CA GLY F 59 -26.28 -1.56 1.79
C GLY F 59 -25.85 -2.63 2.78
N GLU F 60 -26.82 -3.36 3.37
CA GLU F 60 -26.51 -4.49 4.24
C GLU F 60 -27.09 -5.76 3.63
N LEU F 61 -26.22 -6.72 3.28
CA LEU F 61 -26.69 -8.05 2.84
C LEU F 61 -27.28 -8.81 4.01
N VAL F 62 -28.42 -9.44 3.76
CA VAL F 62 -29.12 -10.17 4.82
C VAL F 62 -29.01 -11.66 4.56
N ILE F 63 -28.85 -12.41 5.63
CA ILE F 63 -28.47 -13.80 5.50
C ILE F 63 -29.66 -14.71 5.72
N HIS F 64 -29.95 -15.52 4.70
CA HIS F 64 -31.00 -16.53 4.77
C HIS F 64 -30.51 -17.78 5.41
N GLU F 65 -29.49 -18.38 4.81
CA GLU F 65 -29.07 -19.71 5.23
C GLU F 65 -27.89 -19.65 6.21
N LYS F 66 -28.12 -20.11 7.44
CA LYS F 66 -27.06 -20.12 8.44
C LYS F 66 -25.95 -21.07 7.99
N GLY F 67 -24.72 -20.56 8.00
CA GLY F 67 -23.54 -21.32 7.55
C GLY F 67 -22.26 -20.51 7.57
N PHE F 68 -21.20 -21.06 6.98
CA PHE F 68 -19.94 -20.34 6.85
C PHE F 68 -19.95 -19.51 5.57
N TYR F 69 -19.59 -18.25 5.67
CA TYR F 69 -19.62 -17.38 4.49
C TYR F 69 -18.31 -16.63 4.31
N TYR F 70 -17.63 -16.87 3.19
CA TYR F 70 -16.49 -16.07 2.80
C TYR F 70 -16.99 -14.73 2.32
N ILE F 71 -16.86 -13.73 3.21
CA ILE F 71 -17.26 -12.33 2.96
C ILE F 71 -16.07 -11.51 2.49
N TYR F 72 -16.32 -10.55 1.61
CA TYR F 72 -15.23 -9.76 1.05
C TYR F 72 -15.72 -8.43 0.53
N SER F 73 -14.80 -7.49 0.44
CA SER F 73 -15.07 -6.23 -0.23
C SER F 73 -13.80 -5.53 -0.66
N GLN F 74 -13.84 -4.92 -1.82
CA GLN F 74 -12.78 -4.03 -2.19
C GLN F 74 -13.41 -2.65 -2.19
N THR F 75 -12.63 -1.66 -1.75
CA THR F 75 -13.06 -0.27 -1.66
C THR F 75 -11.91 0.61 -2.13
N TYR F 76 -12.07 1.25 -3.27
CA TYR F 76 -11.03 2.10 -3.90
C TYR F 76 -10.99 3.53 -3.39
N PHE F 77 -9.80 4.01 -3.01
CA PHE F 77 -9.61 5.41 -2.59
C PHE F 77 -8.83 6.13 -3.66
N ARG F 78 -9.40 7.17 -4.23
CA ARG F 78 -8.69 7.92 -5.24
C ARG F 78 -8.80 9.40 -4.88
N PHE F 79 -7.69 10.13 -4.97
CA PHE F 79 -7.67 11.55 -4.63
C PHE F 79 -6.45 12.31 -5.16
N GLN F 80 -6.61 13.62 -5.26
CA GLN F 80 -5.50 14.55 -5.43
C GLN F 80 -5.44 15.38 -4.17
N GLU F 81 -4.33 16.08 -3.95
CA GLU F 81 -4.20 16.86 -2.74
C GLU F 81 -3.39 18.13 -2.85
N GLU F 82 -3.57 19.00 -1.86
CA GLU F 82 -2.89 20.29 -1.79
C GLU F 82 -2.34 20.52 -0.38
N ILE F 83 -1.39 21.46 -0.25
CA ILE F 83 -0.99 21.99 1.06
C ILE F 83 -1.86 23.22 1.33
N LYS F 84 -2.45 23.28 2.52
CA LYS F 84 -3.35 24.37 2.92
C LYS F 84 -2.87 25.00 4.23
N GLU F 85 -3.56 26.04 4.68
CA GLU F 85 -3.18 26.80 5.88
C GLU F 85 -3.37 26.00 7.18
N ASN F 86 -4.44 25.22 7.27
CA ASN F 86 -4.77 24.47 8.49
C ASN F 86 -5.08 22.99 8.24
N THR F 87 -4.23 22.31 7.46
CA THR F 87 -4.43 20.89 7.13
C THR F 87 -3.17 20.03 7.35
N LYS F 88 -3.32 19.00 8.19
CA LYS F 88 -2.38 17.90 8.24
C LYS F 88 -2.81 16.88 7.18
N ASN F 89 -1.88 16.51 6.29
CA ASN F 89 -2.19 15.70 5.11
C ASN F 89 -2.31 14.18 5.31
N ASP F 90 -1.80 13.67 6.43
CA ASP F 90 -1.90 12.24 6.77
C ASP F 90 -3.34 11.73 6.69
N LYS F 91 -3.56 10.69 5.89
CA LYS F 91 -4.89 10.12 5.69
C LYS F 91 -4.93 8.67 6.10
N GLN F 92 -5.83 8.36 7.01
CA GLN F 92 -6.05 6.98 7.37
C GLN F 92 -7.26 6.41 6.61
N MET F 93 -6.95 5.55 5.63
CA MET F 93 -7.91 4.87 4.79
C MET F 93 -8.15 3.46 5.36
N VAL F 94 -9.26 3.29 6.08
CA VAL F 94 -9.60 2.01 6.69
C VAL F 94 -10.95 1.51 6.19
N GLN F 95 -11.02 0.23 5.82
CA GLN F 95 -12.27 -0.42 5.46
C GLN F 95 -12.67 -1.37 6.55
N TYR F 96 -13.93 -1.31 6.94
CA TYR F 96 -14.48 -2.20 7.97
C TYR F 96 -15.59 -3.06 7.40
N ILE F 97 -15.64 -4.30 7.86
CA ILE F 97 -16.74 -5.17 7.52
C ILE F 97 -17.35 -5.59 8.85
N TYR F 98 -18.51 -5.01 9.17
CA TYR F 98 -19.23 -5.34 10.39
C TYR F 98 -20.37 -6.31 10.10
N LYS F 99 -20.90 -6.91 11.15
CA LYS F 99 -22.11 -7.68 11.04
C LYS F 99 -23.05 -7.28 12.19
N TYR F 100 -24.35 -7.15 11.89
CA TYR F 100 -25.38 -7.01 12.95
C TYR F 100 -25.96 -8.37 13.22
N THR F 101 -25.92 -8.79 14.48
CA THR F 101 -26.50 -10.06 14.86
C THR F 101 -27.71 -9.78 15.75
N SER F 102 -28.19 -10.77 16.50
CA SER F 102 -29.24 -10.52 17.48
C SER F 102 -28.82 -9.58 18.62
N TYR F 103 -27.62 -9.00 18.53
CA TYR F 103 -27.05 -8.14 19.57
C TYR F 103 -27.21 -6.67 19.20
N PRO F 104 -27.47 -5.81 20.20
CA PRO F 104 -27.70 -4.35 20.14
C PRO F 104 -26.65 -3.53 19.40
N ASP F 105 -25.37 -3.84 19.58
CA ASP F 105 -24.33 -3.04 18.97
C ASP F 105 -23.63 -3.89 17.86
N PRO F 106 -23.20 -3.25 16.73
CA PRO F 106 -22.56 -4.03 15.64
C PRO F 106 -21.28 -4.71 16.04
N ILE F 107 -20.92 -5.77 15.34
CA ILE F 107 -19.67 -6.48 15.57
C ILE F 107 -18.72 -6.38 14.37
N LEU F 108 -17.56 -5.79 14.58
CA LEU F 108 -16.57 -5.75 13.51
C LEU F 108 -16.04 -7.16 13.27
N LEU F 109 -15.93 -7.53 11.99
CA LEU F 109 -15.44 -8.84 11.60
C LEU F 109 -14.02 -8.76 11.12
N MET F 110 -13.78 -7.80 10.24
CA MET F 110 -12.50 -7.68 9.59
C MET F 110 -12.20 -6.22 9.39
N LYS F 111 -10.93 -5.85 9.42
CA LYS F 111 -10.56 -4.50 9.04
C LYS F 111 -9.20 -4.43 8.37
N SER F 112 -9.13 -3.62 7.34
CA SER F 112 -7.87 -3.42 6.66
C SER F 112 -7.66 -1.92 6.47
N ALA F 113 -6.44 -1.46 6.78
CA ALA F 113 -6.12 -0.03 6.74
C ALA F 113 -4.90 0.26 5.93
N ARG F 114 -4.82 1.49 5.44
CA ARG F 114 -3.61 2.05 4.84
C ARG F 114 -3.51 3.55 5.12
N ASN F 115 -2.28 4.06 5.14
CA ASN F 115 -1.98 5.49 5.26
C ASN F 115 -1.56 6.03 3.90
N SER F 116 -1.74 7.33 3.65
CA SER F 116 -1.20 7.93 2.43
C SER F 116 0.28 8.18 2.58
N CYS F 117 0.98 8.40 1.45
CA CYS F 117 2.40 8.77 1.47
C CYS F 117 2.55 10.05 2.26
N TRP F 118 3.76 10.35 2.69
CA TRP F 118 3.98 11.53 3.48
C TRP F 118 4.64 12.60 2.70
N SER F 119 5.48 12.25 1.73
CA SER F 119 6.25 13.27 1.04
C SER F 119 5.32 14.39 0.64
N LYS F 120 5.62 15.56 1.17
CA LYS F 120 4.99 16.81 0.77
C LYS F 120 4.91 16.93 -0.77
N ASP F 121 5.54 15.99 -1.47
CA ASP F 121 5.62 15.96 -2.94
C ASP F 121 4.56 15.13 -3.67
N ALA F 122 3.72 14.47 -2.89
CA ALA F 122 2.61 13.70 -3.41
C ALA F 122 1.70 14.64 -4.15
N GLU F 123 1.25 14.21 -5.34
CA GLU F 123 0.23 14.93 -6.08
C GLU F 123 -1.10 14.17 -6.08
N TYR F 124 -1.02 12.85 -6.01
CA TYR F 124 -2.22 12.02 -5.97
C TYR F 124 -2.08 10.76 -5.16
N GLY F 125 -3.19 10.04 -5.03
CA GLY F 125 -3.26 8.87 -4.16
C GLY F 125 -4.19 7.80 -4.71
N LEU F 126 -3.63 6.63 -4.95
CA LEU F 126 -4.41 5.52 -5.45
C LEU F 126 -4.23 4.40 -4.44
N TYR F 127 -5.29 4.07 -3.72
CA TYR F 127 -5.25 3.11 -2.63
C TYR F 127 -6.50 2.26 -2.71
N SER F 128 -6.40 1.08 -3.31
CA SER F 128 -7.54 0.14 -3.35
C SER F 128 -7.37 -0.83 -2.21
N ILE F 129 -8.46 -1.28 -1.61
CA ILE F 129 -8.32 -2.14 -0.45
C ILE F 129 -9.14 -3.41 -0.57
N TYR F 130 -8.51 -4.56 -0.82
CA TYR F 130 -9.25 -5.81 -0.80
C TYR F 130 -9.05 -6.51 0.51
N GLN F 131 -10.12 -7.07 1.07
CA GLN F 131 -10.01 -8.03 2.16
C GLN F 131 -11.22 -8.95 2.24
N GLY F 132 -11.01 -10.14 2.81
CA GLY F 132 -12.07 -11.13 2.86
C GLY F 132 -11.68 -12.24 3.80
N GLY F 133 -12.66 -13.05 4.19
CA GLY F 133 -12.43 -14.16 5.11
C GLY F 133 -13.77 -14.78 5.48
N ILE F 134 -13.74 -16.06 5.87
CA ILE F 134 -14.93 -16.83 6.21
C ILE F 134 -15.37 -16.58 7.64
N PHE F 135 -16.67 -16.34 7.83
CA PHE F 135 -17.25 -16.25 9.18
C PHE F 135 -18.53 -17.04 9.24
N GLU F 136 -18.80 -17.66 10.39
CA GLU F 136 -20.04 -18.38 10.58
C GLU F 136 -21.11 -17.35 10.90
N LEU F 137 -22.16 -17.30 10.07
CA LEU F 137 -23.25 -16.36 10.27
C LEU F 137 -24.52 -17.16 10.52
N LYS F 138 -25.47 -16.56 11.25
CA LYS F 138 -26.75 -17.23 11.55
C LYS F 138 -27.85 -16.69 10.65
N GLU F 139 -29.06 -17.24 10.78
CA GLU F 139 -30.18 -16.72 10.00
C GLU F 139 -30.48 -15.26 10.38
N ASN F 140 -30.69 -14.43 9.38
CA ASN F 140 -31.03 -13.01 9.55
C ASN F 140 -29.89 -12.13 10.06
N ASP F 141 -28.68 -12.65 10.01
CA ASP F 141 -27.54 -11.80 10.26
C ASP F 141 -27.37 -10.87 9.09
N ARG F 142 -27.08 -9.61 9.39
CA ARG F 142 -26.98 -8.58 8.36
C ARG F 142 -25.52 -8.11 8.32
N ILE F 143 -24.96 -7.90 7.12
CA ILE F 143 -23.54 -7.55 7.05
C ILE F 143 -23.26 -6.35 6.15
N PHE F 144 -22.38 -5.46 6.60
CA PHE F 144 -22.12 -4.25 5.82
C PHE F 144 -20.69 -3.79 5.86
N VAL F 145 -20.34 -3.04 4.82
CA VAL F 145 -19.02 -2.46 4.68
C VAL F 145 -19.07 -1.10 5.33
N SER F 146 -17.90 -0.55 5.65
CA SER F 146 -17.81 0.75 6.33
C SER F 146 -16.44 1.39 6.16
N VAL F 147 -16.40 2.65 5.81
CA VAL F 147 -15.10 3.24 5.55
C VAL F 147 -14.79 4.52 6.33
N THR F 148 -13.52 4.89 6.29
CA THR F 148 -13.13 6.22 6.66
C THR F 148 -13.00 6.98 5.36
N ASN F 149 -12.78 8.29 5.44
CA ASN F 149 -12.59 9.11 4.27
C ASN F 149 -13.49 8.72 3.08
N GLU F 150 -14.80 8.58 3.38
CA GLU F 150 -15.83 8.15 2.40
C GLU F 150 -15.79 8.96 1.13
N HIS F 151 -15.63 10.27 1.27
CA HIS F 151 -15.59 11.16 0.13
C HIS F 151 -14.43 10.86 -0.78
N LEU F 152 -13.50 10.04 -0.31
CA LEU F 152 -12.34 9.68 -1.12
C LEU F 152 -12.56 8.41 -1.93
N ILE F 153 -13.50 7.57 -1.46
CA ILE F 153 -13.89 6.33 -2.14
C ILE F 153 -14.45 6.60 -3.52
N ASP F 154 -13.81 6.04 -4.55
CA ASP F 154 -14.32 6.11 -5.92
C ASP F 154 -15.29 4.92 -6.11
N MET F 155 -16.47 5.17 -6.71
CA MET F 155 -17.47 4.10 -6.95
C MET F 155 -17.74 3.66 -8.42
N ASP F 156 -16.84 4.02 -9.37
CA ASP F 156 -16.77 3.34 -10.67
C ASP F 156 -16.98 1.84 -10.29
N HIS F 157 -17.76 1.06 -11.05
CA HIS F 157 -18.33 -0.24 -10.54
C HIS F 157 -17.43 -1.44 -10.43
N GLU F 158 -16.26 -1.35 -11.06
CA GLU F 158 -15.25 -2.37 -10.98
C GLU F 158 -14.31 -2.05 -9.85
N ALA F 159 -14.20 -0.76 -9.55
CA ALA F 159 -13.31 -0.27 -8.51
C ALA F 159 -13.72 -0.62 -7.07
N SER F 160 -15.01 -0.64 -6.77
CA SER F 160 -15.43 -1.01 -5.40
C SER F 160 -16.70 -1.80 -5.35
N PHE F 161 -16.66 -2.90 -4.62
CA PHE F 161 -17.76 -3.84 -4.57
C PHE F 161 -17.75 -4.55 -3.25
N PHE F 162 -18.68 -5.48 -3.08
CA PHE F 162 -18.97 -6.10 -1.78
C PHE F 162 -19.66 -7.42 -2.12
N GLY F 163 -19.26 -8.50 -1.46
CA GLY F 163 -19.81 -9.78 -1.82
C GLY F 163 -19.78 -10.74 -0.66
N ALA F 164 -20.36 -11.91 -0.88
CA ALA F 164 -20.19 -13.05 0.01
C ALA F 164 -20.73 -14.27 -0.68
N PHE F 165 -20.20 -15.44 -0.28
CA PHE F 165 -20.81 -16.72 -0.63
C PHE F 165 -20.77 -17.70 0.50
N LEU F 166 -21.55 -18.76 0.35
CA LEU F 166 -21.61 -19.85 1.31
C LEU F 166 -20.51 -20.81 0.91
N VAL F 167 -19.85 -21.42 1.89
CA VAL F 167 -18.70 -22.25 1.56
C VAL F 167 -18.83 -23.70 1.99
N GLY F 168 -20.02 -24.27 1.84
CA GLY F 168 -20.33 -25.65 2.28
C GLY F 168 -19.39 -26.78 1.82
N GLU G 1 6.28 -14.65 22.94
CA GLU G 1 6.08 -13.65 24.02
C GLU G 1 6.77 -12.34 23.70
N ILE G 2 6.31 -11.26 24.33
CA ILE G 2 7.07 -10.00 24.34
C ILE G 2 8.37 -10.22 25.12
N VAL G 3 9.43 -9.56 24.71
CA VAL G 3 10.67 -9.79 25.38
C VAL G 3 11.31 -8.47 25.78
N LEU G 4 11.67 -8.38 27.05
CA LEU G 4 12.28 -7.18 27.57
C LEU G 4 13.78 -7.41 27.72
N THR G 5 14.57 -6.44 27.30
CA THR G 5 16.00 -6.60 27.31
C THR G 5 16.56 -5.36 27.97
N GLN G 6 17.03 -5.53 29.21
CA GLN G 6 17.52 -4.44 30.05
C GLN G 6 18.98 -4.18 29.80
N SER G 7 19.36 -2.90 29.74
CA SER G 7 20.75 -2.47 29.62
C SER G 7 21.08 -1.48 30.73
N PRO G 8 22.24 -1.63 31.36
CA PRO G 8 23.23 -2.64 31.04
C PRO G 8 23.14 -3.84 31.95
N GLY G 9 24.04 -4.81 31.74
CA GLY G 9 24.19 -5.93 32.69
C GLY G 9 24.11 -5.40 34.10
N THR G 10 25.19 -4.72 34.51
CA THR G 10 25.31 -4.09 35.84
C THR G 10 25.81 -2.64 35.73
N LEU G 11 25.57 -1.84 36.76
CA LEU G 11 26.20 -0.54 36.88
C LEU G 11 27.12 -0.59 38.08
N SER G 12 28.09 0.32 38.18
CA SER G 12 28.81 0.54 39.46
C SER G 12 29.06 2.00 39.68
N LEU G 13 28.37 2.62 40.62
CA LEU G 13 28.58 4.04 40.83
C LEU G 13 28.65 4.36 42.29
N SER G 14 29.39 5.43 42.60
CA SER G 14 29.53 5.93 43.96
C SER G 14 28.28 6.69 44.35
N PRO G 15 27.92 6.65 45.65
CA PRO G 15 26.71 7.34 46.07
C PRO G 15 26.79 8.78 45.63
N GLY G 16 25.67 9.35 45.23
CA GLY G 16 25.68 10.65 44.63
C GLY G 16 25.65 10.59 43.12
N GLU G 17 26.57 9.82 42.50
CA GLU G 17 26.60 9.64 41.02
C GLU G 17 25.13 9.23 40.56
N ARG G 18 24.75 9.43 39.29
CA ARG G 18 23.36 9.12 38.84
C ARG G 18 23.24 7.91 37.91
N ALA G 19 22.26 7.06 38.20
CA ALA G 19 22.11 5.81 37.47
C ALA G 19 20.94 5.84 36.51
N THR G 20 21.20 5.38 35.28
CA THR G 20 20.20 5.36 34.22
C THR G 20 20.13 3.96 33.63
N LEU G 21 19.04 3.26 33.93
CA LEU G 21 18.79 1.91 33.40
C LEU G 21 17.73 1.93 32.32
N SER G 22 17.96 1.16 31.26
CA SER G 22 17.00 1.10 30.16
C SER G 22 16.40 -0.31 29.98
N CYS G 23 15.14 -0.33 29.54
CA CYS G 23 14.40 -1.57 29.34
C CYS G 23 13.70 -1.51 28.01
N ARG G 24 14.28 -2.22 27.03
CA ARG G 24 13.76 -2.25 25.66
C ARG G 24 12.78 -3.39 25.55
N ALA G 25 11.64 -3.09 24.94
CA ALA G 25 10.62 -4.09 24.71
C ALA G 25 10.63 -4.56 23.25
N SER G 26 10.37 -5.86 23.03
CA SER G 26 10.39 -6.40 21.66
C SER G 26 9.34 -5.73 20.77
N GLN G 27 8.12 -5.57 21.27
CA GLN G 27 7.08 -4.77 20.61
C GLN G 27 6.84 -3.52 21.41
N GLY G 28 6.20 -2.52 20.80
CA GLY G 28 5.82 -1.33 21.54
C GLY G 28 4.72 -1.74 22.48
N ILE G 29 4.61 -1.07 23.63
CA ILE G 29 3.57 -1.41 24.60
C ILE G 29 3.07 -0.16 25.29
N SER G 30 1.87 -0.26 25.88
CA SER G 30 1.07 0.90 26.23
C SER G 30 1.86 1.96 26.90
N ARG G 31 2.30 1.67 28.12
CA ARG G 31 2.80 2.72 28.98
C ARG G 31 2.06 2.60 30.26
N SER G 32 0.78 2.28 30.17
CA SER G 32 0.05 1.88 31.34
C SER G 32 0.56 0.50 31.70
N TYR G 33 1.07 -0.23 30.69
CA TYR G 33 1.44 -1.62 30.86
C TYR G 33 2.92 -1.87 31.14
N LEU G 34 3.65 -0.87 31.63
CA LEU G 34 5.05 -1.13 32.01
C LEU G 34 5.41 -0.71 33.44
N ALA G 35 5.99 -1.64 34.20
CA ALA G 35 6.30 -1.40 35.60
C ALA G 35 7.72 -1.77 35.95
N TRP G 36 8.21 -1.19 37.03
CA TRP G 36 9.57 -1.37 37.50
C TRP G 36 9.57 -1.98 38.89
N TYR G 37 10.52 -2.86 39.17
CA TYR G 37 10.60 -3.46 40.48
C TYR G 37 12.01 -3.37 41.02
N GLN G 38 12.12 -3.24 42.34
CA GLN G 38 13.42 -3.27 42.98
C GLN G 38 13.47 -4.50 43.85
N GLN G 39 14.63 -5.18 43.85
CA GLN G 39 14.84 -6.39 44.64
C GLN G 39 16.18 -6.40 45.35
N LYS G 40 16.15 -6.10 46.66
CA LYS G 40 17.36 -6.10 47.49
C LYS G 40 17.63 -7.53 47.96
N PRO G 41 18.90 -7.93 48.13
CA PRO G 41 19.17 -9.36 48.27
C PRO G 41 18.52 -9.95 49.51
N GLY G 42 17.86 -11.10 49.35
CA GLY G 42 17.21 -11.80 50.45
C GLY G 42 15.75 -11.45 50.59
N GLN G 43 15.33 -10.38 49.94
CA GLN G 43 13.94 -10.00 49.99
C GLN G 43 13.23 -10.38 48.70
N ALA G 44 11.92 -10.20 48.69
CA ALA G 44 11.14 -10.33 47.48
C ALA G 44 11.25 -9.01 46.73
N PRO G 45 10.88 -9.00 45.44
CA PRO G 45 10.81 -7.75 44.73
C PRO G 45 9.72 -6.88 45.31
N SER G 46 9.77 -5.60 44.97
CA SER G 46 8.74 -4.64 45.38
C SER G 46 8.54 -3.61 44.28
N LEU G 47 7.35 -3.02 44.23
CA LEU G 47 6.96 -2.16 43.12
C LEU G 47 7.63 -0.82 43.31
N LEU G 48 8.15 -0.26 42.21
CA LEU G 48 8.88 1.01 42.23
C LEU G 48 8.19 2.04 41.38
N ILE G 49 8.10 1.72 40.09
CA ILE G 49 7.38 2.54 39.14
C ILE G 49 6.26 1.68 38.58
N TYR G 50 5.09 2.30 38.36
CA TYR G 50 4.02 1.72 37.54
C TYR G 50 3.63 2.66 36.44
N GLY G 51 2.95 2.16 35.43
CA GLY G 51 2.53 3.01 34.34
C GLY G 51 3.70 3.81 33.79
N ALA G 52 4.81 3.11 33.58
CA ALA G 52 6.02 3.64 32.94
C ALA G 52 6.74 4.73 33.72
N SER G 53 5.99 5.49 34.52
CA SER G 53 6.45 6.75 35.12
C SER G 53 5.68 7.24 36.35
N SER G 54 4.73 6.47 36.86
CA SER G 54 4.13 6.78 38.16
C SER G 54 4.98 6.20 39.28
N ARG G 55 5.14 6.97 40.34
CA ARG G 55 5.90 6.56 41.52
C ARG G 55 5.00 5.72 42.42
N ALA G 56 5.51 4.60 42.93
CA ALA G 56 4.71 3.70 43.79
C ALA G 56 4.55 4.27 45.18
N THR G 57 3.48 3.90 45.88
CA THR G 57 3.21 4.43 47.22
C THR G 57 4.37 4.19 48.17
N GLY G 58 5.03 5.27 48.57
CA GLY G 58 6.13 5.20 49.54
C GLY G 58 7.50 5.28 48.91
N ILE G 59 7.56 5.77 47.68
CA ILE G 59 8.83 5.83 46.96
C ILE G 59 9.40 7.24 46.76
N PRO G 60 10.61 7.47 47.31
CA PRO G 60 11.41 8.67 47.22
C PRO G 60 11.47 9.19 45.81
N ASP G 61 11.27 10.50 45.66
CA ASP G 61 11.22 11.15 44.35
C ASP G 61 12.53 11.06 43.57
N ARG G 62 13.54 10.47 44.19
CA ARG G 62 14.81 10.18 43.54
C ARG G 62 14.59 9.22 42.37
N PHE G 63 13.86 8.15 42.64
CA PHE G 63 13.40 7.23 41.60
C PHE G 63 12.36 7.88 40.67
N SER G 64 12.62 7.79 39.37
CA SER G 64 11.78 8.45 38.38
C SER G 64 11.82 7.71 37.07
N GLY G 65 10.64 7.28 36.62
CA GLY G 65 10.51 6.47 35.40
C GLY G 65 9.97 7.23 34.20
N SER G 66 10.40 6.81 33.02
CA SER G 66 10.07 7.50 31.79
C SER G 66 10.18 6.58 30.59
N GLY G 67 9.79 7.08 29.42
CA GLY G 67 9.77 6.28 28.21
C GLY G 67 8.36 6.05 27.70
N SER G 68 8.27 5.51 26.48
CA SER G 68 7.01 5.02 25.90
C SER G 68 7.34 4.26 24.63
N GLY G 69 6.44 3.37 24.18
CA GLY G 69 6.69 2.61 22.96
C GLY G 69 7.59 1.42 23.24
N THR G 70 8.75 1.36 22.61
CA THR G 70 9.70 0.29 22.91
C THR G 70 10.71 0.62 23.99
N ASP G 71 10.97 1.91 24.21
CA ASP G 71 12.10 2.28 25.04
C ASP G 71 11.72 2.93 26.35
N PHE G 72 11.99 2.19 27.42
CA PHE G 72 11.66 2.63 28.76
C PHE G 72 12.93 2.79 29.55
N THR G 73 12.87 3.73 30.49
CA THR G 73 14.02 4.14 31.27
C THR G 73 13.67 4.28 32.74
N LEU G 74 14.53 3.72 33.57
CA LEU G 74 14.50 4.03 34.99
C LEU G 74 15.74 4.82 35.36
N THR G 75 15.51 5.92 36.08
CA THR G 75 16.58 6.81 36.53
C THR G 75 16.56 6.95 38.07
N ILE G 76 17.58 6.33 38.69
CA ILE G 76 17.89 6.53 40.11
C ILE G 76 18.90 7.66 40.14
N SER G 77 18.56 8.73 40.84
CA SER G 77 19.17 10.01 40.51
C SER G 77 20.09 10.60 41.56
N ARG G 78 20.09 9.99 42.75
CA ARG G 78 21.01 10.40 43.80
C ARG G 78 21.38 9.21 44.62
N LEU G 79 22.11 8.27 44.01
CA LEU G 79 22.38 6.97 44.65
C LEU G 79 22.72 7.08 46.11
N GLU G 80 21.88 6.46 46.93
CA GLU G 80 22.23 6.08 48.29
C GLU G 80 22.82 4.68 48.16
N PRO G 81 23.57 4.21 49.19
CA PRO G 81 24.13 2.85 49.09
C PRO G 81 23.05 1.79 49.33
N GLU G 82 21.96 2.23 49.98
CA GLU G 82 20.70 1.49 50.12
C GLU G 82 20.14 1.06 48.78
N ASP G 83 20.30 1.92 47.78
CA ASP G 83 19.75 1.69 46.46
C ASP G 83 20.29 0.41 45.81
N PHE G 84 21.42 -0.11 46.30
CA PHE G 84 22.02 -1.32 45.78
C PHE G 84 21.03 -2.44 45.80
N ALA G 85 20.68 -2.92 44.62
CA ALA G 85 19.62 -3.91 44.44
C ALA G 85 19.61 -4.38 42.97
N VAL G 86 18.74 -5.33 42.64
CA VAL G 86 18.52 -5.59 41.24
C VAL G 86 17.20 -4.95 40.85
N TYR G 87 17.19 -4.37 39.65
CA TYR G 87 16.04 -3.65 39.13
C TYR G 87 15.45 -4.35 37.92
N TYR G 88 14.15 -4.68 38.00
CA TYR G 88 13.44 -5.43 36.95
C TYR G 88 12.33 -4.61 36.33
N CYS G 89 12.17 -4.67 35.00
CA CYS G 89 10.95 -4.15 34.37
C CYS G 89 10.02 -5.30 33.96
N GLN G 90 8.73 -5.06 34.12
CA GLN G 90 7.72 -6.00 33.70
C GLN G 90 6.74 -5.33 32.71
N GLN G 91 6.25 -6.12 31.76
CA GLN G 91 5.29 -5.63 30.77
C GLN G 91 3.96 -6.40 30.82
N PHE G 92 2.84 -5.70 31.00
CA PHE G 92 1.51 -6.32 30.89
C PHE G 92 0.81 -5.95 29.60
N GLY G 93 1.52 -6.05 28.48
CA GLY G 93 0.95 -5.69 27.19
C GLY G 93 0.35 -6.87 26.47
N SER G 94 0.40 -8.03 27.12
CA SER G 94 0.08 -9.36 26.57
C SER G 94 1.22 -10.30 26.90
N SER G 95 1.02 -11.60 26.90
CA SER G 95 0.33 -12.39 27.87
C SER G 95 1.03 -13.60 27.27
N PRO G 96 1.98 -14.19 27.96
CA PRO G 96 2.27 -14.01 29.36
C PRO G 96 2.96 -12.69 29.63
N TRP G 97 2.47 -11.98 30.63
CA TRP G 97 3.22 -10.91 31.21
C TRP G 97 4.64 -11.39 31.46
N THR G 98 5.63 -10.60 31.08
CA THR G 98 7.03 -11.02 31.22
C THR G 98 7.88 -9.97 31.91
N PHE G 99 9.04 -10.40 32.44
CA PHE G 99 9.97 -9.49 33.12
C PHE G 99 11.28 -9.33 32.34
N GLY G 100 11.99 -8.23 32.57
CA GLY G 100 13.38 -8.11 32.11
C GLY G 100 14.23 -9.14 32.82
N GLN G 101 15.52 -9.24 32.50
CA GLN G 101 16.38 -10.14 33.26
C GLN G 101 17.08 -9.32 34.34
N GLY G 102 16.74 -8.04 34.41
CA GLY G 102 17.20 -7.16 35.48
C GLY G 102 18.53 -6.48 35.24
N THR G 103 18.63 -5.24 35.70
CA THR G 103 19.92 -4.60 35.82
C THR G 103 20.24 -4.59 37.31
N LYS G 104 21.48 -4.95 37.64
CA LYS G 104 22.02 -4.88 38.98
C LYS G 104 22.84 -3.59 39.18
N VAL G 105 22.34 -2.65 39.98
CA VAL G 105 23.09 -1.43 40.30
C VAL G 105 24.00 -1.70 41.52
N GLU G 106 25.31 -1.89 41.27
CA GLU G 106 26.34 -2.09 42.32
C GLU G 106 26.92 -0.76 42.82
N ILE G 107 27.25 -0.68 44.11
CA ILE G 107 27.77 0.58 44.68
C ILE G 107 29.29 0.72 44.82
N LYS G 108 29.78 1.93 44.58
CA LYS G 108 31.22 2.19 44.57
C LYS G 108 31.67 2.87 45.88
N ARG G 109 32.68 2.28 46.51
CA ARG G 109 33.16 2.76 47.81
C ARG G 109 34.68 2.67 47.82
N THR G 110 35.31 3.37 48.75
CA THR G 110 36.76 3.39 48.76
C THR G 110 37.38 2.14 49.42
N VAL G 111 38.44 1.61 48.82
CA VAL G 111 39.05 0.35 49.24
C VAL G 111 39.05 0.23 50.76
N ALA G 112 38.57 -0.91 51.26
CA ALA G 112 38.67 -1.23 52.68
C ALA G 112 39.20 -2.64 52.89
N ALA G 113 40.14 -2.78 53.82
CA ALA G 113 40.81 -4.06 54.04
C ALA G 113 39.94 -5.02 54.84
N PRO G 114 40.01 -6.33 54.54
CA PRO G 114 39.23 -7.32 55.25
C PRO G 114 39.76 -7.51 56.66
N SER G 115 38.87 -7.74 57.61
CA SER G 115 39.28 -8.07 58.97
C SER G 115 39.37 -9.58 59.08
N VAL G 116 40.57 -10.13 59.17
CA VAL G 116 40.68 -11.60 59.16
C VAL G 116 40.49 -12.25 60.52
N PHE G 117 39.73 -13.35 60.54
CA PHE G 117 39.48 -14.13 61.73
C PHE G 117 39.59 -15.61 61.39
N ILE G 118 40.04 -16.42 62.36
CA ILE G 118 40.08 -17.87 62.16
C ILE G 118 39.35 -18.63 63.28
N PHE G 119 38.49 -19.56 62.84
CA PHE G 119 37.75 -20.45 63.72
C PHE G 119 38.18 -21.90 63.50
N PRO G 120 38.44 -22.61 64.61
CA PRO G 120 38.91 -23.98 64.57
C PRO G 120 37.78 -24.95 64.94
N PRO G 121 37.75 -26.14 64.29
CA PRO G 121 36.70 -27.13 64.56
C PRO G 121 36.33 -27.20 66.03
N SER G 122 35.03 -27.20 66.31
CA SER G 122 34.49 -27.32 67.67
C SER G 122 34.69 -28.74 68.18
N ASP G 123 34.87 -28.89 69.48
CA ASP G 123 35.08 -30.21 70.06
C ASP G 123 33.93 -31.13 69.69
N GLU G 124 32.71 -30.60 69.77
CA GLU G 124 31.49 -31.33 69.36
C GLU G 124 31.56 -31.93 67.95
N GLN G 125 31.95 -31.12 66.96
CA GLN G 125 32.04 -31.60 65.56
C GLN G 125 33.08 -32.70 65.43
N LEU G 126 34.11 -32.63 66.25
CA LEU G 126 35.22 -33.57 66.24
C LEU G 126 34.81 -34.95 66.74
N LYS G 127 34.01 -35.00 67.81
CA LYS G 127 33.38 -36.25 68.26
C LYS G 127 32.70 -36.96 67.09
N SER G 128 31.88 -36.22 66.34
CA SER G 128 31.20 -36.77 65.15
C SER G 128 32.19 -37.18 64.04
N GLY G 129 33.47 -36.91 64.25
CA GLY G 129 34.51 -37.38 63.35
C GLY G 129 34.59 -36.65 62.02
N THR G 130 34.50 -35.32 62.09
CA THR G 130 34.72 -34.44 60.93
C THR G 130 35.21 -33.09 61.44
N ALA G 131 35.98 -32.37 60.62
CA ALA G 131 36.58 -31.11 61.05
C ALA G 131 36.43 -29.98 60.03
N SER G 132 35.79 -28.90 60.47
CA SER G 132 35.58 -27.74 59.64
C SER G 132 36.24 -26.48 60.23
N VAL G 133 37.30 -26.02 59.57
CA VAL G 133 37.96 -24.77 59.94
C VAL G 133 37.40 -23.64 59.08
N VAL G 134 37.17 -22.49 59.70
CA VAL G 134 36.50 -21.40 59.01
C VAL G 134 37.28 -20.10 59.10
N CYS G 135 37.66 -19.58 57.93
CA CYS G 135 38.32 -18.28 57.86
C CYS G 135 37.31 -17.22 57.49
N LEU G 136 37.19 -16.20 58.32
CA LEU G 136 36.31 -15.07 58.04
C LEU G 136 37.09 -13.86 57.54
N LEU G 137 36.64 -13.27 56.44
CA LEU G 137 37.18 -12.01 55.95
C LEU G 137 36.06 -10.99 56.06
N ASN G 138 36.13 -10.07 57.03
CA ASN G 138 34.95 -9.28 57.30
C ASN G 138 34.88 -7.84 56.77
N ASN G 139 33.67 -7.26 56.85
CA ASN G 139 33.27 -5.95 56.31
C ASN G 139 34.32 -5.14 55.37
N PHE G 140 34.69 -5.73 54.20
CA PHE G 140 35.65 -5.20 53.13
C PHE G 140 34.97 -5.29 51.75
N TYR G 141 35.62 -5.20 50.57
CA TYR G 141 36.11 -4.02 49.79
C TYR G 141 37.44 -3.73 49.11
N PRO G 142 37.52 -3.95 47.78
CA PRO G 142 36.51 -4.41 46.84
C PRO G 142 36.48 -5.94 46.67
N ARG G 143 35.45 -6.40 45.94
CA ARG G 143 35.08 -7.81 45.86
C ARG G 143 36.21 -8.85 45.83
N GLU G 144 37.30 -8.57 45.11
CA GLU G 144 38.36 -9.58 44.88
C GLU G 144 39.16 -9.90 46.13
N ALA G 145 39.44 -11.18 46.32
CA ALA G 145 40.14 -11.64 47.51
C ALA G 145 40.78 -13.01 47.29
N LYS G 146 41.96 -13.20 47.86
CA LYS G 146 42.64 -14.46 47.74
C LYS G 146 42.88 -15.03 49.13
N VAL G 147 42.25 -16.17 49.40
CA VAL G 147 42.45 -16.90 50.66
C VAL G 147 43.31 -18.12 50.39
N GLN G 148 44.31 -18.34 51.23
CA GLN G 148 45.23 -19.43 51.05
C GLN G 148 45.19 -20.30 52.26
N TRP G 149 45.01 -21.59 52.10
CA TRP G 149 45.01 -22.53 53.21
C TRP G 149 46.34 -23.21 53.28
N LYS G 150 46.91 -23.24 54.48
CA LYS G 150 48.19 -23.93 54.71
C LYS G 150 48.18 -24.76 55.97
N VAL G 151 48.41 -26.05 55.78
CA VAL G 151 48.46 -27.03 56.85
C VAL G 151 49.92 -27.47 57.04
N ASP G 152 50.52 -27.07 58.16
CA ASP G 152 51.96 -27.21 58.37
C ASP G 152 52.67 -26.63 57.14
N ASN G 153 52.40 -25.35 56.85
CA ASN G 153 52.99 -24.63 55.70
C ASN G 153 52.92 -25.37 54.35
N ALA G 154 52.04 -26.37 54.24
CA ALA G 154 51.78 -27.04 52.97
C ALA G 154 50.50 -26.49 52.35
N LEU G 155 50.60 -25.99 51.11
CA LEU G 155 49.47 -25.37 50.42
C LEU G 155 48.32 -26.35 50.18
N GLN G 156 47.09 -25.88 50.41
CA GLN G 156 45.90 -26.72 50.26
C GLN G 156 45.23 -26.57 48.89
N SER G 157 44.52 -27.61 48.49
CA SER G 157 44.03 -27.75 47.12
C SER G 157 42.58 -28.20 47.03
N GLY G 158 41.71 -27.30 46.58
CA GLY G 158 40.30 -27.60 46.29
C GLY G 158 39.44 -28.06 47.46
N ASN G 159 40.06 -28.68 48.46
CA ASN G 159 39.41 -29.18 49.68
C ASN G 159 38.81 -28.10 50.59
N SER G 160 38.36 -26.99 49.99
CA SER G 160 37.66 -25.92 50.69
C SER G 160 36.77 -25.13 49.72
N GLN G 161 35.64 -24.65 50.22
CA GLN G 161 34.74 -23.82 49.43
C GLN G 161 34.70 -22.45 50.07
N GLU G 162 34.36 -21.46 49.27
CA GLU G 162 34.19 -20.12 49.76
C GLU G 162 32.73 -19.75 49.66
N SER G 163 32.36 -18.61 50.23
CA SER G 163 31.02 -18.07 50.07
C SER G 163 31.10 -16.60 50.36
N VAL G 164 30.39 -15.78 49.59
CA VAL G 164 30.50 -14.35 49.77
C VAL G 164 29.14 -13.81 49.97
N THR G 165 29.01 -12.88 50.91
CA THR G 165 27.78 -12.12 51.04
C THR G 165 27.59 -11.15 49.87
N GLU G 166 26.35 -10.76 49.59
CA GLU G 166 26.06 -9.63 48.71
C GLU G 166 26.49 -8.33 49.41
N GLN G 167 26.53 -7.21 48.67
CA GLN G 167 27.03 -5.94 49.23
C GLN G 167 26.14 -5.39 50.30
N ASP G 168 26.74 -4.83 51.34
CA ASP G 168 25.94 -4.31 52.42
C ASP G 168 25.13 -3.05 52.06
N SER G 169 23.88 -3.03 52.49
CA SER G 169 22.98 -1.92 52.19
C SER G 169 23.29 -0.61 52.95
N LYS G 170 24.12 -0.71 53.99
CA LYS G 170 24.53 0.47 54.73
C LYS G 170 25.98 0.86 54.43
N ASP G 171 26.90 -0.11 54.42
CA ASP G 171 28.31 0.22 54.34
C ASP G 171 29.01 -0.35 53.10
N SER G 172 28.18 -0.86 52.20
CA SER G 172 28.57 -1.28 50.84
C SER G 172 29.77 -2.21 50.73
N THR G 173 30.15 -2.84 51.82
CA THR G 173 31.25 -3.78 51.84
C THR G 173 30.79 -5.19 51.64
N TYR G 174 31.73 -6.05 51.27
CA TYR G 174 31.52 -7.49 51.27
C TYR G 174 31.92 -8.12 52.62
N SER G 175 31.93 -9.45 52.63
CA SER G 175 32.36 -10.32 53.72
C SER G 175 32.35 -11.68 53.07
N LEU G 176 33.34 -12.49 53.38
CA LEU G 176 33.50 -13.76 52.69
C LEU G 176 33.88 -14.80 53.75
N SER G 177 33.64 -16.07 53.46
CA SER G 177 34.16 -17.14 54.32
C SER G 177 34.82 -18.26 53.52
N SER G 178 35.93 -18.75 54.03
CA SER G 178 36.53 -19.95 53.48
C SER G 178 36.48 -21.05 54.53
N THR G 179 36.02 -22.22 54.09
CA THR G 179 35.81 -23.35 54.97
C THR G 179 36.63 -24.56 54.58
N LEU G 180 37.64 -24.84 55.39
CA LEU G 180 38.45 -26.04 55.21
C LEU G 180 37.78 -27.21 55.92
N THR G 181 37.44 -28.23 55.12
CA THR G 181 36.76 -29.43 55.63
C THR G 181 37.63 -30.68 55.47
N LEU G 182 38.08 -31.24 56.59
CA LEU G 182 38.83 -32.50 56.62
C LEU G 182 38.15 -33.43 57.62
N SER G 183 38.40 -34.74 57.48
CA SER G 183 37.93 -35.71 58.48
C SER G 183 38.80 -35.61 59.74
N LYS G 184 38.28 -36.06 60.89
CA LYS G 184 39.08 -36.10 62.12
C LYS G 184 40.38 -36.84 61.84
N ALA G 185 40.30 -37.93 61.08
CA ALA G 185 41.48 -38.69 60.64
C ALA G 185 42.65 -37.79 60.26
N ASP G 186 42.48 -37.02 59.17
CA ASP G 186 43.54 -36.15 58.66
C ASP G 186 43.84 -34.98 59.58
N TYR G 187 42.78 -34.37 60.11
CA TYR G 187 42.94 -33.26 61.03
C TYR G 187 43.71 -33.66 62.29
N GLU G 188 43.69 -34.95 62.63
CA GLU G 188 44.45 -35.46 63.78
C GLU G 188 45.96 -35.41 63.57
N LYS G 189 46.39 -35.78 62.36
CA LYS G 189 47.80 -35.93 62.04
C LYS G 189 48.61 -34.61 62.08
N HIS G 190 48.17 -33.60 61.34
CA HIS G 190 48.88 -32.33 61.25
C HIS G 190 48.65 -31.46 62.46
N LYS G 191 49.53 -30.47 62.64
CA LYS G 191 49.60 -29.66 63.86
C LYS G 191 49.09 -28.21 63.71
N VAL G 192 49.66 -27.44 62.77
CA VAL G 192 49.29 -26.02 62.63
C VAL G 192 48.51 -25.67 61.35
N TYR G 193 47.30 -25.17 61.57
CA TYR G 193 46.40 -24.70 60.50
C TYR G 193 46.44 -23.18 60.44
N ALA G 194 46.62 -22.68 59.23
CA ALA G 194 46.72 -21.24 59.00
C ALA G 194 46.00 -20.83 57.72
N CYS G 195 45.40 -19.65 57.81
CA CYS G 195 44.69 -19.04 56.72
C CYS G 195 45.44 -17.76 56.35
N GLU G 196 45.80 -17.63 55.07
CA GLU G 196 46.55 -16.47 54.58
C GLU G 196 45.77 -15.65 53.51
N VAL G 197 45.72 -14.34 53.71
CA VAL G 197 44.80 -13.47 52.98
C VAL G 197 45.48 -12.39 52.14
N THR G 198 45.28 -12.46 50.83
CA THR G 198 45.79 -11.46 49.88
C THR G 198 44.63 -10.58 49.40
N HIS G 199 44.82 -9.26 49.51
CA HIS G 199 43.81 -8.25 49.18
C HIS G 199 44.44 -6.90 49.08
N GLN G 200 43.99 -6.09 48.12
CA GLN G 200 44.62 -4.79 47.91
C GLN G 200 44.62 -3.86 49.12
N GLY G 201 43.48 -3.67 49.79
CA GLY G 201 43.41 -2.82 50.97
C GLY G 201 44.46 -3.06 52.05
N LEU G 202 45.21 -4.16 51.90
CA LEU G 202 46.22 -4.58 52.86
C LEU G 202 47.64 -4.35 52.36
N SER G 203 48.52 -3.93 53.29
CA SER G 203 49.96 -3.74 53.04
C SER G 203 50.68 -4.98 52.47
N SER G 204 50.52 -6.11 53.17
CA SER G 204 51.06 -7.40 52.71
C SER G 204 50.23 -8.55 53.28
N PRO G 205 50.23 -9.73 52.60
CA PRO G 205 49.40 -10.88 52.96
C PRO G 205 49.29 -11.13 54.46
N VAL G 206 48.10 -10.90 55.00
CA VAL G 206 47.76 -11.17 56.40
C VAL G 206 47.47 -12.65 56.60
N THR G 207 47.90 -13.18 57.74
CA THR G 207 47.69 -14.57 58.10
C THR G 207 47.17 -14.63 59.55
N LYS G 208 46.20 -15.51 59.78
CA LYS G 208 45.84 -15.90 61.14
C LYS G 208 46.01 -17.41 61.28
N SER G 209 46.28 -17.87 62.51
CA SER G 209 46.53 -19.31 62.75
C SER G 209 46.37 -19.79 64.20
N PHE G 210 46.39 -21.11 64.35
CA PHE G 210 46.25 -21.78 65.62
C PHE G 210 46.95 -23.15 65.55
N ASN G 211 47.56 -23.54 66.66
CA ASN G 211 48.20 -24.87 66.80
C ASN G 211 47.20 -25.79 67.46
N ARG G 212 46.95 -26.94 66.83
CA ARG G 212 45.86 -27.84 67.22
C ARG G 212 45.59 -27.91 68.73
N GLY G 213 44.80 -26.96 69.22
CA GLY G 213 44.46 -26.82 70.65
C GLY G 213 45.64 -26.95 71.59
N GLU G 214 46.71 -26.21 71.32
CA GLU G 214 47.98 -26.35 72.06
C GLU G 214 48.01 -25.57 73.38
N GLN H 1 -1.60 -2.47 55.20
CA GLN H 1 -2.58 -3.35 55.90
C GLN H 1 -2.67 -4.78 55.33
N VAL H 2 -2.86 -4.89 54.02
CA VAL H 2 -2.99 -6.19 53.34
C VAL H 2 -1.67 -6.97 53.34
N GLN H 3 -1.76 -8.28 53.48
CA GLN H 3 -0.57 -9.16 53.57
C GLN H 3 -0.81 -10.55 52.96
N LEU H 4 0.28 -11.30 52.80
CA LEU H 4 0.25 -12.58 52.12
C LEU H 4 1.31 -13.51 52.69
N GLN H 5 1.07 -14.81 52.64
CA GLN H 5 2.10 -15.77 53.07
C GLN H 5 2.03 -17.12 52.36
N GLU H 6 3.11 -17.47 51.65
CA GLU H 6 3.19 -18.74 50.95
C GLU H 6 3.38 -19.79 52.01
N SER H 7 2.90 -21.00 51.72
CA SER H 7 3.15 -22.18 52.56
C SER H 7 2.95 -23.43 51.72
N GLY H 8 3.62 -24.51 52.09
CA GLY H 8 3.60 -25.72 51.29
C GLY H 8 4.98 -26.35 51.20
N PRO H 9 5.05 -27.63 50.78
CA PRO H 9 6.29 -28.40 50.83
C PRO H 9 7.48 -27.73 50.16
N GLY H 10 8.59 -27.64 50.87
CA GLY H 10 9.84 -27.21 50.28
C GLY H 10 10.34 -28.30 49.34
N LEU H 11 10.42 -29.53 49.81
CA LEU H 11 10.80 -30.67 48.96
C LEU H 11 9.59 -31.25 48.21
N VAL H 12 9.79 -31.53 46.93
CA VAL H 12 8.79 -32.17 46.08
C VAL H 12 9.53 -33.15 45.17
N LYS H 13 8.97 -34.34 44.92
CA LYS H 13 9.67 -35.37 44.13
C LYS H 13 9.30 -35.27 42.66
N PRO H 14 10.21 -35.71 41.77
CA PRO H 14 10.01 -35.69 40.30
C PRO H 14 8.70 -36.34 39.95
N SER H 15 7.89 -35.61 39.19
CA SER H 15 6.63 -36.11 38.65
C SER H 15 5.52 -36.33 39.67
N GLN H 16 5.55 -35.59 40.77
CA GLN H 16 4.38 -35.47 41.63
C GLN H 16 3.76 -34.13 41.25
N THR H 17 2.62 -33.78 41.82
CA THR H 17 2.19 -32.40 41.72
C THR H 17 2.68 -31.68 42.96
N LEU H 18 3.17 -30.45 42.76
CA LEU H 18 3.59 -29.56 43.82
C LEU H 18 2.40 -28.66 44.13
N SER H 19 2.06 -28.52 45.40
CA SER H 19 0.97 -27.63 45.83
C SER H 19 1.51 -26.55 46.73
N LEU H 20 1.12 -25.31 46.47
CA LEU H 20 1.44 -24.20 47.35
C LEU H 20 0.15 -23.51 47.60
N THR H 21 0.15 -22.67 48.63
CA THR H 21 -1.07 -22.00 49.01
C THR H 21 -0.74 -20.67 49.68
N CYS H 22 -1.27 -19.62 49.09
CA CYS H 22 -1.08 -18.28 49.60
C CYS H 22 -2.26 -17.93 50.52
N THR H 23 -1.94 -17.33 51.67
CA THR H 23 -2.93 -17.04 52.72
C THR H 23 -3.02 -15.54 52.91
N VAL H 24 -4.23 -14.99 52.96
CA VAL H 24 -4.37 -13.55 53.04
C VAL H 24 -4.77 -13.06 54.43
N SER H 25 -4.39 -11.82 54.73
CA SER H 25 -4.73 -11.14 55.99
C SER H 25 -4.79 -9.64 55.78
N GLY H 26 -5.24 -8.91 56.80
CA GLY H 26 -5.29 -7.43 56.78
C GLY H 26 -6.21 -6.86 55.73
N GLY H 27 -7.08 -7.71 55.20
CA GLY H 27 -7.95 -7.42 54.04
C GLY H 27 -8.44 -8.74 53.46
N SER H 28 -9.54 -8.69 52.70
CA SER H 28 -10.14 -9.88 52.14
C SER H 28 -10.11 -9.87 50.61
N ILE H 29 -9.77 -11.02 50.01
CA ILE H 29 -9.65 -11.11 48.53
C ILE H 29 -10.94 -10.71 47.83
N SER H 30 -12.07 -10.91 48.52
CA SER H 30 -13.40 -10.62 47.97
C SER H 30 -13.55 -9.11 47.86
N SER H 31 -13.25 -8.63 46.67
CA SER H 31 -13.02 -7.23 46.41
C SER H 31 -12.89 -7.20 44.88
N GLY H 32 -14.04 -6.99 44.21
CA GLY H 32 -14.25 -7.17 42.73
C GLY H 32 -13.29 -6.50 41.74
N ASP H 33 -12.00 -6.71 41.95
CA ASP H 33 -10.96 -5.87 41.38
C ASP H 33 -9.70 -6.63 40.98
N TYR H 34 -8.90 -7.06 41.95
CA TYR H 34 -7.49 -7.40 41.70
C TYR H 34 -7.26 -8.86 41.37
N PHE H 35 -6.06 -9.13 40.84
CA PHE H 35 -5.65 -10.45 40.37
C PHE H 35 -4.58 -11.05 41.25
N TRP H 36 -4.91 -12.17 41.89
CA TRP H 36 -4.01 -12.83 42.83
C TRP H 36 -3.14 -13.79 42.10
N SER H 37 -1.82 -13.62 42.20
CA SER H 37 -0.87 -14.11 41.20
C SER H 37 0.25 -14.95 41.77
N TRP H 38 0.79 -15.86 40.96
CA TRP H 38 1.99 -16.60 41.32
C TRP H 38 3.14 -16.24 40.41
N ILE H 39 4.27 -15.91 41.01
CA ILE H 39 5.49 -15.70 40.25
C ILE H 39 6.54 -16.64 40.81
N ARG H 40 7.30 -17.27 39.93
CA ARG H 40 8.47 -18.00 40.40
C ARG H 40 9.74 -17.34 39.92
N GLN H 41 10.81 -17.49 40.70
CA GLN H 41 12.08 -16.89 40.40
C GLN H 41 12.98 -18.06 40.15
N LEU H 42 13.26 -18.30 38.88
CA LEU H 42 13.90 -19.54 38.45
C LEU H 42 15.37 -19.60 38.86
N PRO H 43 16.04 -20.75 38.68
CA PRO H 43 17.38 -21.00 39.21
C PRO H 43 18.33 -19.81 39.03
N GLY H 44 18.45 -19.01 40.11
CA GLY H 44 19.23 -17.75 40.14
C GLY H 44 19.15 -17.05 38.80
N LYS H 45 17.92 -16.78 38.36
CA LYS H 45 17.65 -16.58 36.95
C LYS H 45 16.57 -15.52 36.74
N GLY H 46 15.79 -15.68 35.66
CA GLY H 46 14.66 -14.83 35.33
C GLY H 46 13.44 -15.09 36.20
N LEU H 47 12.77 -14.00 36.58
CA LEU H 47 11.43 -14.04 37.10
C LEU H 47 10.52 -14.57 36.01
N GLU H 48 9.58 -15.44 36.39
CA GLU H 48 8.61 -16.03 35.49
C GLU H 48 7.20 -15.83 36.05
N TRP H 49 6.28 -15.40 35.22
CA TRP H 49 4.90 -15.20 35.66
C TRP H 49 4.12 -16.44 35.38
N ILE H 50 3.54 -17.05 36.42
CA ILE H 50 2.85 -18.34 36.28
C ILE H 50 1.39 -18.15 35.88
N GLY H 51 0.69 -17.33 36.63
CA GLY H 51 -0.63 -16.90 36.22
C GLY H 51 -1.31 -16.15 37.35
N HIS H 52 -2.57 -15.81 37.16
CA HIS H 52 -3.32 -15.20 38.23
C HIS H 52 -4.75 -15.63 38.23
N ILE H 53 -5.43 -15.47 39.36
CA ILE H 53 -6.86 -15.77 39.51
C ILE H 53 -7.60 -14.57 40.09
N HIS H 54 -8.81 -14.34 39.60
CA HIS H 54 -9.69 -13.25 40.05
C HIS H 54 -10.65 -13.74 41.10
N ASN H 55 -11.10 -12.84 41.97
CA ASN H 55 -11.99 -13.20 43.07
C ASN H 55 -13.24 -13.93 42.57
N SER H 56 -13.58 -13.74 41.30
CA SER H 56 -14.76 -14.39 40.73
C SER H 56 -14.47 -15.86 40.48
N GLY H 57 -13.34 -16.13 39.86
CA GLY H 57 -12.88 -17.51 39.69
C GLY H 57 -12.14 -17.65 38.39
N THR H 58 -12.26 -16.63 37.56
CA THR H 58 -11.62 -16.61 36.27
C THR H 58 -10.11 -16.56 36.44
N THR H 59 -9.40 -17.33 35.65
CA THR H 59 -7.96 -17.38 35.73
C THR H 59 -7.30 -16.81 34.46
N TYR H 60 -5.98 -16.63 34.48
CA TYR H 60 -5.19 -16.39 33.27
C TYR H 60 -3.92 -17.14 33.49
N TYR H 61 -3.59 -18.06 32.60
CA TYR H 61 -2.33 -18.77 32.79
C TYR H 61 -1.33 -18.41 31.73
N ASN H 62 -0.10 -18.80 31.99
CA ASN H 62 0.99 -18.57 31.06
C ASN H 62 1.03 -19.78 30.15
N PRO H 63 0.82 -19.56 28.85
CA PRO H 63 0.65 -20.61 27.86
C PRO H 63 1.69 -21.73 27.96
N SER H 64 2.91 -21.39 28.35
CA SER H 64 4.03 -22.34 28.38
C SER H 64 3.90 -23.30 29.55
N LEU H 65 3.06 -22.94 30.51
CA LEU H 65 2.62 -23.85 31.53
C LEU H 65 1.24 -24.35 31.08
N LYS H 66 1.30 -25.05 29.95
CA LYS H 66 0.15 -25.64 29.22
C LYS H 66 -0.68 -26.54 30.14
N SER H 67 -1.40 -25.85 31.03
CA SER H 67 -2.09 -26.49 32.10
C SER H 67 -1.35 -27.75 32.60
N ARG H 68 -0.23 -27.48 33.26
CA ARG H 68 0.29 -28.30 34.33
C ARG H 68 -0.15 -27.49 35.54
N VAL H 69 -0.59 -26.27 35.24
CA VAL H 69 -0.93 -25.28 36.23
C VAL H 69 -2.42 -25.14 36.40
N THR H 70 -2.86 -25.13 37.65
CA THR H 70 -4.17 -24.59 37.97
C THR H 70 -4.04 -23.75 39.21
N ILE H 71 -4.79 -22.66 39.25
CA ILE H 71 -4.89 -21.86 40.45
C ILE H 71 -6.34 -21.66 40.84
N SER H 72 -6.59 -21.63 42.16
CA SER H 72 -7.94 -21.61 42.71
C SER H 72 -8.09 -20.60 43.86
N VAL H 73 -9.33 -20.29 44.22
CA VAL H 73 -9.60 -19.44 45.39
C VAL H 73 -10.58 -20.05 46.36
N ASP H 74 -10.36 -19.81 47.64
CA ASP H 74 -11.32 -20.25 48.63
C ASP H 74 -11.49 -19.16 49.69
N THR H 75 -12.24 -18.11 49.34
CA THR H 75 -12.47 -16.99 50.26
C THR H 75 -12.85 -17.47 51.66
N SER H 76 -13.45 -18.66 51.73
CA SER H 76 -13.89 -19.20 53.01
C SER H 76 -12.73 -19.63 53.90
N LYS H 77 -11.56 -19.82 53.28
CA LYS H 77 -10.32 -20.22 53.97
C LYS H 77 -9.24 -19.14 53.82
N LYS H 78 -9.68 -17.95 53.40
CA LYS H 78 -8.82 -16.94 52.75
C LYS H 78 -7.50 -17.46 52.16
N GLN H 79 -7.63 -18.31 51.15
CA GLN H 79 -6.51 -18.88 50.43
C GLN H 79 -6.64 -18.53 48.97
N PHE H 80 -5.52 -18.60 48.24
CA PHE H 80 -5.55 -18.93 46.83
C PHE H 80 -4.38 -19.87 46.58
N SER H 81 -4.50 -20.72 45.60
CA SER H 81 -3.64 -21.89 45.58
C SER H 81 -3.02 -22.09 44.22
N LEU H 82 -1.99 -22.94 44.16
CA LEU H 82 -1.32 -23.24 42.92
C LEU H 82 -0.97 -24.72 42.94
N ARG H 83 -1.46 -25.44 41.95
CA ARG H 83 -1.11 -26.83 41.76
C ARG H 83 -0.37 -26.84 40.47
N LEU H 84 0.86 -27.32 40.51
CA LEU H 84 1.66 -27.42 39.31
C LEU H 84 1.99 -28.90 39.15
N SER H 85 1.47 -29.49 38.07
CA SER H 85 1.58 -30.93 37.80
C SER H 85 2.83 -31.31 37.03
N SER H 86 3.26 -32.56 37.21
CA SER H 86 4.33 -33.20 36.42
C SER H 86 5.64 -32.44 36.50
N VAL H 87 5.96 -32.00 37.71
CA VAL H 87 7.16 -31.21 37.98
C VAL H 87 8.44 -31.95 37.60
N THR H 88 9.43 -31.18 37.15
CA THR H 88 10.75 -31.73 36.86
C THR H 88 11.74 -30.92 37.69
N ALA H 89 13.03 -31.27 37.64
CA ALA H 89 14.06 -30.45 38.31
C ALA H 89 13.94 -29.01 37.86
N ALA H 90 13.55 -28.82 36.60
CA ALA H 90 13.43 -27.49 36.02
C ALA H 90 12.48 -26.60 36.79
N ASP H 91 11.63 -27.20 37.62
CA ASP H 91 10.61 -26.47 38.37
C ASP H 91 11.10 -26.01 39.73
N THR H 92 12.35 -26.35 40.07
CA THR H 92 12.99 -25.84 41.28
C THR H 92 13.08 -24.32 41.18
N ALA H 93 12.64 -23.61 42.22
CA ALA H 93 12.54 -22.17 42.14
C ALA H 93 11.94 -21.57 43.38
N VAL H 94 12.00 -20.25 43.48
CA VAL H 94 11.33 -19.57 44.56
C VAL H 94 9.96 -19.17 44.04
N TYR H 95 8.90 -19.52 44.78
CA TYR H 95 7.53 -19.26 44.38
C TYR H 95 7.00 -18.19 45.27
N TYR H 96 6.84 -17.01 44.69
CA TYR H 96 6.24 -15.89 45.40
C TYR H 96 4.78 -15.94 45.04
N CYS H 97 3.94 -15.68 46.01
CA CYS H 97 2.55 -15.36 45.71
C CYS H 97 2.46 -13.84 45.88
N ALA H 98 1.54 -13.20 45.18
CA ALA H 98 1.47 -11.74 45.25
C ALA H 98 0.22 -11.19 44.63
N ARG H 99 -0.04 -9.91 44.90
CA ARG H 99 -1.28 -9.29 44.48
C ARG H 99 -1.05 -8.21 43.48
N ASP H 100 -1.38 -8.49 42.23
CA ASP H 100 -1.37 -7.49 41.20
C ASP H 100 -2.72 -6.80 41.11
N ARG H 101 -2.71 -5.48 40.97
CA ARG H 101 -3.90 -4.74 40.61
C ARG H 101 -4.23 -5.02 39.15
N GLY H 102 -5.50 -4.89 38.79
CA GLY H 102 -5.90 -5.22 37.42
C GLY H 102 -5.77 -3.98 36.58
N GLY H 103 -5.21 -2.95 37.17
CA GLY H 103 -5.46 -1.62 36.70
C GLY H 103 -6.76 -1.29 37.38
N ASP H 104 -7.01 -1.94 38.52
CA ASP H 104 -7.87 -1.34 39.51
C ASP H 104 -7.00 -0.27 40.14
N TYR H 105 -6.74 0.72 39.28
CA TYR H 105 -5.86 1.84 39.50
C TYR H 105 -4.57 1.56 38.70
N TYR H 106 -3.67 0.72 39.25
CA TYR H 106 -2.29 0.55 38.74
C TYR H 106 -2.16 -0.21 37.44
N TYR H 107 -2.09 -1.54 37.56
CA TYR H 107 -1.21 -2.43 36.74
C TYR H 107 0.20 -2.58 37.33
N GLY H 108 0.40 -3.65 38.09
CA GLY H 108 1.63 -3.85 38.87
C GLY H 108 1.38 -4.47 40.25
N MET H 109 2.23 -5.42 40.65
CA MET H 109 2.04 -6.08 41.94
C MET H 109 2.73 -5.38 43.08
N ASP H 110 1.91 -4.96 44.04
CA ASP H 110 2.28 -4.03 45.07
C ASP H 110 2.30 -4.67 46.46
N VAL H 111 1.89 -5.93 46.56
CA VAL H 111 1.87 -6.66 47.82
C VAL H 111 2.39 -8.05 47.52
N TRP H 112 3.53 -8.40 48.09
CA TRP H 112 4.11 -9.72 47.86
C TRP H 112 4.27 -10.49 49.14
N GLY H 113 4.10 -11.80 49.08
CA GLY H 113 4.54 -12.69 50.15
C GLY H 113 6.04 -12.87 50.05
N GLN H 114 6.67 -13.36 51.11
CA GLN H 114 8.13 -13.47 51.17
C GLN H 114 8.67 -14.70 50.46
N GLY H 115 7.79 -15.60 50.04
CA GLY H 115 8.11 -16.59 49.02
C GLY H 115 8.81 -17.85 49.49
N THR H 116 8.08 -18.98 49.45
CA THR H 116 8.65 -20.31 49.76
C THR H 116 9.52 -20.83 48.63
N THR H 117 10.66 -21.38 48.98
CA THR H 117 11.59 -21.92 48.01
C THR H 117 11.41 -23.44 47.88
N VAL H 118 11.37 -23.94 46.65
CA VAL H 118 10.92 -25.32 46.38
C VAL H 118 11.92 -26.13 45.57
N THR H 119 12.61 -27.06 46.22
CA THR H 119 13.51 -27.95 45.49
C THR H 119 12.74 -29.17 45.01
N VAL H 120 12.99 -29.55 43.76
CA VAL H 120 12.40 -30.76 43.21
C VAL H 120 13.46 -31.83 43.05
N SER H 121 13.40 -32.81 43.96
CA SER H 121 14.40 -33.88 44.03
C SER H 121 13.85 -35.08 44.79
N SER H 122 14.11 -36.26 44.23
CA SER H 122 13.86 -37.51 44.95
C SER H 122 15.08 -37.77 45.85
N ALA H 123 15.11 -37.11 47.01
CA ALA H 123 16.23 -37.19 47.92
C ALA H 123 15.70 -36.76 49.27
N SER H 124 16.11 -37.48 50.31
CA SER H 124 15.49 -37.35 51.63
C SER H 124 15.79 -36.00 52.23
N THR H 125 14.84 -35.45 52.97
CA THR H 125 15.16 -34.28 53.77
C THR H 125 16.13 -34.67 54.90
N LYS H 126 17.10 -33.80 55.21
CA LYS H 126 17.98 -33.97 56.36
C LYS H 126 18.09 -32.64 57.10
N GLY H 127 17.76 -32.64 58.39
CA GLY H 127 17.95 -31.48 59.27
C GLY H 127 19.42 -31.19 59.55
N PRO H 128 19.76 -29.91 59.82
CA PRO H 128 21.16 -29.52 59.90
C PRO H 128 21.81 -29.83 61.23
N SER H 129 23.13 -29.92 61.27
CA SER H 129 23.89 -29.88 62.52
C SER H 129 24.41 -28.45 62.74
N VAL H 130 24.52 -28.00 63.99
CA VAL H 130 24.80 -26.58 64.28
C VAL H 130 25.96 -26.31 65.26
N PHE H 131 27.20 -26.59 64.85
CA PHE H 131 28.33 -26.35 65.75
C PHE H 131 28.74 -24.88 65.85
N PRO H 132 29.28 -24.43 66.99
CA PRO H 132 29.56 -23.01 67.08
C PRO H 132 30.95 -22.64 66.55
N LEU H 133 31.10 -21.37 66.19
CA LEU H 133 32.37 -20.78 65.84
C LEU H 133 32.67 -19.79 66.96
N ALA H 134 33.68 -20.11 67.77
CA ALA H 134 33.91 -19.43 69.05
C ALA H 134 35.00 -18.37 68.94
N PRO H 135 34.88 -17.27 69.72
CA PRO H 135 35.69 -16.04 69.73
C PRO H 135 37.18 -16.05 69.24
N SER H 136 38.12 -16.48 70.11
CA SER H 136 39.59 -16.51 69.85
C SER H 136 40.36 -15.67 70.88
N SER H 141 40.08 -6.72 75.46
CA SER H 141 40.00 -5.29 75.21
C SER H 141 40.45 -4.88 73.78
N GLY H 142 41.31 -5.70 73.17
CA GLY H 142 41.80 -5.41 71.83
C GLY H 142 41.22 -6.31 70.75
N GLY H 143 40.15 -5.86 70.08
CA GLY H 143 39.46 -4.61 70.37
C GLY H 143 37.99 -4.80 70.06
N THR H 144 37.72 -5.86 69.31
CA THR H 144 36.38 -6.22 68.80
C THR H 144 36.42 -7.70 68.42
N ALA H 145 35.43 -8.47 68.85
CA ALA H 145 35.50 -9.92 68.65
C ALA H 145 34.40 -10.47 67.74
N ALA H 146 34.73 -11.52 67.00
CA ALA H 146 33.82 -12.06 66.00
C ALA H 146 33.55 -13.54 66.24
N LEU H 147 32.28 -13.88 66.39
CA LEU H 147 31.83 -15.25 66.68
C LEU H 147 30.71 -15.66 65.75
N GLY H 148 30.52 -16.96 65.59
CA GLY H 148 29.40 -17.45 64.79
C GLY H 148 28.91 -18.84 65.15
N CYS H 149 28.08 -19.41 64.28
CA CYS H 149 27.88 -20.85 64.28
C CYS H 149 27.76 -21.40 62.84
N LEU H 150 27.91 -22.70 62.71
CA LEU H 150 28.05 -23.31 61.41
C LEU H 150 26.95 -24.35 61.20
N VAL H 151 25.94 -23.97 60.40
CA VAL H 151 24.84 -24.83 60.02
C VAL H 151 25.31 -25.78 58.92
N LYS H 152 25.62 -27.01 59.31
CA LYS H 152 26.17 -28.01 58.40
C LYS H 152 25.18 -29.15 58.05
N ASP H 153 25.21 -29.57 56.79
CA ASP H 153 24.42 -30.70 56.24
C ASP H 153 22.87 -30.74 56.40
N TYR H 154 22.14 -29.76 55.85
CA TYR H 154 20.72 -29.96 55.47
C TYR H 154 20.82 -30.41 54.01
N PHE H 155 19.92 -31.18 53.42
CA PHE H 155 18.77 -30.83 52.57
C PHE H 155 17.38 -30.59 53.13
N PRO H 156 16.45 -29.95 52.34
CA PRO H 156 16.58 -29.08 51.15
C PRO H 156 16.85 -27.62 51.57
N GLU H 157 16.56 -26.64 50.74
CA GLU H 157 17.39 -25.45 50.85
C GLU H 157 17.06 -24.21 51.69
N PRO H 158 15.94 -24.19 52.41
CA PRO H 158 15.96 -23.01 53.28
C PRO H 158 16.09 -23.30 54.78
N VAL H 159 17.27 -22.99 55.31
CA VAL H 159 17.53 -22.88 56.75
C VAL H 159 17.50 -21.40 57.11
N THR H 160 16.95 -21.05 58.25
CA THR H 160 17.00 -19.63 58.67
C THR H 160 17.60 -19.40 60.04
N VAL H 161 18.57 -18.50 60.11
CA VAL H 161 19.32 -18.28 61.37
C VAL H 161 19.11 -16.88 61.95
N SER H 162 19.15 -16.74 63.26
CA SER H 162 19.14 -15.41 63.84
C SER H 162 19.92 -15.43 65.12
N TRP H 163 20.08 -14.27 65.75
CA TRP H 163 20.88 -14.21 66.97
C TRP H 163 20.13 -13.72 68.15
N ASN H 164 20.30 -14.45 69.25
CA ASN H 164 19.56 -14.21 70.48
C ASN H 164 18.08 -14.39 70.13
N SER H 165 17.50 -13.45 69.41
CA SER H 165 16.45 -13.78 68.45
C SER H 165 15.84 -12.52 67.87
N GLY H 166 16.56 -11.94 66.93
CA GLY H 166 16.14 -10.69 66.30
C GLY H 166 16.46 -9.54 67.23
N ALA H 167 16.86 -9.87 68.46
CA ALA H 167 17.36 -8.92 69.43
C ALA H 167 18.65 -8.32 68.89
N LEU H 168 19.56 -9.18 68.43
CA LEU H 168 20.86 -8.78 67.89
C LEU H 168 20.88 -8.97 66.39
N THR H 169 20.93 -7.86 65.65
CA THR H 169 20.97 -7.91 64.17
C THR H 169 22.24 -7.22 63.60
N SER H 170 22.56 -6.07 64.18
CA SER H 170 23.74 -5.31 63.84
C SER H 170 24.96 -6.21 63.85
N GLY H 171 25.59 -6.37 62.69
CA GLY H 171 26.86 -7.08 62.60
C GLY H 171 26.78 -8.56 62.25
N VAL H 172 25.57 -9.09 62.14
CA VAL H 172 25.38 -10.44 61.60
C VAL H 172 25.72 -10.39 60.13
N HIS H 173 26.40 -11.42 59.62
CA HIS H 173 26.51 -11.71 58.19
C HIS H 173 26.24 -13.18 58.08
N THR H 174 25.04 -13.54 57.62
CA THR H 174 24.73 -14.95 57.34
C THR H 174 25.04 -15.27 55.86
N PHE H 175 25.96 -16.19 55.61
CA PHE H 175 26.41 -16.45 54.25
C PHE H 175 25.49 -17.31 53.46
N PRO H 176 25.44 -17.04 52.15
CA PRO H 176 24.95 -17.89 51.12
C PRO H 176 25.30 -19.33 51.41
N ALA H 177 24.30 -20.21 51.38
CA ALA H 177 24.51 -21.62 51.55
C ALA H 177 25.28 -22.14 50.35
N VAL H 178 26.30 -22.97 50.57
CA VAL H 178 27.00 -23.69 49.49
C VAL H 178 26.58 -25.17 49.47
N LEU H 179 26.57 -25.75 48.28
CA LEU H 179 26.18 -27.14 48.12
C LEU H 179 27.41 -28.04 48.06
N GLN H 180 27.78 -28.65 49.18
CA GLN H 180 28.94 -29.55 49.26
C GLN H 180 28.79 -30.75 48.33
N SER H 181 29.89 -31.49 48.15
CA SER H 181 29.93 -32.69 47.28
C SER H 181 29.04 -33.81 47.79
N SER H 182 28.84 -33.81 49.11
CA SER H 182 27.87 -34.65 49.79
C SER H 182 26.41 -34.48 49.31
N GLY H 183 26.17 -33.45 48.50
CA GLY H 183 24.83 -33.17 48.00
C GLY H 183 23.96 -32.50 49.04
N LEU H 184 24.61 -31.98 50.08
CA LEU H 184 23.94 -31.35 51.22
C LEU H 184 24.41 -29.92 51.38
N TYR H 185 23.77 -29.16 52.25
CA TYR H 185 24.02 -27.74 52.34
C TYR H 185 24.66 -27.26 53.62
N SER H 186 25.73 -26.49 53.48
CA SER H 186 26.39 -25.90 54.62
C SER H 186 26.46 -24.38 54.45
N LEU H 187 26.23 -23.67 55.55
CA LEU H 187 26.13 -22.22 55.61
C LEU H 187 26.72 -21.83 56.96
N SER H 188 27.07 -20.56 57.13
CA SER H 188 27.58 -20.09 58.41
C SER H 188 27.02 -18.72 58.67
N SER H 189 26.77 -18.41 59.93
CA SER H 189 26.41 -17.04 60.30
C SER H 189 27.48 -16.53 61.26
N VAL H 190 27.78 -15.24 61.20
CA VAL H 190 28.77 -14.61 62.08
C VAL H 190 28.29 -13.26 62.59
N VAL H 191 28.76 -12.89 63.76
CA VAL H 191 28.45 -11.58 64.33
C VAL H 191 29.73 -11.01 64.89
N THR H 192 29.86 -9.70 64.87
CA THR H 192 30.99 -9.08 65.53
C THR H 192 30.43 -8.26 66.65
N VAL H 193 31.07 -8.33 67.81
CA VAL H 193 30.68 -7.54 68.97
C VAL H 193 31.89 -6.92 69.68
N PRO H 194 31.62 -5.85 70.47
CA PRO H 194 32.53 -5.35 71.48
C PRO H 194 33.31 -6.49 72.13
N SER H 195 34.64 -6.43 72.06
CA SER H 195 35.55 -7.45 72.61
C SER H 195 35.26 -7.72 74.10
N SER H 196 34.95 -6.64 74.80
CA SER H 196 34.68 -6.62 76.24
C SER H 196 33.25 -7.05 76.60
N SER H 197 32.42 -7.26 75.59
CA SER H 197 31.03 -7.67 75.80
C SER H 197 30.89 -9.19 76.03
N LEU H 198 31.95 -9.93 75.71
CA LEU H 198 32.07 -11.36 75.98
C LEU H 198 31.98 -11.67 77.46
N GLY H 199 31.15 -12.63 77.84
CA GLY H 199 30.98 -12.97 79.26
C GLY H 199 29.74 -12.35 79.88
N THR H 200 29.39 -11.13 79.45
CA THR H 200 28.16 -10.49 79.91
C THR H 200 26.96 -10.83 79.02
N GLN H 201 26.93 -10.23 77.82
CA GLN H 201 25.88 -10.55 76.86
C GLN H 201 26.18 -11.94 76.32
N THR H 202 25.16 -12.79 76.33
CA THR H 202 25.34 -14.16 75.86
C THR H 202 24.78 -14.34 74.47
N TYR H 203 25.46 -15.15 73.69
CA TYR H 203 25.20 -15.22 72.27
C TYR H 203 24.70 -16.59 71.84
N ILE H 204 23.41 -16.62 71.49
CA ILE H 204 22.77 -17.83 71.00
C ILE H 204 22.34 -17.60 69.56
N CYS H 205 22.69 -18.54 68.70
CA CYS H 205 22.16 -18.52 67.34
C CYS H 205 21.01 -19.50 67.22
N ASN H 206 19.92 -19.05 66.60
CA ASN H 206 18.74 -19.88 66.45
C ASN H 206 18.53 -20.26 65.00
N VAL H 207 18.72 -21.54 64.74
CA VAL H 207 18.73 -22.14 63.41
C VAL H 207 17.45 -22.94 63.21
N ASN H 208 16.74 -22.68 62.10
CA ASN H 208 15.47 -23.34 61.78
C ASN H 208 15.53 -24.09 60.46
N HIS H 209 14.74 -25.16 60.33
CA HIS H 209 14.65 -25.90 59.08
C HIS H 209 13.32 -26.57 58.90
N LYS H 210 12.29 -25.78 58.56
CA LYS H 210 10.93 -26.29 58.34
C LYS H 210 10.94 -27.70 57.73
N PRO H 211 11.63 -27.89 56.57
CA PRO H 211 11.58 -29.16 55.83
C PRO H 211 11.85 -30.42 56.64
N SER H 212 12.17 -30.24 57.91
CA SER H 212 12.53 -31.33 58.81
C SER H 212 12.18 -31.05 60.27
N ASN H 213 11.24 -30.15 60.50
CA ASN H 213 10.74 -29.80 61.84
C ASN H 213 11.83 -29.37 62.85
N THR H 214 13.00 -29.00 62.33
CA THR H 214 14.17 -28.62 63.14
C THR H 214 14.17 -27.20 63.73
N LYS H 215 14.47 -27.09 65.03
CA LYS H 215 14.71 -25.79 65.66
C LYS H 215 15.68 -25.98 66.82
N VAL H 216 16.92 -25.51 66.63
CA VAL H 216 18.00 -25.65 67.60
C VAL H 216 18.43 -24.26 68.01
N ASP H 217 18.97 -24.13 69.23
CA ASP H 217 19.53 -22.85 69.69
C ASP H 217 20.93 -23.07 70.30
N LYS H 218 22.03 -22.91 69.54
CA LYS H 218 23.38 -23.05 70.14
C LYS H 218 23.85 -21.76 70.79
N LYS H 219 24.38 -21.89 72.02
CA LYS H 219 25.08 -20.80 72.71
C LYS H 219 26.52 -20.87 72.24
N VAL H 220 27.09 -19.69 71.98
CA VAL H 220 28.45 -19.61 71.49
C VAL H 220 29.31 -18.93 72.54
N GLU H 221 30.35 -19.63 73.00
CA GLU H 221 31.21 -19.15 74.10
C GLU H 221 32.70 -19.56 73.94
N PRO H 222 33.63 -18.68 74.40
CA PRO H 222 35.10 -18.81 74.21
C PRO H 222 35.70 -20.18 74.51
N GLU I 1 9.46 -9.99 -22.58
CA GLU I 1 10.81 -10.10 -23.19
C GLU I 1 11.56 -8.82 -22.96
N ILE I 2 12.74 -8.91 -22.34
CA ILE I 2 13.52 -7.71 -22.01
C ILE I 2 14.11 -7.05 -23.25
N VAL I 3 13.93 -5.73 -23.37
CA VAL I 3 14.46 -5.00 -24.53
C VAL I 3 15.69 -4.17 -24.18
N LEU I 4 16.77 -4.39 -24.94
CA LEU I 4 18.03 -3.71 -24.71
C LEU I 4 18.23 -2.56 -25.69
N THR I 5 18.20 -1.34 -25.17
CA THR I 5 18.32 -0.17 -26.02
C THR I 5 19.73 0.39 -25.91
N GLN I 6 20.53 0.18 -26.96
CA GLN I 6 21.93 0.59 -26.92
C GLN I 6 22.14 2.01 -27.42
N SER I 7 23.14 2.68 -26.85
CA SER I 7 23.37 4.12 -27.07
C SER I 7 24.82 4.55 -27.19
N PRO I 8 25.11 5.42 -28.18
CA PRO I 8 24.13 5.87 -29.15
C PRO I 8 24.11 4.94 -30.39
N GLY I 9 23.44 5.38 -31.45
CA GLY I 9 23.44 4.65 -32.72
C GLY I 9 24.86 4.35 -33.17
N THR I 10 25.55 5.38 -33.65
CA THR I 10 26.97 5.26 -34.00
C THR I 10 27.84 6.28 -33.24
N LEU I 11 29.13 5.96 -33.15
CA LEU I 11 30.13 6.82 -32.52
C LEU I 11 31.28 7.17 -33.45
N SER I 12 31.65 8.46 -33.46
CA SER I 12 32.82 8.94 -34.19
C SER I 12 33.88 9.52 -33.25
N LEU I 13 35.03 8.88 -33.17
CA LEU I 13 36.10 9.31 -32.26
C LEU I 13 37.51 9.06 -32.80
N SER I 14 38.38 10.06 -32.64
CA SER I 14 39.79 9.98 -33.09
C SER I 14 40.63 9.09 -32.17
N PRO I 15 41.58 8.33 -32.75
CA PRO I 15 42.22 7.19 -32.09
C PRO I 15 43.06 7.51 -30.85
N GLY I 16 42.45 8.18 -29.88
CA GLY I 16 43.05 8.46 -28.59
C GLY I 16 42.01 8.78 -27.55
N GLU I 17 40.87 9.32 -28.02
CA GLU I 17 39.72 9.70 -27.20
C GLU I 17 39.08 8.48 -26.51
N ARG I 18 38.09 8.74 -25.67
CA ARG I 18 37.44 7.71 -24.85
C ARG I 18 36.07 7.35 -25.44
N ALA I 19 35.79 6.06 -25.54
CA ALA I 19 34.49 5.61 -26.05
C ALA I 19 33.61 5.08 -24.91
N THR I 20 32.49 5.76 -24.66
CA THR I 20 31.55 5.35 -23.61
C THR I 20 30.25 4.86 -24.23
N LEU I 21 29.98 3.57 -24.07
CA LEU I 21 28.86 2.88 -24.73
C LEU I 21 27.76 2.42 -23.77
N SER I 22 26.51 2.69 -24.13
CA SER I 22 25.38 2.40 -23.25
C SER I 22 24.45 1.27 -23.68
N CYS I 23 23.82 0.68 -22.67
CA CYS I 23 22.85 -0.41 -22.83
C CYS I 23 21.85 -0.34 -21.67
N ARG I 24 20.59 -0.01 -22.02
CA ARG I 24 19.52 0.11 -21.02
C ARG I 24 18.55 -1.06 -21.07
N ALA I 25 18.34 -1.68 -19.92
CA ALA I 25 17.46 -2.81 -19.81
C ALA I 25 16.06 -2.30 -19.55
N SER I 26 15.07 -2.92 -20.20
CA SER I 26 13.68 -2.53 -20.03
C SER I 26 13.25 -2.88 -18.63
N GLN I 27 13.98 -3.81 -18.01
CA GLN I 27 13.81 -4.10 -16.60
C GLN I 27 15.11 -4.50 -15.94
N GLY I 28 15.17 -4.31 -14.62
CA GLY I 28 16.37 -4.61 -13.87
C GLY I 28 16.84 -6.03 -14.13
N ILE I 29 18.16 -6.21 -14.25
CA ILE I 29 18.79 -7.53 -14.33
C ILE I 29 20.06 -7.56 -13.50
N SER I 30 20.57 -8.77 -13.24
CA SER I 30 21.40 -9.03 -12.07
C SER I 30 22.82 -8.45 -12.09
N ARG I 31 23.37 -8.28 -13.29
CA ARG I 31 24.81 -7.97 -13.50
C ARG I 31 25.49 -9.27 -13.89
N SER I 32 25.20 -10.34 -13.16
CA SER I 32 25.69 -11.65 -13.52
C SER I 32 25.18 -11.93 -14.91
N TYR I 33 23.99 -11.43 -15.22
CA TYR I 33 23.33 -11.80 -16.46
C TYR I 33 23.53 -10.81 -17.60
N LEU I 34 24.55 -9.94 -17.52
CA LEU I 34 24.79 -9.04 -18.65
C LEU I 34 26.17 -9.12 -19.28
N ALA I 35 26.18 -9.27 -20.61
CA ALA I 35 27.39 -9.51 -21.36
C ALA I 35 27.53 -8.58 -22.56
N TRP I 36 28.78 -8.34 -22.95
CA TRP I 36 29.12 -7.46 -24.06
C TRP I 36 29.88 -8.20 -25.14
N TYR I 37 29.49 -7.98 -26.40
CA TYR I 37 30.12 -8.66 -27.51
C TYR I 37 30.69 -7.66 -28.47
N GLN I 38 31.80 -8.03 -29.09
CA GLN I 38 32.39 -7.27 -30.20
C GLN I 38 32.37 -8.06 -31.52
N GLN I 39 31.78 -7.45 -32.54
CA GLN I 39 31.68 -8.11 -33.84
C GLN I 39 32.37 -7.27 -34.91
N LYS I 40 33.58 -7.69 -35.27
CA LYS I 40 34.34 -7.03 -36.33
C LYS I 40 33.87 -7.56 -37.69
N PRO I 41 33.93 -6.73 -38.76
CA PRO I 41 33.12 -7.01 -39.95
C PRO I 41 33.46 -8.35 -40.59
N GLY I 42 32.45 -9.01 -41.14
CA GLY I 42 32.61 -10.33 -41.77
C GLY I 42 33.10 -11.42 -40.84
N GLN I 43 32.75 -11.31 -39.55
CA GLN I 43 33.15 -12.28 -38.55
C GLN I 43 32.02 -12.63 -37.60
N ALA I 44 32.23 -13.69 -36.83
CA ALA I 44 31.39 -14.00 -35.70
C ALA I 44 31.63 -12.98 -34.58
N PRO I 45 30.58 -12.70 -33.78
CA PRO I 45 30.75 -11.93 -32.56
C PRO I 45 31.72 -12.61 -31.61
N SER I 46 32.55 -11.79 -30.98
CA SER I 46 33.48 -12.25 -29.96
C SER I 46 33.13 -11.59 -28.61
N LEU I 47 33.23 -12.37 -27.55
CA LEU I 47 32.76 -11.93 -26.25
C LEU I 47 33.80 -11.10 -25.50
N LEU I 48 33.44 -9.85 -25.19
CA LEU I 48 34.31 -8.92 -24.46
C LEU I 48 34.20 -9.07 -22.96
N ILE I 49 32.96 -8.91 -22.49
CA ILE I 49 32.64 -8.78 -21.08
C ILE I 49 31.52 -9.74 -20.74
N TYR I 50 31.74 -10.55 -19.70
CA TYR I 50 30.67 -11.24 -19.03
C TYR I 50 30.54 -10.67 -17.62
N GLY I 51 29.37 -10.81 -17.01
CA GLY I 51 29.21 -10.41 -15.62
C GLY I 51 29.22 -8.91 -15.44
N ALA I 52 28.67 -8.19 -16.42
CA ALA I 52 28.57 -6.71 -16.39
C ALA I 52 29.90 -5.96 -16.60
N SER I 53 30.95 -6.52 -15.99
CA SER I 53 32.19 -5.83 -15.72
C SER I 53 33.36 -6.81 -15.50
N SER I 54 33.42 -7.87 -16.28
CA SER I 54 34.51 -8.87 -16.18
C SER I 54 35.06 -9.19 -17.55
N ARG I 55 36.38 -9.04 -17.66
CA ARG I 55 37.04 -9.06 -18.94
C ARG I 55 37.27 -10.49 -19.38
N ALA I 56 36.84 -10.80 -20.59
CA ALA I 56 37.00 -12.15 -21.14
C ALA I 56 38.45 -12.38 -21.60
N THR I 57 38.77 -13.66 -21.83
CA THR I 57 40.13 -14.10 -22.12
C THR I 57 40.84 -13.30 -23.22
N GLY I 58 41.92 -12.62 -22.82
CA GLY I 58 42.73 -11.87 -23.76
C GLY I 58 42.04 -10.64 -24.32
N ILE I 59 41.31 -9.93 -23.47
CA ILE I 59 40.78 -8.63 -23.84
C ILE I 59 41.52 -7.55 -23.04
N PRO I 60 42.12 -6.57 -23.75
CA PRO I 60 43.01 -5.61 -23.10
C PRO I 60 42.31 -4.77 -22.05
N ASP I 61 43.04 -4.49 -20.96
CA ASP I 61 42.60 -3.58 -19.91
C ASP I 61 41.91 -2.34 -20.46
N ARG I 62 42.19 -2.05 -21.73
CA ARG I 62 41.58 -0.95 -22.47
C ARG I 62 40.06 -0.98 -22.35
N PHE I 63 39.51 -2.18 -22.47
CA PHE I 63 38.08 -2.42 -22.37
C PHE I 63 37.64 -2.52 -20.91
N SER I 64 36.58 -1.80 -20.57
CA SER I 64 36.15 -1.69 -19.19
C SER I 64 34.63 -1.52 -19.09
N GLY I 65 33.97 -2.46 -18.42
CA GLY I 65 32.51 -2.41 -18.26
C GLY I 65 32.05 -2.14 -16.84
N SER I 66 30.84 -1.59 -16.71
CA SER I 66 30.23 -1.28 -15.41
C SER I 66 28.72 -1.30 -15.49
N GLY I 67 28.09 -1.00 -14.37
CA GLY I 67 26.64 -0.86 -14.30
C GLY I 67 25.92 -1.85 -13.39
N SER I 68 24.64 -1.57 -13.18
CA SER I 68 23.72 -2.53 -12.58
C SER I 68 22.29 -2.05 -12.83
N GLY I 69 21.32 -2.89 -12.48
CA GLY I 69 19.92 -2.55 -12.66
C GLY I 69 19.56 -2.50 -14.12
N THR I 70 19.52 -1.30 -14.68
CA THR I 70 19.12 -1.14 -16.06
C THR I 70 20.10 -0.27 -16.84
N ASP I 71 21.04 0.33 -16.13
CA ASP I 71 22.07 1.15 -16.79
C ASP I 71 23.39 0.42 -16.76
N PHE I 72 23.82 -0.02 -17.94
CA PHE I 72 25.10 -0.70 -18.13
C PHE I 72 25.94 0.05 -19.13
N THR I 73 27.23 0.18 -18.82
CA THR I 73 28.13 0.94 -19.65
C THR I 73 29.36 0.12 -20.01
N LEU I 74 29.74 0.20 -21.29
CA LEU I 74 31.02 -0.30 -21.77
C LEU I 74 31.91 0.88 -22.09
N THR I 75 33.10 0.90 -21.50
CA THR I 75 34.02 2.03 -21.61
C THR I 75 35.36 1.61 -22.18
N ILE I 76 35.61 2.05 -23.42
CA ILE I 76 36.88 1.87 -24.10
C ILE I 76 37.73 3.09 -23.78
N SER I 77 38.69 2.92 -22.87
CA SER I 77 39.46 4.05 -22.34
C SER I 77 40.26 4.80 -23.42
N ARG I 78 41.15 4.06 -24.09
CA ARG I 78 42.05 4.62 -25.10
C ARG I 78 41.75 4.00 -26.45
N LEU I 79 41.08 4.72 -27.32
CA LEU I 79 40.77 4.12 -28.63
C LEU I 79 42.03 3.79 -29.45
N GLU I 80 42.24 2.50 -29.70
CA GLU I 80 43.08 2.06 -30.82
C GLU I 80 42.18 2.09 -32.08
N PRO I 81 42.79 2.10 -33.29
CA PRO I 81 41.94 2.08 -34.49
C PRO I 81 41.63 0.65 -34.93
N GLU I 82 42.34 -0.30 -34.32
CA GLU I 82 42.11 -1.73 -34.51
C GLU I 82 40.69 -2.06 -34.08
N ASP I 83 40.26 -1.43 -32.97
CA ASP I 83 38.94 -1.60 -32.37
C ASP I 83 37.79 -1.64 -33.39
N PHE I 84 37.33 -0.47 -33.85
CA PHE I 84 36.26 -0.36 -34.88
C PHE I 84 35.42 -1.62 -35.07
N ALA I 85 34.26 -1.63 -34.42
CA ALA I 85 33.34 -2.74 -34.56
C ALA I 85 31.92 -2.26 -34.35
N VAL I 86 31.01 -3.23 -34.30
CA VAL I 86 29.70 -3.06 -33.72
C VAL I 86 29.72 -3.83 -32.40
N TYR I 87 29.32 -3.14 -31.35
CA TYR I 87 29.41 -3.66 -29.98
C TYR I 87 28.02 -3.95 -29.45
N TYR I 88 27.86 -5.13 -28.86
CA TYR I 88 26.55 -5.61 -28.47
C TYR I 88 26.45 -5.97 -26.99
N CYS I 89 25.29 -5.71 -26.39
CA CYS I 89 24.94 -6.28 -25.08
C CYS I 89 23.86 -7.35 -25.22
N GLN I 90 24.02 -8.44 -24.48
CA GLN I 90 22.92 -9.39 -24.33
C GLN I 90 22.66 -9.74 -22.86
N GLN I 91 21.37 -9.84 -22.51
CA GLN I 91 21.00 -10.15 -21.13
C GLN I 91 20.37 -11.53 -21.00
N PHE I 92 20.73 -12.24 -19.92
CA PHE I 92 20.19 -13.55 -19.64
C PHE I 92 19.48 -13.49 -18.30
N GLY I 93 18.74 -12.40 -18.07
CA GLY I 93 17.92 -12.29 -16.88
C GLY I 93 16.65 -13.11 -17.02
N SER I 94 16.07 -13.06 -18.22
CA SER I 94 14.80 -13.73 -18.55
C SER I 94 14.30 -13.20 -19.89
N SER I 95 13.61 -13.99 -20.72
CA SER I 95 13.97 -15.28 -21.31
C SER I 95 12.79 -15.26 -22.28
N PRO I 96 13.02 -15.01 -23.56
CA PRO I 96 14.25 -15.07 -24.31
C PRO I 96 15.36 -14.13 -23.84
N TRP I 97 16.55 -14.69 -23.81
CA TRP I 97 17.79 -13.96 -23.88
C TRP I 97 17.70 -13.03 -25.06
N THR I 98 18.01 -11.76 -24.84
CA THR I 98 17.82 -10.76 -25.90
C THR I 98 19.05 -9.93 -26.15
N PHE I 99 19.20 -9.45 -27.40
CA PHE I 99 20.37 -8.68 -27.79
C PHE I 99 19.99 -7.23 -27.93
N GLY I 100 20.98 -6.37 -27.97
CA GLY I 100 20.75 -4.94 -28.23
C GLY I 100 20.89 -4.70 -29.71
N GLN I 101 20.52 -3.50 -30.15
CA GLN I 101 20.61 -3.17 -31.57
C GLN I 101 22.07 -3.02 -31.97
N GLY I 102 22.93 -2.78 -30.98
CA GLY I 102 24.35 -2.54 -31.18
C GLY I 102 24.69 -1.06 -31.34
N THR I 103 25.88 -0.69 -30.88
CA THR I 103 26.49 0.64 -31.13
C THR I 103 27.66 0.45 -32.11
N LYS I 104 27.63 1.15 -33.24
CA LYS I 104 28.75 1.12 -34.21
C LYS I 104 29.78 2.19 -33.90
N VAL I 105 31.03 1.77 -33.70
CA VAL I 105 32.13 2.71 -33.44
C VAL I 105 32.93 2.96 -34.71
N GLU I 106 32.79 4.16 -35.27
CA GLU I 106 33.62 4.63 -36.39
C GLU I 106 34.80 5.45 -35.84
N ILE I 107 35.99 5.27 -36.42
CA ILE I 107 37.18 5.98 -35.97
C ILE I 107 37.46 7.22 -36.83
N LYS I 108 37.84 8.32 -36.17
CA LYS I 108 38.16 9.59 -36.84
C LYS I 108 39.64 9.62 -37.29
N ARG I 109 39.87 10.19 -38.48
CA ARG I 109 41.22 10.20 -39.05
C ARG I 109 41.45 11.43 -39.95
N THR I 110 42.63 11.49 -40.58
CA THR I 110 43.04 12.63 -41.40
C THR I 110 42.64 12.40 -42.87
N VAL I 111 42.07 13.44 -43.49
CA VAL I 111 41.54 13.40 -44.89
C VAL I 111 42.53 12.78 -45.90
N ALA I 112 42.09 11.78 -46.66
CA ALA I 112 42.93 11.12 -47.67
C ALA I 112 42.37 11.17 -49.10
N ALA I 113 43.24 10.87 -50.07
CA ALA I 113 42.93 11.05 -51.49
C ALA I 113 42.59 9.72 -52.18
N PRO I 114 41.45 9.70 -52.90
CA PRO I 114 41.03 8.48 -53.59
C PRO I 114 41.92 8.20 -54.79
N SER I 115 42.76 7.16 -54.73
CA SER I 115 43.63 6.79 -55.86
C SER I 115 42.86 6.10 -57.02
N VAL I 116 42.22 6.93 -57.86
CA VAL I 116 41.22 6.51 -58.87
C VAL I 116 41.75 5.61 -60.01
N PHE I 117 41.01 4.54 -60.31
CA PHE I 117 41.28 3.60 -61.40
C PHE I 117 40.09 3.48 -62.37
N ILE I 118 40.34 2.96 -63.57
CA ILE I 118 39.28 2.70 -64.58
C ILE I 118 39.50 1.40 -65.38
N PHE I 119 38.41 0.66 -65.58
CA PHE I 119 38.46 -0.70 -66.16
C PHE I 119 37.50 -0.93 -67.34
N PRO I 120 37.83 -1.90 -68.22
CA PRO I 120 37.00 -2.22 -69.38
C PRO I 120 36.16 -3.51 -69.28
N PRO I 121 35.11 -3.64 -70.11
CA PRO I 121 34.35 -4.88 -70.31
C PRO I 121 35.10 -5.88 -71.21
N SER I 122 35.58 -6.98 -70.62
CA SER I 122 36.63 -7.82 -71.24
C SER I 122 36.30 -8.55 -72.56
N ASP I 123 37.26 -9.35 -73.01
CA ASP I 123 37.15 -10.17 -74.24
C ASP I 123 35.95 -11.11 -74.20
N GLU I 124 35.72 -11.69 -73.03
CA GLU I 124 34.67 -12.66 -72.85
C GLU I 124 33.32 -12.04 -72.46
N GLN I 125 33.34 -10.92 -71.75
CA GLN I 125 32.12 -10.29 -71.24
C GLN I 125 31.20 -9.81 -72.35
N LEU I 126 31.81 -9.24 -73.39
CA LEU I 126 31.06 -8.72 -74.54
C LEU I 126 30.65 -9.84 -75.50
N LYS I 127 31.17 -11.05 -75.28
CA LYS I 127 30.83 -12.24 -76.08
C LYS I 127 29.40 -12.73 -75.83
N SER I 128 28.89 -12.52 -74.61
CA SER I 128 27.51 -12.86 -74.25
C SER I 128 26.52 -11.74 -74.63
N GLY I 129 26.98 -10.49 -74.58
CA GLY I 129 26.15 -9.32 -74.93
C GLY I 129 25.83 -8.41 -73.76
N THR I 130 26.78 -8.29 -72.83
CA THR I 130 26.59 -7.48 -71.63
C THR I 130 27.80 -6.55 -71.37
N ALA I 131 27.51 -5.27 -71.15
CA ALA I 131 28.57 -4.25 -70.96
C ALA I 131 28.52 -3.52 -69.62
N SER I 132 29.54 -3.78 -68.78
CA SER I 132 29.62 -3.23 -67.42
C SER I 132 30.96 -2.54 -67.13
N VAL I 133 30.93 -1.22 -67.07
CA VAL I 133 32.12 -0.41 -66.81
C VAL I 133 32.36 -0.27 -65.30
N VAL I 134 33.63 -0.41 -64.89
CA VAL I 134 34.01 -0.39 -63.48
C VAL I 134 34.93 0.80 -63.15
N CYS I 135 34.58 1.56 -62.11
CA CYS I 135 35.41 2.66 -61.60
C CYS I 135 35.64 2.56 -60.07
N LEU I 136 36.86 2.17 -59.68
CA LEU I 136 37.26 2.03 -58.27
C LEU I 136 37.84 3.32 -57.70
N LEU I 137 37.55 3.61 -56.43
CA LEU I 137 38.20 4.69 -55.68
C LEU I 137 38.83 4.06 -54.44
N ASN I 138 40.14 4.17 -54.30
CA ASN I 138 40.81 3.44 -53.21
C ASN I 138 41.37 4.30 -52.08
N ASN I 139 41.22 3.78 -50.86
CA ASN I 139 41.79 4.31 -49.61
C ASN I 139 41.66 5.84 -49.35
N PHE I 140 40.68 6.19 -48.51
CA PHE I 140 40.21 7.54 -48.18
C PHE I 140 38.96 7.18 -47.35
N TYR I 141 38.15 8.08 -46.79
CA TYR I 141 38.44 9.35 -46.12
C TYR I 141 38.25 10.74 -46.72
N PRO I 142 37.12 11.38 -46.34
CA PRO I 142 36.14 10.70 -45.49
C PRO I 142 35.14 9.88 -46.30
N ARG I 143 33.91 9.73 -45.80
CA ARG I 143 32.87 8.98 -46.50
C ARG I 143 32.46 9.66 -47.80
N GLU I 144 31.80 10.81 -47.69
CA GLU I 144 31.30 11.58 -48.84
C GLU I 144 32.19 11.46 -50.07
N ALA I 145 31.55 11.07 -51.16
CA ALA I 145 32.20 11.00 -52.46
C ALA I 145 31.10 11.11 -53.51
N LYS I 146 31.49 11.42 -54.73
CA LYS I 146 30.56 11.36 -55.84
C LYS I 146 31.27 10.85 -57.11
N VAL I 147 30.51 10.15 -57.94
CA VAL I 147 30.99 9.62 -59.21
C VAL I 147 30.13 10.18 -60.35
N GLN I 148 30.79 10.66 -61.40
CA GLN I 148 30.11 11.19 -62.58
C GLN I 148 30.57 10.48 -63.86
N TRP I 149 29.61 10.07 -64.69
CA TRP I 149 29.89 9.27 -65.89
C TRP I 149 29.75 10.05 -67.18
N LYS I 150 30.62 9.73 -68.14
CA LYS I 150 30.55 10.25 -69.51
C LYS I 150 30.28 9.15 -70.54
N VAL I 151 29.28 9.38 -71.40
CA VAL I 151 29.01 8.49 -72.54
C VAL I 151 29.07 9.34 -73.81
N ASP I 152 30.28 9.45 -74.37
CA ASP I 152 30.58 10.37 -75.48
C ASP I 152 30.36 11.83 -75.04
N ASN I 153 30.73 12.10 -73.78
CA ASN I 153 30.50 13.39 -73.07
C ASN I 153 29.06 13.66 -72.59
N ALA I 154 28.33 12.59 -72.23
CA ALA I 154 26.93 12.71 -71.83
C ALA I 154 26.64 12.32 -70.38
N LEU I 155 25.74 13.08 -69.76
CA LEU I 155 25.25 12.85 -68.39
C LEU I 155 24.61 11.45 -68.24
N GLN I 156 24.47 10.99 -66.99
CA GLN I 156 23.85 9.69 -66.68
C GLN I 156 22.82 9.80 -65.56
N SER I 157 21.95 8.80 -65.44
CA SER I 157 20.94 8.74 -64.37
C SER I 157 20.44 7.33 -64.03
N GLY I 158 21.05 6.70 -63.02
CA GLY I 158 20.55 5.44 -62.49
C GLY I 158 21.30 4.18 -62.88
N ASN I 159 21.68 4.07 -64.15
CA ASN I 159 22.28 2.82 -64.68
C ASN I 159 23.69 2.48 -64.18
N SER I 160 23.98 2.92 -62.95
CA SER I 160 25.19 2.53 -62.21
C SER I 160 24.89 2.25 -60.72
N GLN I 161 25.67 1.37 -60.11
CA GLN I 161 25.47 0.97 -58.71
C GLN I 161 26.70 1.29 -57.86
N GLU I 162 26.47 1.81 -56.66
CA GLU I 162 27.54 2.05 -55.69
C GLU I 162 27.89 0.78 -54.92
N SER I 163 28.90 0.87 -54.03
CA SER I 163 29.27 -0.21 -53.10
C SER I 163 30.53 0.17 -52.29
N VAL I 164 30.36 0.47 -51.01
CA VAL I 164 31.47 0.94 -50.16
C VAL I 164 31.95 -0.16 -49.22
N THR I 165 33.25 -0.22 -48.96
CA THR I 165 33.80 -1.14 -47.97
C THR I 165 33.60 -0.56 -46.56
N GLU I 166 33.76 -1.43 -45.57
CA GLU I 166 33.85 -1.02 -44.17
C GLU I 166 35.17 -0.29 -43.98
N GLN I 167 35.27 0.46 -42.89
CA GLN I 167 36.49 1.16 -42.54
C GLN I 167 37.61 0.15 -42.28
N ASP I 168 38.73 0.30 -42.99
CA ASP I 168 39.87 -0.61 -42.85
C ASP I 168 40.32 -0.71 -41.38
N SER I 169 40.60 -1.93 -40.92
CA SER I 169 40.86 -2.23 -39.50
C SER I 169 42.11 -1.56 -38.88
N LYS I 170 43.14 -1.33 -39.68
CA LYS I 170 44.33 -0.60 -39.24
C LYS I 170 44.40 0.75 -39.98
N ASP I 171 44.13 0.67 -41.28
CA ASP I 171 44.26 1.76 -42.23
C ASP I 171 43.29 2.92 -41.96
N SER I 172 42.09 2.59 -41.46
CA SER I 172 41.05 3.60 -41.14
C SER I 172 40.36 4.27 -42.35
N THR I 173 40.31 3.56 -43.48
CA THR I 173 39.83 4.14 -44.73
C THR I 173 38.75 3.34 -45.47
N TYR I 174 38.05 4.03 -46.37
CA TYR I 174 36.98 3.48 -47.21
C TYR I 174 37.50 3.14 -48.62
N SER I 175 36.63 2.55 -49.44
CA SER I 175 36.88 2.26 -50.86
C SER I 175 35.53 2.03 -51.54
N LEU I 176 35.34 2.57 -52.73
CA LEU I 176 34.03 2.50 -53.40
C LEU I 176 34.14 1.99 -54.83
N SER I 177 33.12 1.26 -55.29
CA SER I 177 32.99 0.89 -56.71
C SER I 177 31.70 1.43 -57.30
N SER I 178 31.79 1.90 -58.56
CA SER I 178 30.64 2.40 -59.31
C SER I 178 30.51 1.63 -60.63
N THR I 179 29.36 0.98 -60.84
CA THR I 179 29.20 0.03 -61.93
C THR I 179 28.17 0.47 -62.97
N LEU I 180 28.67 0.86 -64.14
CA LEU I 180 27.83 1.32 -65.25
C LEU I 180 27.45 0.17 -66.18
N THR I 181 26.14 -0.05 -66.32
CA THR I 181 25.60 -1.21 -67.04
C THR I 181 24.74 -0.81 -68.25
N LEU I 182 25.03 -1.40 -69.40
CA LEU I 182 24.14 -1.37 -70.57
C LEU I 182 24.17 -2.68 -71.36
N SER I 183 24.53 -2.60 -72.65
CA SER I 183 24.57 -3.78 -73.51
C SER I 183 25.66 -3.64 -74.59
N LYS I 184 26.14 -4.78 -75.10
CA LYS I 184 27.07 -4.80 -76.24
C LYS I 184 26.38 -4.24 -77.49
N ALA I 185 25.06 -4.19 -77.48
CA ALA I 185 24.26 -3.52 -78.52
C ALA I 185 24.37 -1.99 -78.42
N ASP I 186 24.50 -1.49 -77.18
CA ASP I 186 24.73 -0.08 -76.90
C ASP I 186 26.20 0.31 -77.07
N TYR I 187 27.07 -0.50 -76.47
CA TYR I 187 28.53 -0.27 -76.44
C TYR I 187 29.14 -0.09 -77.83
N GLU I 188 28.67 -0.90 -78.79
CA GLU I 188 29.17 -0.85 -80.18
C GLU I 188 28.43 0.20 -81.02
N LYS I 189 27.99 1.27 -80.37
CA LYS I 189 27.31 2.39 -81.03
C LYS I 189 27.82 3.74 -80.51
N HIS I 190 28.46 3.70 -79.34
CA HIS I 190 28.97 4.91 -78.67
C HIS I 190 30.47 4.84 -78.48
N LYS I 191 31.08 5.94 -78.05
CA LYS I 191 32.54 6.11 -78.18
C LYS I 191 33.38 6.22 -76.88
N VAL I 192 33.38 7.38 -76.22
CA VAL I 192 34.28 7.65 -75.08
C VAL I 192 33.56 7.75 -73.74
N TYR I 193 34.07 6.99 -72.76
CA TYR I 193 33.52 6.95 -71.40
C TYR I 193 34.53 7.49 -70.38
N ALA I 194 34.08 8.44 -69.55
CA ALA I 194 34.94 9.05 -68.53
C ALA I 194 34.33 9.06 -67.11
N CYS I 195 35.17 8.79 -66.12
CA CYS I 195 34.78 8.72 -64.70
C CYS I 195 35.34 9.91 -63.91
N GLU I 196 34.45 10.78 -63.44
CA GLU I 196 34.84 11.99 -62.69
C GLU I 196 34.47 11.89 -61.19
N VAL I 197 35.39 12.35 -60.33
CA VAL I 197 35.30 12.13 -58.89
C VAL I 197 35.16 13.44 -58.09
N THR I 198 34.12 13.53 -57.25
CA THR I 198 33.99 14.65 -56.32
C THR I 198 34.51 14.25 -54.94
N HIS I 199 35.51 14.99 -54.45
CA HIS I 199 36.08 14.78 -53.11
C HIS I 199 36.79 16.00 -52.60
N GLN I 200 36.63 16.24 -51.29
CA GLN I 200 37.23 17.40 -50.62
C GLN I 200 38.77 17.37 -50.63
N GLY I 201 39.33 16.17 -50.39
CA GLY I 201 40.77 15.97 -50.43
C GLY I 201 41.33 15.91 -51.84
N LEU I 202 40.74 16.72 -52.73
CA LEU I 202 41.16 16.84 -54.11
C LEU I 202 41.02 18.30 -54.53
N SER I 203 41.99 18.83 -55.26
CA SER I 203 41.93 20.19 -55.79
C SER I 203 40.77 20.32 -56.76
N SER I 204 40.95 19.78 -57.96
CA SER I 204 39.88 19.69 -58.95
C SER I 204 39.41 18.23 -59.09
N PRO I 205 38.12 18.02 -59.41
CA PRO I 205 37.62 16.67 -59.65
C PRO I 205 38.49 15.84 -60.61
N VAL I 206 39.04 14.74 -60.10
CA VAL I 206 39.88 13.80 -60.88
C VAL I 206 39.05 13.04 -61.93
N THR I 207 39.57 12.98 -63.16
CA THR I 207 38.88 12.28 -64.25
C THR I 207 39.75 11.16 -64.85
N LYS I 208 39.11 10.05 -65.19
CA LYS I 208 39.76 8.91 -65.86
C LYS I 208 38.89 8.41 -67.04
N SER I 209 39.50 8.23 -68.21
CA SER I 209 38.81 7.62 -69.37
C SER I 209 39.66 6.61 -70.13
N PHE I 210 39.04 5.95 -71.11
CA PHE I 210 39.71 4.92 -71.93
C PHE I 210 39.21 4.93 -73.39
N ASN I 211 40.12 4.60 -74.31
CA ASN I 211 39.77 4.44 -75.73
C ASN I 211 39.04 3.13 -75.94
N ARG I 212 37.85 3.21 -76.53
CA ARG I 212 37.05 2.00 -76.80
C ARG I 212 37.76 1.04 -77.76
N GLY I 213 38.16 -0.12 -77.23
CA GLY I 213 38.93 -1.11 -77.98
C GLY I 213 40.40 -0.71 -78.14
N GLU I 214 41.04 -0.36 -77.03
CA GLU I 214 42.46 0.02 -77.03
C GLU I 214 43.33 -1.16 -76.68
N GLN J 1 41.70 -25.09 -28.79
CA GLN J 1 40.95 -26.29 -28.34
C GLN J 1 39.58 -26.32 -29.02
N VAL J 2 38.53 -26.09 -28.23
CA VAL J 2 37.12 -26.25 -28.67
C VAL J 2 36.78 -25.28 -29.79
N GLN J 3 36.21 -25.80 -30.88
CA GLN J 3 35.85 -24.96 -32.04
C GLN J 3 34.71 -25.52 -32.86
N LEU J 4 34.01 -24.64 -33.57
CA LEU J 4 32.75 -25.01 -34.21
C LEU J 4 32.69 -24.75 -35.72
N GLN J 5 31.81 -25.50 -36.39
CA GLN J 5 31.47 -25.25 -37.78
C GLN J 5 30.04 -25.70 -38.10
N GLU J 6 29.28 -24.78 -38.70
CA GLU J 6 27.94 -25.10 -39.17
C GLU J 6 28.04 -25.87 -40.48
N SER J 7 26.92 -26.48 -40.87
CA SER J 7 26.73 -27.10 -42.19
C SER J 7 25.24 -27.11 -42.50
N GLY J 8 24.90 -27.12 -43.79
CA GLY J 8 23.51 -27.22 -44.20
C GLY J 8 23.10 -26.20 -45.25
N PRO J 9 22.16 -26.56 -46.14
CA PRO J 9 21.78 -25.80 -47.33
C PRO J 9 21.62 -24.32 -47.08
N GLY J 10 22.30 -23.51 -47.89
CA GLY J 10 22.18 -22.05 -47.85
C GLY J 10 20.88 -21.57 -48.48
N LEU J 11 20.45 -22.26 -49.53
CA LEU J 11 19.13 -22.03 -50.09
C LEU J 11 18.14 -23.05 -49.52
N VAL J 12 16.94 -22.56 -49.20
CA VAL J 12 15.80 -23.40 -48.87
C VAL J 12 14.59 -22.78 -49.55
N LYS J 13 13.53 -23.55 -49.72
CA LYS J 13 12.33 -23.04 -50.35
C LYS J 13 11.32 -22.67 -49.26
N PRO J 14 10.35 -21.80 -49.58
CA PRO J 14 9.31 -21.47 -48.58
C PRO J 14 8.57 -22.73 -48.10
N SER J 15 7.92 -22.63 -46.94
CA SER J 15 7.17 -23.74 -46.33
C SER J 15 7.99 -25.03 -46.12
N GLN J 16 9.12 -25.17 -46.81
CA GLN J 16 10.08 -26.27 -46.54
C GLN J 16 10.54 -26.22 -45.08
N THR J 17 11.29 -27.22 -44.66
CA THR J 17 11.85 -27.24 -43.31
C THR J 17 13.36 -26.90 -43.37
N LEU J 18 13.93 -26.37 -42.28
CA LEU J 18 15.33 -25.91 -42.26
C LEU J 18 16.23 -26.65 -41.25
N SER J 19 17.19 -27.41 -41.76
CA SER J 19 18.12 -28.13 -40.90
C SER J 19 19.53 -27.57 -41.00
N LEU J 20 20.17 -27.41 -39.86
CA LEU J 20 21.57 -27.05 -39.80
C LEU J 20 22.20 -27.94 -38.76
N THR J 21 23.51 -28.17 -38.90
CA THR J 21 24.22 -28.91 -37.88
C THR J 21 25.56 -28.26 -37.54
N CYS J 22 25.72 -27.92 -36.27
CA CYS J 22 26.96 -27.41 -35.74
C CYS J 22 27.82 -28.58 -35.31
N THR J 23 29.09 -28.54 -35.71
CA THR J 23 29.99 -29.67 -35.58
C THR J 23 31.19 -29.30 -34.68
N VAL J 24 31.32 -29.99 -33.56
CA VAL J 24 32.33 -29.67 -32.56
C VAL J 24 33.71 -30.19 -32.95
N SER J 25 34.75 -29.46 -32.55
CA SER J 25 36.16 -29.87 -32.70
C SER J 25 36.91 -29.53 -31.44
N GLY J 26 37.80 -30.43 -31.01
CA GLY J 26 38.74 -30.14 -29.93
C GLY J 26 38.14 -30.08 -28.54
N GLY J 27 37.23 -31.01 -28.27
CA GLY J 27 36.52 -31.03 -27.01
C GLY J 27 35.16 -31.64 -27.25
N SER J 28 34.77 -32.57 -26.39
CA SER J 28 33.49 -33.25 -26.51
C SER J 28 32.41 -32.35 -25.92
N ILE J 29 31.21 -32.38 -26.53
CA ILE J 29 30.06 -31.66 -26.00
C ILE J 29 29.79 -32.00 -24.53
N SER J 30 30.11 -33.23 -24.13
CA SER J 30 29.87 -33.72 -22.76
C SER J 30 30.75 -33.11 -21.65
N SER J 31 30.50 -33.58 -20.41
CA SER J 31 30.84 -32.90 -19.14
C SER J 31 29.69 -31.92 -18.77
N GLY J 32 28.81 -32.38 -17.84
CA GLY J 32 27.55 -31.68 -17.45
C GLY J 32 27.49 -30.16 -17.22
N ASP J 33 27.99 -29.40 -18.20
CA ASP J 33 28.27 -27.98 -18.02
C ASP J 33 27.44 -27.09 -18.93
N TYR J 34 27.98 -26.78 -20.11
CA TYR J 34 27.56 -25.63 -20.90
C TYR J 34 26.34 -25.86 -21.81
N PHE J 35 25.89 -24.76 -22.42
CA PHE J 35 24.70 -24.76 -23.25
C PHE J 35 25.00 -24.46 -24.69
N TRP J 36 24.83 -25.48 -25.52
CA TRP J 36 25.13 -25.43 -26.95
C TRP J 36 23.95 -24.79 -27.65
N SER J 37 24.23 -23.68 -28.34
CA SER J 37 23.22 -22.69 -28.65
C SER J 37 23.21 -22.33 -30.11
N TRP J 38 22.06 -21.85 -30.59
CA TRP J 38 21.92 -21.35 -31.97
C TRP J 38 21.42 -19.94 -31.99
N ILE J 39 22.04 -19.11 -32.81
CA ILE J 39 21.64 -17.71 -32.93
C ILE J 39 21.53 -17.26 -34.38
N ARG J 40 20.54 -16.44 -34.69
CA ARG J 40 20.42 -15.90 -36.03
C ARG J 40 20.58 -14.40 -36.01
N GLN J 41 21.20 -13.88 -37.06
CA GLN J 41 21.26 -12.44 -37.27
C GLN J 41 20.42 -12.10 -38.50
N LEU J 42 19.30 -11.40 -38.27
CA LEU J 42 18.35 -11.11 -39.34
C LEU J 42 18.91 -9.99 -40.19
N PRO J 43 18.73 -10.08 -41.54
CA PRO J 43 19.79 -9.77 -42.52
C PRO J 43 20.49 -8.38 -42.42
N GLY J 44 19.80 -7.41 -41.80
CA GLY J 44 20.37 -6.09 -41.54
C GLY J 44 19.88 -5.58 -40.19
N LYS J 45 18.86 -6.26 -39.67
CA LYS J 45 18.26 -5.96 -38.37
C LYS J 45 18.94 -6.75 -37.19
N GLY J 46 18.19 -7.08 -36.14
CA GLY J 46 18.72 -7.66 -34.90
C GLY J 46 19.35 -9.05 -34.89
N LEU J 47 20.12 -9.30 -33.85
CA LEU J 47 20.53 -10.64 -33.48
C LEU J 47 19.45 -11.22 -32.61
N GLU J 48 19.08 -12.47 -32.89
CA GLU J 48 18.04 -13.15 -32.10
C GLU J 48 18.55 -14.46 -31.53
N TRP J 49 18.12 -14.75 -30.30
CA TRP J 49 18.44 -16.00 -29.66
C TRP J 49 17.43 -17.04 -30.03
N ILE J 50 17.88 -18.16 -30.61
CA ILE J 50 16.93 -19.23 -30.99
C ILE J 50 16.70 -20.16 -29.83
N GLY J 51 17.79 -20.75 -29.36
CA GLY J 51 17.70 -21.62 -28.21
C GLY J 51 19.00 -22.33 -27.92
N HIS J 52 19.00 -23.09 -26.84
CA HIS J 52 20.16 -23.88 -26.52
C HIS J 52 19.79 -25.28 -26.18
N ILE J 53 20.79 -26.12 -25.88
CA ILE J 53 20.61 -27.50 -25.42
C ILE J 53 21.74 -27.92 -24.48
N HIS J 54 21.46 -28.85 -23.58
CA HIS J 54 22.44 -29.37 -22.59
C HIS J 54 22.83 -30.79 -22.92
N ASN J 55 23.90 -31.28 -22.29
CA ASN J 55 24.35 -32.68 -22.54
C ASN J 55 23.44 -33.76 -21.95
N SER J 56 22.45 -33.36 -21.16
CA SER J 56 21.47 -34.31 -20.64
C SER J 56 20.31 -34.50 -21.64
N GLY J 57 20.15 -33.54 -22.55
CA GLY J 57 19.13 -33.62 -23.59
C GLY J 57 18.09 -32.51 -23.53
N THR J 58 18.15 -31.71 -22.47
CA THR J 58 17.14 -30.67 -22.21
C THR J 58 17.39 -29.41 -23.05
N THR J 59 16.31 -28.83 -23.56
CA THR J 59 16.40 -27.64 -24.40
C THR J 59 15.78 -26.43 -23.70
N TYR J 60 16.17 -25.23 -24.14
CA TYR J 60 15.47 -24.00 -23.78
C TYR J 60 15.15 -23.33 -25.11
N TYR J 61 13.94 -22.79 -25.24
CA TYR J 61 13.56 -22.21 -26.53
C TYR J 61 13.13 -20.76 -26.43
N ASN J 62 13.37 -19.98 -27.48
CA ASN J 62 12.76 -18.66 -27.58
C ASN J 62 11.26 -18.83 -27.76
N PRO J 63 10.46 -18.47 -26.73
CA PRO J 63 9.01 -18.68 -26.79
C PRO J 63 8.44 -18.14 -28.08
N SER J 64 8.93 -16.99 -28.53
CA SER J 64 8.46 -16.41 -29.77
C SER J 64 8.49 -17.46 -30.86
N LEU J 65 9.54 -18.27 -30.88
CA LEU J 65 9.60 -19.44 -31.75
C LEU J 65 8.75 -20.55 -31.13
N LYS J 66 7.44 -20.44 -31.42
CA LYS J 66 6.30 -21.24 -30.91
C LYS J 66 6.52 -22.77 -30.95
N SER J 67 7.73 -23.18 -30.63
CA SER J 67 8.25 -24.43 -31.15
C SER J 67 7.74 -24.67 -32.60
N ARG J 68 8.34 -23.90 -33.51
CA ARG J 68 8.48 -24.24 -34.91
C ARG J 68 9.85 -24.86 -34.92
N VAL J 69 10.55 -24.64 -33.80
CA VAL J 69 11.94 -24.99 -33.65
C VAL J 69 12.10 -26.28 -32.85
N THR J 70 13.18 -26.98 -33.14
CA THR J 70 13.63 -28.18 -32.44
C THR J 70 15.17 -28.18 -32.45
N ILE J 71 15.76 -28.54 -31.30
CA ILE J 71 17.22 -28.60 -31.14
C ILE J 71 17.58 -29.89 -30.40
N SER J 72 18.61 -30.59 -30.89
CA SER J 72 19.12 -31.80 -30.24
C SER J 72 20.59 -32.11 -30.53
N VAL J 73 21.16 -33.00 -29.72
CA VAL J 73 22.56 -33.43 -29.86
C VAL J 73 22.75 -34.91 -30.23
N ASP J 74 23.88 -35.22 -30.83
CA ASP J 74 24.43 -36.58 -30.82
C ASP J 74 25.87 -36.48 -30.29
N THR J 75 26.10 -36.93 -29.06
CA THR J 75 27.46 -36.96 -28.50
C THR J 75 28.30 -37.90 -29.36
N SER J 76 27.72 -39.08 -29.61
CA SER J 76 28.27 -40.06 -30.54
C SER J 76 28.60 -39.49 -31.94
N LYS J 77 28.27 -38.21 -32.16
CA LYS J 77 28.60 -37.55 -33.43
C LYS J 77 29.21 -36.14 -33.24
N LYS J 78 29.56 -35.81 -32.00
CA LYS J 78 29.92 -34.43 -31.62
C LYS J 78 29.29 -33.37 -32.56
N GLN J 79 27.97 -33.34 -32.50
CA GLN J 79 27.13 -32.49 -33.31
C GLN J 79 25.97 -32.01 -32.46
N PHE J 80 25.44 -30.84 -32.80
CA PHE J 80 24.10 -30.49 -32.36
C PHE J 80 23.40 -29.79 -33.50
N SER J 81 22.08 -29.83 -33.52
CA SER J 81 21.32 -29.51 -34.72
C SER J 81 20.23 -28.48 -34.49
N LEU J 82 19.77 -27.86 -35.57
CA LEU J 82 18.61 -26.98 -35.50
C LEU J 82 17.59 -27.35 -36.57
N ARG J 83 16.36 -27.63 -36.15
CA ARG J 83 15.30 -27.90 -37.12
C ARG J 83 14.17 -26.89 -36.93
N LEU J 84 14.17 -25.90 -37.80
CA LEU J 84 13.16 -24.87 -37.79
C LEU J 84 12.18 -25.31 -38.86
N SER J 85 10.88 -25.06 -38.70
CA SER J 85 9.92 -25.61 -39.67
C SER J 85 9.03 -24.61 -40.40
N SER J 86 8.75 -24.91 -41.66
CA SER J 86 7.90 -24.11 -42.56
C SER J 86 8.43 -22.70 -42.75
N VAL J 87 9.75 -22.60 -42.88
CA VAL J 87 10.43 -21.32 -42.99
C VAL J 87 9.79 -20.40 -44.03
N THR J 88 9.72 -19.10 -43.71
CA THR J 88 9.37 -18.08 -44.71
C THR J 88 10.58 -17.18 -44.98
N ALA J 89 10.35 -16.09 -45.72
CA ALA J 89 11.34 -15.01 -45.86
C ALA J 89 11.76 -14.44 -44.50
N ALA J 90 10.81 -14.28 -43.59
CA ALA J 90 11.11 -13.87 -42.25
C ALA J 90 12.29 -14.66 -41.69
N ASP J 91 12.50 -15.86 -42.21
CA ASP J 91 13.52 -16.76 -41.70
C ASP J 91 14.88 -16.63 -42.38
N THR J 92 14.96 -15.81 -43.42
CA THR J 92 16.25 -15.50 -44.04
C THR J 92 17.14 -14.83 -42.99
N ALA J 93 18.26 -15.49 -42.69
CA ALA J 93 19.20 -15.01 -41.67
C ALA J 93 20.61 -15.58 -41.85
N VAL J 94 21.54 -15.16 -40.99
CA VAL J 94 22.86 -15.79 -40.90
C VAL J 94 22.87 -16.56 -39.59
N TYR J 95 23.04 -17.87 -39.68
CA TYR J 95 22.85 -18.71 -38.51
C TYR J 95 24.18 -19.12 -37.84
N TYR J 96 24.43 -18.61 -36.65
CA TYR J 96 25.60 -18.98 -35.90
C TYR J 96 25.20 -20.02 -34.87
N CYS J 97 26.07 -20.99 -34.65
CA CYS J 97 25.98 -21.84 -33.48
C CYS J 97 27.05 -21.36 -32.51
N ALA J 98 27.02 -21.81 -31.26
CA ALA J 98 28.00 -21.30 -30.27
C ALA J 98 27.94 -22.02 -28.93
N ARG J 99 29.06 -21.98 -28.20
CA ARG J 99 29.06 -22.47 -26.85
C ARG J 99 28.76 -21.33 -25.88
N ASP J 100 27.87 -21.58 -24.93
CA ASP J 100 27.59 -20.64 -23.86
C ASP J 100 27.86 -21.24 -22.48
N ARG J 101 28.82 -20.65 -21.76
CA ARG J 101 29.24 -21.16 -20.45
C ARG J 101 28.22 -20.82 -19.36
N GLY J 102 27.04 -21.43 -19.48
CA GLY J 102 25.84 -20.94 -18.81
C GLY J 102 25.83 -20.94 -17.29
N GLY J 103 26.85 -20.31 -16.70
CA GLY J 103 27.02 -20.37 -15.25
C GLY J 103 28.09 -21.39 -14.85
N ASP J 104 28.63 -22.11 -15.85
CA ASP J 104 29.88 -22.88 -15.67
C ASP J 104 30.94 -21.85 -15.31
N TYR J 105 30.44 -20.61 -15.27
CA TYR J 105 30.71 -19.57 -14.28
C TYR J 105 30.49 -18.23 -15.00
N TYR J 106 30.81 -18.21 -16.30
CA TYR J 106 30.63 -17.05 -17.17
C TYR J 106 29.19 -16.53 -17.21
N TYR J 107 28.35 -17.20 -17.99
CA TYR J 107 27.23 -16.62 -18.77
C TYR J 107 27.71 -15.75 -19.92
N GLY J 108 27.71 -16.33 -21.11
CA GLY J 108 28.16 -15.64 -22.32
C GLY J 108 28.74 -16.62 -23.30
N MET J 109 28.57 -16.33 -24.58
CA MET J 109 29.09 -17.17 -25.63
C MET J 109 30.54 -16.83 -25.98
N ASP J 110 31.46 -17.72 -25.59
CA ASP J 110 32.87 -17.55 -25.94
C ASP J 110 33.22 -18.14 -27.32
N VAL J 111 32.96 -19.43 -27.49
CA VAL J 111 33.25 -20.13 -28.74
C VAL J 111 32.16 -19.84 -29.76
N TRP J 112 32.54 -19.75 -31.03
CA TRP J 112 31.58 -19.45 -32.10
C TRP J 112 31.84 -20.20 -33.36
N GLY J 113 30.76 -20.57 -34.04
CA GLY J 113 30.85 -21.00 -35.43
C GLY J 113 30.99 -19.75 -36.29
N GLN J 114 31.62 -19.90 -37.45
CA GLN J 114 31.85 -18.77 -38.34
C GLN J 114 30.54 -18.28 -38.98
N GLY J 115 29.49 -19.07 -38.81
CA GLY J 115 28.14 -18.72 -39.27
C GLY J 115 27.87 -19.03 -40.74
N THR J 116 26.90 -19.91 -40.99
CA THR J 116 26.39 -20.09 -42.36
C THR J 116 25.20 -19.19 -42.59
N THR J 117 24.88 -18.98 -43.85
CA THR J 117 24.02 -17.88 -44.23
C THR J 117 22.92 -18.28 -45.23
N VAL J 118 21.68 -18.21 -44.76
CA VAL J 118 20.54 -18.90 -45.38
C VAL J 118 19.51 -17.96 -46.00
N THR J 119 19.26 -18.17 -47.28
CA THR J 119 18.15 -17.51 -47.98
C THR J 119 16.98 -18.48 -48.02
N VAL J 120 15.79 -17.94 -48.17
CA VAL J 120 14.57 -18.74 -48.23
C VAL J 120 13.78 -18.16 -49.39
N SER J 121 13.91 -18.77 -50.57
CA SER J 121 13.30 -18.21 -51.77
C SER J 121 12.82 -19.23 -52.81
N SER J 122 11.94 -18.76 -53.69
CA SER J 122 11.47 -19.51 -54.84
C SER J 122 12.64 -19.88 -55.75
N ALA J 123 13.09 -18.90 -56.53
CA ALA J 123 14.17 -19.09 -57.53
C ALA J 123 15.37 -19.86 -56.99
N SER J 124 15.99 -20.68 -57.86
CA SER J 124 17.08 -21.56 -57.44
C SER J 124 18.48 -21.10 -57.85
N THR J 125 19.46 -21.67 -57.16
CA THR J 125 20.88 -21.30 -57.25
C THR J 125 21.39 -21.15 -58.69
N LYS J 126 22.09 -20.05 -58.97
CA LYS J 126 22.68 -19.79 -60.29
C LYS J 126 24.21 -19.52 -60.22
N GLY J 127 24.88 -19.64 -61.36
CA GLY J 127 26.33 -19.49 -61.41
C GLY J 127 26.88 -18.08 -61.29
N PRO J 128 28.04 -17.92 -60.64
CA PRO J 128 28.69 -16.62 -60.57
C PRO J 128 29.54 -16.34 -61.82
N SER J 129 28.98 -15.61 -62.78
CA SER J 129 29.67 -15.32 -64.05
C SER J 129 30.85 -14.33 -63.85
N VAL J 130 32.09 -14.82 -64.05
CA VAL J 130 33.32 -14.01 -63.82
C VAL J 130 34.02 -13.51 -65.12
N PHE J 131 34.23 -12.19 -65.20
CA PHE J 131 35.01 -11.55 -66.29
C PHE J 131 36.17 -10.73 -65.72
N PRO J 132 37.35 -10.76 -66.39
CA PRO J 132 38.51 -10.00 -65.86
C PRO J 132 38.41 -8.49 -66.08
N LEU J 133 39.07 -7.73 -65.20
CA LEU J 133 39.13 -6.27 -65.31
C LEU J 133 40.56 -5.81 -65.59
N ALA J 134 40.79 -5.31 -66.80
CA ALA J 134 42.14 -4.99 -67.29
C ALA J 134 42.83 -3.88 -66.48
N PRO J 135 44.04 -4.18 -65.95
CA PRO J 135 44.79 -3.34 -65.01
C PRO J 135 44.94 -1.86 -65.40
N THR J 144 51.70 2.55 -58.59
CA THR J 144 50.60 1.75 -58.06
C THR J 144 49.55 1.43 -59.13
N ALA J 145 49.24 0.14 -59.26
CA ALA J 145 48.24 -0.37 -60.22
C ALA J 145 47.26 -1.33 -59.54
N ALA J 146 46.01 -1.32 -60.00
CA ALA J 146 44.96 -2.17 -59.43
C ALA J 146 44.22 -2.99 -60.50
N LEU J 147 44.17 -4.30 -60.29
CA LEU J 147 43.66 -5.26 -61.30
C LEU J 147 42.17 -5.56 -61.12
N GLY J 148 41.83 -6.82 -60.90
CA GLY J 148 40.46 -7.20 -60.54
C GLY J 148 39.74 -8.22 -61.38
N CYS J 149 38.91 -9.03 -60.71
CA CYS J 149 38.01 -9.99 -61.34
C CYS J 149 36.57 -9.87 -60.79
N LEU J 150 35.71 -9.21 -61.57
CA LEU J 150 34.28 -9.02 -61.26
C LEU J 150 33.49 -10.34 -61.16
N VAL J 151 32.43 -10.35 -60.35
CA VAL J 151 31.57 -11.52 -60.15
C VAL J 151 30.09 -11.11 -60.35
N LYS J 152 29.47 -11.60 -61.43
CA LYS J 152 28.14 -11.14 -61.85
C LYS J 152 27.07 -12.23 -62.10
N ASP J 153 25.94 -12.13 -61.38
CA ASP J 153 24.69 -12.89 -61.63
C ASP J 153 24.51 -14.29 -61.01
N TYR J 154 24.62 -14.37 -59.67
CA TYR J 154 24.08 -15.47 -58.85
C TYR J 154 22.67 -14.99 -58.42
N PHE J 155 21.72 -15.76 -57.87
CA PHE J 155 21.68 -16.64 -56.65
C PHE J 155 22.72 -17.66 -56.14
N PRO J 156 22.70 -17.91 -54.81
CA PRO J 156 21.90 -17.20 -53.80
C PRO J 156 22.63 -16.02 -53.14
N GLU J 157 23.57 -16.28 -52.22
CA GLU J 157 24.39 -15.17 -51.69
C GLU J 157 25.67 -15.46 -50.92
N PRO J 158 25.78 -16.62 -50.24
CA PRO J 158 27.08 -16.87 -49.59
C PRO J 158 28.23 -17.07 -50.59
N VAL J 159 28.88 -15.99 -51.00
CA VAL J 159 29.92 -16.02 -52.04
C VAL J 159 31.33 -15.64 -51.53
N THR J 160 32.22 -16.64 -51.34
CA THR J 160 33.60 -16.42 -50.86
C THR J 160 34.56 -16.04 -52.00
N VAL J 161 35.78 -15.63 -51.65
CA VAL J 161 36.80 -15.09 -52.60
C VAL J 161 38.22 -15.02 -51.99
N SER J 162 39.25 -15.17 -52.83
CA SER J 162 40.66 -14.94 -52.45
C SER J 162 41.56 -14.81 -53.70
N TRP J 163 42.85 -14.54 -53.51
CA TRP J 163 43.78 -14.47 -54.64
C TRP J 163 44.84 -15.53 -54.59
N ASN J 164 45.28 -15.95 -55.79
CA ASN J 164 46.10 -17.15 -56.02
C ASN J 164 45.43 -18.41 -55.47
N SER J 165 45.61 -18.64 -54.17
CA SER J 165 44.75 -19.47 -53.34
C SER J 165 45.08 -19.12 -51.89
N GLY J 166 44.61 -17.94 -51.47
CA GLY J 166 44.97 -17.41 -50.16
C GLY J 166 46.46 -17.17 -50.01
N ALA J 167 47.13 -17.00 -51.15
CA ALA J 167 48.53 -16.58 -51.16
C ALA J 167 48.57 -15.06 -50.94
N LEU J 168 48.29 -14.30 -51.99
CA LEU J 168 48.18 -12.84 -51.89
C LEU J 168 46.99 -12.41 -51.03
N THR J 169 47.27 -11.58 -50.02
CA THR J 169 46.25 -11.02 -49.12
C THR J 169 46.45 -9.49 -48.93
N SER J 170 47.40 -8.92 -49.69
CA SER J 170 47.90 -7.55 -49.46
C SER J 170 47.09 -6.44 -50.16
N GLY J 171 46.43 -5.60 -49.37
CA GLY J 171 45.67 -4.45 -49.88
C GLY J 171 44.54 -4.83 -50.81
N VAL J 172 43.82 -5.90 -50.45
CA VAL J 172 42.67 -6.42 -51.18
C VAL J 172 41.40 -5.77 -50.62
N HIS J 173 40.73 -4.93 -51.41
CA HIS J 173 39.48 -4.32 -50.97
C HIS J 173 38.28 -4.90 -51.72
N THR J 174 37.88 -6.11 -51.33
CA THR J 174 36.71 -6.85 -51.87
C THR J 174 35.38 -6.27 -51.37
N PHE J 175 34.47 -5.95 -52.30
CA PHE J 175 33.24 -5.20 -51.96
C PHE J 175 32.06 -6.02 -51.37
N PRO J 176 31.05 -5.32 -50.81
CA PRO J 176 29.78 -5.94 -50.46
C PRO J 176 28.97 -6.24 -51.72
N ALA J 177 28.29 -7.38 -51.73
CA ALA J 177 27.50 -7.78 -52.89
C ALA J 177 26.41 -6.77 -53.20
N VAL J 178 26.16 -6.57 -54.49
CA VAL J 178 25.13 -5.63 -54.95
C VAL J 178 23.94 -6.41 -55.53
N LEU J 179 22.72 -5.99 -55.20
CA LEU J 179 21.52 -6.63 -55.73
C LEU J 179 20.92 -5.85 -56.90
N GLN J 180 21.02 -6.41 -58.11
CA GLN J 180 20.50 -5.79 -59.32
C GLN J 180 18.97 -5.93 -59.41
N SER J 181 18.34 -5.07 -60.22
CA SER J 181 16.88 -5.08 -60.41
C SER J 181 16.40 -6.37 -61.09
N SER J 182 17.34 -7.07 -61.71
CA SER J 182 17.11 -8.41 -62.26
C SER J 182 16.96 -9.45 -61.15
N GLY J 183 17.11 -9.02 -59.89
CA GLY J 183 16.96 -9.89 -58.73
C GLY J 183 18.22 -10.70 -58.44
N LEU J 184 19.29 -10.42 -59.18
CA LEU J 184 20.53 -11.18 -59.12
C LEU J 184 21.69 -10.35 -58.53
N TYR J 185 22.69 -11.04 -57.98
CA TYR J 185 23.78 -10.37 -57.24
C TYR J 185 25.08 -10.14 -58.01
N SER J 186 25.79 -9.08 -57.63
CA SER J 186 27.02 -8.64 -58.30
C SER J 186 28.05 -8.18 -57.26
N LEU J 187 29.33 -8.46 -57.51
CA LEU J 187 30.38 -8.24 -56.52
C LEU J 187 31.74 -8.04 -57.18
N SER J 188 32.42 -6.95 -56.82
CA SER J 188 33.76 -6.65 -57.35
C SER J 188 34.86 -6.99 -56.33
N SER J 189 36.05 -7.32 -56.82
CA SER J 189 37.18 -7.62 -55.95
C SER J 189 38.51 -7.19 -56.59
N VAL J 190 39.17 -6.21 -55.96
CA VAL J 190 40.38 -5.55 -56.48
C VAL J 190 41.61 -5.76 -55.59
N VAL J 191 42.80 -5.70 -56.19
CA VAL J 191 44.07 -5.69 -55.43
C VAL J 191 45.01 -4.62 -55.99
N THR J 192 45.56 -3.80 -55.10
CA THR J 192 46.64 -2.88 -55.45
C THR J 192 47.98 -3.57 -55.19
N VAL J 193 48.90 -3.39 -56.14
CA VAL J 193 50.23 -4.03 -56.10
C VAL J 193 51.36 -3.04 -56.42
N PRO J 194 52.59 -3.36 -55.98
CA PRO J 194 53.78 -2.72 -56.55
C PRO J 194 53.70 -2.75 -58.09
N SER J 195 53.20 -1.65 -58.66
CA SER J 195 52.85 -1.57 -60.08
C SER J 195 53.93 -2.17 -61.00
N SER J 196 55.14 -1.64 -60.88
CA SER J 196 56.28 -2.09 -61.67
C SER J 196 56.82 -3.46 -61.21
N SER J 197 55.92 -4.33 -60.76
CA SER J 197 56.24 -5.73 -60.48
C SER J 197 55.25 -6.68 -61.16
N LEU J 198 54.59 -6.19 -62.23
CA LEU J 198 53.71 -6.99 -63.08
C LEU J 198 54.47 -8.10 -63.82
N GLY J 199 54.95 -9.09 -63.06
CA GLY J 199 55.79 -10.17 -63.60
C GLY J 199 55.49 -11.53 -62.99
N THR J 200 56.48 -12.08 -62.29
CA THR J 200 56.45 -13.46 -61.78
C THR J 200 55.30 -13.78 -60.80
N GLN J 201 55.00 -12.85 -59.89
CA GLN J 201 53.83 -13.00 -59.02
C GLN J 201 52.55 -12.73 -59.82
N THR J 202 51.94 -13.80 -60.35
CA THR J 202 50.76 -13.72 -61.24
C THR J 202 49.46 -13.61 -60.44
N TYR J 203 48.38 -13.24 -61.13
CA TYR J 203 47.14 -12.92 -60.47
C TYR J 203 45.96 -13.82 -60.85
N ILE J 204 45.73 -14.81 -59.99
CA ILE J 204 44.59 -15.73 -60.05
C ILE J 204 43.69 -15.44 -58.82
N CYS J 205 42.37 -15.59 -59.01
CA CYS J 205 41.41 -15.34 -57.93
C CYS J 205 40.37 -16.45 -57.80
N ASN J 206 40.25 -16.98 -56.58
CA ASN J 206 39.34 -18.10 -56.27
C ASN J 206 37.90 -17.67 -56.04
N VAL J 207 36.94 -18.49 -56.46
CA VAL J 207 35.50 -18.28 -56.16
C VAL J 207 34.82 -19.60 -55.73
N ASN J 208 35.10 -20.09 -54.51
CA ASN J 208 34.47 -21.33 -54.02
C ASN J 208 33.02 -21.10 -53.54
N HIS J 209 32.13 -20.80 -54.49
CA HIS J 209 30.68 -20.59 -54.31
C HIS J 209 29.94 -21.87 -53.94
N LYS J 210 30.04 -22.28 -52.67
CA LYS J 210 29.51 -23.57 -52.20
C LYS J 210 28.04 -23.91 -52.56
N PRO J 211 27.13 -22.91 -52.53
CA PRO J 211 25.72 -23.11 -52.98
C PRO J 211 25.49 -23.40 -54.47
N SER J 212 26.43 -23.01 -55.33
CA SER J 212 26.32 -23.24 -56.76
C SER J 212 27.32 -24.31 -57.22
N ASN J 213 28.07 -24.85 -56.24
CA ASN J 213 29.15 -25.83 -56.45
C ASN J 213 30.42 -25.28 -57.13
N THR J 214 30.29 -24.14 -57.82
CA THR J 214 31.40 -23.44 -58.49
C THR J 214 32.64 -23.26 -57.57
N LYS J 215 33.79 -23.74 -58.03
CA LYS J 215 35.05 -23.51 -57.32
C LYS J 215 36.12 -23.00 -58.31
N VAL J 216 35.80 -21.86 -58.95
CA VAL J 216 36.57 -21.25 -60.07
C VAL J 216 37.91 -20.55 -59.70
N ASP J 217 38.90 -20.68 -60.59
CA ASP J 217 40.14 -19.88 -60.57
C ASP J 217 40.17 -19.06 -61.87
N LYS J 218 40.14 -17.73 -61.77
CA LYS J 218 40.30 -16.84 -62.93
C LYS J 218 41.68 -16.17 -62.93
N LYS J 219 42.05 -15.49 -64.02
CA LYS J 219 43.33 -14.76 -64.09
C LYS J 219 43.28 -13.48 -64.94
N VAL J 220 44.03 -12.46 -64.51
CA VAL J 220 44.07 -11.14 -65.18
C VAL J 220 45.52 -10.68 -65.46
N GLU J 221 45.75 -10.19 -66.68
CA GLU J 221 47.06 -9.66 -67.12
C GLU J 221 46.89 -8.46 -68.09
N PRO J 222 48.00 -7.75 -68.44
CA PRO J 222 47.89 -6.65 -69.40
C PRO J 222 47.56 -7.12 -70.82
N GLU K 1 -24.01 12.34 -0.73
CA GLU K 1 -24.08 13.33 -1.83
C GLU K 1 -22.88 14.26 -1.79
N ILE K 2 -22.43 14.71 -2.96
CA ILE K 2 -21.37 15.70 -3.03
C ILE K 2 -21.95 16.99 -2.44
N VAL K 3 -21.23 17.60 -1.50
CA VAL K 3 -21.71 18.79 -0.84
C VAL K 3 -20.89 20.01 -1.27
N LEU K 4 -21.55 21.01 -1.84
CA LEU K 4 -20.87 22.25 -2.14
C LEU K 4 -21.03 23.15 -0.93
N THR K 5 -20.02 23.98 -0.66
CA THR K 5 -20.05 24.85 0.51
C THR K 5 -19.64 26.24 0.08
N GLN K 6 -20.63 27.13 -0.07
CA GLN K 6 -20.28 28.46 -0.56
C GLN K 6 -19.82 29.35 0.60
N SER K 7 -18.70 30.01 0.38
CA SER K 7 -18.15 30.94 1.34
C SER K 7 -17.99 32.26 0.61
N PRO K 8 -18.40 33.38 1.25
CA PRO K 8 -19.08 33.40 2.54
C PRO K 8 -20.60 33.45 2.38
N GLY K 9 -21.29 33.61 3.51
CA GLY K 9 -22.75 33.75 3.53
C GLY K 9 -23.17 34.96 2.75
N THR K 10 -22.76 36.14 3.23
CA THR K 10 -23.00 37.37 2.49
C THR K 10 -21.74 38.22 2.29
N LEU K 11 -21.81 39.12 1.31
CA LEU K 11 -20.78 40.11 1.07
C LEU K 11 -21.43 41.48 0.94
N SER K 12 -20.88 42.48 1.62
CA SER K 12 -21.25 43.87 1.33
C SER K 12 -20.09 44.55 0.63
N LEU K 13 -20.37 45.22 -0.48
CA LEU K 13 -19.35 45.90 -1.28
C LEU K 13 -19.99 47.01 -2.09
N SER K 14 -19.35 48.18 -2.12
CA SER K 14 -19.87 49.29 -2.94
C SER K 14 -19.61 48.98 -4.41
N PRO K 15 -20.32 49.67 -5.33
CA PRO K 15 -20.05 49.49 -6.77
C PRO K 15 -18.59 49.75 -7.07
N GLY K 16 -18.07 49.16 -8.14
CA GLY K 16 -16.66 49.30 -8.44
C GLY K 16 -15.73 48.33 -7.73
N GLU K 17 -15.97 48.09 -6.43
CA GLU K 17 -15.17 47.12 -5.68
C GLU K 17 -15.32 45.68 -6.22
N ARG K 18 -14.43 44.78 -5.80
CA ARG K 18 -14.30 43.44 -6.42
C ARG K 18 -14.78 42.27 -5.55
N ALA K 19 -15.52 41.35 -6.19
CA ALA K 19 -16.22 40.30 -5.47
C ALA K 19 -15.66 38.91 -5.78
N THR K 20 -15.18 38.22 -4.75
CA THR K 20 -14.76 36.80 -4.88
C THR K 20 -15.64 35.84 -4.10
N LEU K 21 -16.34 35.00 -4.85
CA LEU K 21 -17.23 34.00 -4.30
C LEU K 21 -16.58 32.64 -4.43
N SER K 22 -16.56 31.92 -3.31
CA SER K 22 -15.98 30.57 -3.20
C SER K 22 -17.07 29.49 -3.25
N CYS K 23 -16.72 28.32 -3.79
CA CYS K 23 -17.58 27.16 -3.80
C CYS K 23 -16.71 25.92 -3.72
N ARG K 24 -16.79 25.21 -2.60
CA ARG K 24 -15.87 24.11 -2.31
C ARG K 24 -16.60 22.79 -2.08
N ALA K 25 -16.36 21.83 -2.98
CA ALA K 25 -17.04 20.52 -3.00
C ALA K 25 -16.41 19.46 -2.09
N SER K 26 -17.25 18.71 -1.38
CA SER K 26 -16.78 17.70 -0.43
C SER K 26 -15.86 16.62 -1.05
N GLN K 27 -16.05 16.35 -2.34
CA GLN K 27 -15.19 15.48 -3.14
C GLN K 27 -14.83 16.29 -4.34
N GLY K 28 -13.70 16.00 -4.96
CA GLY K 28 -13.25 16.77 -6.12
C GLY K 28 -14.14 16.31 -7.24
N ILE K 29 -14.42 17.20 -8.18
CA ILE K 29 -15.39 16.92 -9.24
C ILE K 29 -14.90 17.59 -10.50
N SER K 30 -15.34 17.07 -11.65
CA SER K 30 -14.73 17.41 -12.93
C SER K 30 -14.33 18.85 -13.02
N ARG K 31 -15.27 19.69 -13.44
CA ARG K 31 -14.93 21.05 -13.82
C ARG K 31 -15.84 21.38 -14.94
N SER K 32 -16.08 20.36 -15.74
CA SER K 32 -17.14 20.39 -16.71
C SER K 32 -18.46 20.32 -15.94
N TYR K 33 -18.37 19.97 -14.67
CA TYR K 33 -19.56 19.67 -13.90
C TYR K 33 -19.79 20.70 -12.81
N LEU K 34 -19.26 21.89 -13.02
CA LEU K 34 -19.54 22.99 -12.11
C LEU K 34 -20.09 24.23 -12.84
N ALA K 35 -21.27 24.67 -12.40
CA ALA K 35 -21.92 25.83 -12.99
C ALA K 35 -22.40 26.80 -11.94
N TRP K 36 -22.53 28.07 -12.35
CA TRP K 36 -22.90 29.17 -11.44
C TRP K 36 -24.18 29.80 -11.89
N TYR K 37 -25.03 30.12 -10.91
CA TYR K 37 -26.34 30.70 -11.15
C TYR K 37 -26.48 32.03 -10.42
N GLN K 38 -27.24 32.91 -11.06
CA GLN K 38 -27.64 34.14 -10.41
C GLN K 38 -29.15 34.21 -10.28
N GLN K 39 -29.60 34.64 -9.11
CA GLN K 39 -31.01 34.68 -8.80
C GLN K 39 -31.44 36.00 -8.17
N LYS K 40 -31.97 36.86 -9.04
CA LYS K 40 -32.49 38.17 -8.67
C LYS K 40 -33.80 37.99 -7.89
N PRO K 41 -34.00 38.78 -6.81
CA PRO K 41 -35.23 38.65 -6.03
C PRO K 41 -36.47 38.46 -6.90
N GLY K 42 -37.31 37.47 -6.53
CA GLY K 42 -38.56 37.21 -7.22
C GLY K 42 -38.40 36.75 -8.66
N GLN K 43 -37.25 36.17 -8.98
CA GLN K 43 -37.04 35.57 -10.29
C GLN K 43 -36.62 34.13 -10.13
N ALA K 44 -36.76 33.38 -11.22
CA ALA K 44 -36.10 32.09 -11.34
C ALA K 44 -34.61 32.36 -11.53
N PRO K 45 -33.75 31.47 -11.01
CA PRO K 45 -32.31 31.55 -11.27
C PRO K 45 -32.01 31.62 -12.76
N SER K 46 -30.79 32.06 -13.10
CA SER K 46 -30.34 32.06 -14.48
C SER K 46 -28.86 31.78 -14.53
N LEU K 47 -28.48 31.11 -15.61
CA LEU K 47 -27.17 30.53 -15.73
C LEU K 47 -26.11 31.59 -16.03
N LEU K 48 -25.15 31.74 -15.13
CA LEU K 48 -24.06 32.71 -15.29
C LEU K 48 -22.89 32.05 -15.98
N ILE K 49 -22.29 31.12 -15.25
CA ILE K 49 -21.09 30.46 -15.66
C ILE K 49 -21.37 28.96 -15.74
N TYR K 50 -20.90 28.34 -16.81
CA TYR K 50 -20.94 26.89 -16.97
C TYR K 50 -19.58 26.34 -17.28
N GLY K 51 -19.29 25.16 -16.77
CA GLY K 51 -18.00 24.53 -17.04
C GLY K 51 -16.89 25.22 -16.27
N ALA K 52 -17.16 25.41 -14.98
CA ALA K 52 -16.30 26.11 -14.01
C ALA K 52 -15.94 27.57 -14.32
N SER K 53 -15.96 27.90 -15.62
CA SER K 53 -15.26 29.05 -16.17
C SER K 53 -15.63 29.26 -17.63
N SER K 54 -16.92 29.38 -17.90
CA SER K 54 -17.45 29.81 -19.20
C SER K 54 -18.65 30.70 -18.97
N ARG K 55 -18.68 31.83 -19.68
CA ARG K 55 -19.78 32.74 -19.56
C ARG K 55 -20.91 32.29 -20.47
N ALA K 56 -22.10 32.22 -19.89
CA ALA K 56 -23.31 31.89 -20.62
C ALA K 56 -23.60 33.00 -21.59
N THR K 57 -24.37 32.71 -22.63
CA THR K 57 -24.66 33.71 -23.65
C THR K 57 -25.31 34.93 -23.00
N GLY K 58 -24.81 36.11 -23.34
CA GLY K 58 -25.36 37.35 -22.83
C GLY K 58 -24.69 37.92 -21.59
N ILE K 59 -23.97 37.09 -20.84
CA ILE K 59 -23.35 37.56 -19.60
C ILE K 59 -22.17 38.50 -19.85
N PRO K 60 -22.24 39.70 -19.25
CA PRO K 60 -21.20 40.71 -19.18
C PRO K 60 -19.86 40.14 -18.67
N ASP K 61 -18.76 40.67 -19.22
CA ASP K 61 -17.39 40.18 -18.98
C ASP K 61 -16.92 40.41 -17.55
N ARG K 62 -17.63 41.30 -16.87
CA ARG K 62 -17.43 41.54 -15.47
C ARG K 62 -17.43 40.23 -14.64
N PHE K 63 -18.01 39.17 -15.20
CA PHE K 63 -18.14 37.90 -14.48
C PHE K 63 -17.11 36.88 -14.92
N SER K 64 -16.55 36.16 -13.96
CA SER K 64 -15.53 35.18 -14.28
C SER K 64 -15.56 33.98 -13.38
N GLY K 65 -15.15 32.84 -13.93
CA GLY K 65 -15.12 31.60 -13.19
C GLY K 65 -13.78 30.92 -13.29
N SER K 66 -13.42 30.25 -12.21
CA SER K 66 -12.13 29.59 -12.10
C SER K 66 -12.19 28.41 -11.13
N GLY K 67 -11.20 27.53 -11.25
CA GLY K 67 -10.99 26.50 -10.26
C GLY K 67 -10.96 25.11 -10.86
N SER K 68 -10.72 24.13 -9.99
CA SER K 68 -10.92 22.72 -10.32
C SER K 68 -10.91 21.88 -9.03
N GLY K 69 -10.94 20.57 -9.19
CA GLY K 69 -10.85 19.71 -8.03
C GLY K 69 -11.97 20.03 -7.08
N THR K 70 -11.63 20.58 -5.91
CA THR K 70 -12.66 20.89 -4.93
C THR K 70 -12.87 22.38 -4.72
N ASP K 71 -11.95 23.20 -5.22
CA ASP K 71 -12.05 24.64 -4.97
C ASP K 71 -12.35 25.38 -6.26
N PHE K 72 -13.52 26.04 -6.25
CA PHE K 72 -14.01 26.79 -7.39
C PHE K 72 -14.35 28.19 -6.96
N THR K 73 -14.05 29.15 -7.86
CA THR K 73 -14.23 30.56 -7.57
C THR K 73 -14.95 31.33 -8.68
N LEU K 74 -15.94 32.11 -8.28
CA LEU K 74 -16.62 33.04 -9.16
C LEU K 74 -16.21 34.45 -8.79
N THR K 75 -15.84 35.22 -9.81
CA THR K 75 -15.31 36.58 -9.64
C THR K 75 -16.08 37.63 -10.45
N ILE K 76 -16.72 38.54 -9.70
CA ILE K 76 -17.33 39.73 -10.27
C ILE K 76 -16.33 40.84 -10.05
N SER K 77 -15.85 41.44 -11.15
CA SER K 77 -14.81 42.46 -11.09
C SER K 77 -15.35 43.82 -10.60
N ARG K 78 -15.83 44.67 -11.50
CA ARG K 78 -16.26 46.00 -11.08
C ARG K 78 -17.77 46.11 -10.95
N LEU K 79 -18.25 45.83 -9.74
CA LEU K 79 -19.69 45.76 -9.41
C LEU K 79 -20.57 46.87 -9.94
N GLU K 80 -21.67 46.47 -10.59
CA GLU K 80 -22.80 47.35 -10.91
C GLU K 80 -23.84 47.16 -9.80
N PRO K 81 -24.78 48.11 -9.64
CA PRO K 81 -25.82 47.88 -8.61
C PRO K 81 -26.80 46.75 -8.96
N GLU K 82 -26.93 46.41 -10.25
CA GLU K 82 -27.73 45.26 -10.66
C GLU K 82 -27.22 43.99 -9.99
N ASP K 83 -25.91 43.82 -10.07
CA ASP K 83 -25.23 42.59 -9.70
C ASP K 83 -25.48 42.15 -8.26
N PHE K 84 -26.47 42.71 -7.61
CA PHE K 84 -26.64 42.43 -6.19
C PHE K 84 -27.82 41.52 -5.96
N ALA K 85 -27.59 40.27 -6.33
CA ALA K 85 -28.55 39.18 -6.20
C ALA K 85 -28.01 38.12 -5.22
N VAL K 86 -28.39 36.87 -5.48
CA VAL K 86 -27.81 35.73 -4.79
C VAL K 86 -27.22 34.81 -5.84
N TYR K 87 -26.14 34.13 -5.45
CA TYR K 87 -25.31 33.35 -6.36
C TYR K 87 -25.13 31.92 -5.91
N TYR K 88 -25.42 30.99 -6.80
CA TYR K 88 -25.38 29.60 -6.46
C TYR K 88 -24.45 28.86 -7.37
N CYS K 89 -23.69 27.91 -6.81
CA CYS K 89 -23.04 26.88 -7.60
C CYS K 89 -23.81 25.56 -7.51
N GLN K 90 -23.76 24.79 -8.61
CA GLN K 90 -24.27 23.43 -8.62
C GLN K 90 -23.25 22.51 -9.32
N GLN K 91 -23.27 21.23 -8.94
CA GLN K 91 -22.34 20.22 -9.47
C GLN K 91 -23.02 19.02 -10.18
N PHE K 92 -22.80 18.85 -11.48
CA PHE K 92 -23.30 17.68 -12.19
C PHE K 92 -22.26 16.58 -12.15
N GLY K 93 -21.58 16.52 -11.02
CA GLY K 93 -20.51 15.57 -10.79
C GLY K 93 -21.10 14.21 -10.58
N SER K 94 -21.86 14.05 -9.47
CA SER K 94 -22.47 12.76 -9.10
C SER K 94 -23.22 12.86 -7.80
N SER K 95 -24.40 12.26 -7.67
CA SER K 95 -25.63 12.43 -8.44
C SER K 95 -26.50 11.88 -7.29
N PRO K 96 -27.39 12.68 -6.68
CA PRO K 96 -28.00 13.96 -6.98
C PRO K 96 -27.03 15.04 -7.32
N TRP K 97 -27.28 15.63 -8.48
CA TRP K 97 -26.83 16.95 -8.83
C TRP K 97 -27.13 17.83 -7.65
N THR K 98 -26.14 18.55 -7.13
CA THR K 98 -26.42 19.36 -5.94
C THR K 98 -26.06 20.83 -6.11
N PHE K 99 -26.60 21.66 -5.21
CA PHE K 99 -26.37 23.10 -5.18
C PHE K 99 -25.73 23.52 -3.85
N GLY K 100 -25.04 24.65 -3.85
CA GLY K 100 -24.47 25.21 -2.63
C GLY K 100 -25.50 26.08 -1.94
N GLN K 101 -25.28 26.37 -0.66
CA GLN K 101 -26.26 27.13 0.11
C GLN K 101 -26.57 28.44 -0.59
N GLY K 102 -25.54 29.01 -1.22
CA GLY K 102 -25.66 30.26 -1.97
C GLY K 102 -24.98 31.41 -1.25
N THR K 103 -24.35 32.31 -2.03
CA THR K 103 -23.75 33.53 -1.47
C THR K 103 -24.50 34.76 -1.98
N LYS K 104 -24.89 35.60 -1.01
CA LYS K 104 -25.70 36.80 -1.26
C LYS K 104 -24.82 38.05 -1.26
N VAL K 105 -24.71 38.68 -2.42
CA VAL K 105 -24.00 39.93 -2.56
C VAL K 105 -24.99 41.06 -2.27
N GLU K 106 -24.66 41.87 -1.26
CA GLU K 106 -25.46 43.04 -0.85
C GLU K 106 -24.72 44.37 -1.12
N ILE K 107 -25.40 45.33 -1.77
CA ILE K 107 -24.77 46.61 -2.10
C ILE K 107 -24.42 47.41 -0.86
N LYS K 108 -23.40 48.25 -1.01
CA LYS K 108 -23.02 49.21 0.02
C LYS K 108 -23.31 50.59 -0.57
N ARG K 109 -24.16 51.36 0.12
CA ARG K 109 -24.49 52.71 -0.31
C ARG K 109 -24.01 53.73 0.73
N THR K 110 -24.96 54.58 1.14
CA THR K 110 -24.68 55.80 1.83
C THR K 110 -25.93 56.30 2.48
N VAL K 111 -25.99 56.23 3.79
CA VAL K 111 -27.27 56.32 4.51
C VAL K 111 -28.34 57.24 3.87
N ALA K 112 -29.49 56.64 3.54
CA ALA K 112 -30.68 57.39 3.09
C ALA K 112 -31.85 57.07 4.01
N ALA K 113 -32.47 58.12 4.57
CA ALA K 113 -33.57 57.98 5.54
C ALA K 113 -34.90 57.59 4.87
N PRO K 114 -35.83 56.98 5.64
CA PRO K 114 -37.09 56.57 5.02
C PRO K 114 -38.12 57.70 4.96
N SER K 115 -38.87 57.79 3.85
CA SER K 115 -40.03 58.68 3.75
C SER K 115 -41.22 57.97 4.40
N VAL K 116 -41.59 58.40 5.61
CA VAL K 116 -42.63 57.68 6.37
C VAL K 116 -44.03 58.03 5.86
N PHE K 117 -44.93 57.04 5.89
CA PHE K 117 -46.36 57.21 5.55
C PHE K 117 -47.29 56.41 6.47
N ILE K 118 -48.57 56.77 6.49
CA ILE K 118 -49.55 56.06 7.32
C ILE K 118 -50.96 56.07 6.70
N PHE K 119 -51.53 54.87 6.57
CA PHE K 119 -52.83 54.69 5.91
C PHE K 119 -53.95 54.35 6.90
N PRO K 120 -55.06 55.10 6.85
CA PRO K 120 -56.25 54.77 7.64
C PRO K 120 -57.01 53.54 7.08
N PRO K 121 -57.42 52.61 7.98
CA PRO K 121 -58.18 51.45 7.54
C PRO K 121 -59.44 51.87 6.78
N SER K 122 -59.37 51.77 5.45
CA SER K 122 -60.46 52.16 4.57
C SER K 122 -61.84 51.75 5.10
N ASP K 123 -62.83 52.61 4.86
CA ASP K 123 -64.19 52.42 5.33
C ASP K 123 -64.73 51.03 5.00
N GLU K 124 -64.46 50.56 3.79
CA GLU K 124 -64.92 49.23 3.33
C GLU K 124 -64.39 48.10 4.19
N GLN K 125 -63.12 48.18 4.57
CA GLN K 125 -62.51 47.18 5.44
C GLN K 125 -63.23 47.10 6.78
N LEU K 126 -63.53 48.28 7.34
CA LEU K 126 -64.22 48.37 8.62
C LEU K 126 -65.62 47.75 8.57
N LYS K 127 -66.37 48.09 7.51
CA LYS K 127 -67.76 47.62 7.30
C LYS K 127 -67.98 46.14 7.55
N SER K 128 -66.91 45.35 7.50
CA SER K 128 -66.94 43.94 7.88
C SER K 128 -65.67 43.46 8.60
N GLY K 129 -65.79 43.21 9.90
CA GLY K 129 -64.75 42.50 10.67
C GLY K 129 -63.72 43.31 11.42
N THR K 130 -62.71 43.81 10.71
CA THR K 130 -61.49 44.34 11.33
C THR K 130 -60.98 45.64 10.68
N ALA K 131 -59.95 46.24 11.28
CA ALA K 131 -59.37 47.51 10.84
C ALA K 131 -57.86 47.42 10.71
N SER K 132 -57.34 47.78 9.54
CA SER K 132 -55.90 47.72 9.30
C SER K 132 -55.24 49.09 9.02
N VAL K 133 -54.43 49.50 10.00
CA VAL K 133 -53.56 50.67 9.89
C VAL K 133 -52.20 50.22 9.33
N VAL K 134 -51.86 50.69 8.13
CA VAL K 134 -50.64 50.28 7.43
C VAL K 134 -49.58 51.41 7.37
N CYS K 135 -48.42 51.14 7.99
CA CYS K 135 -47.30 52.08 7.99
C CYS K 135 -46.23 51.69 6.96
N LEU K 136 -45.88 52.64 6.08
CA LEU K 136 -44.87 52.44 5.04
C LEU K 136 -43.55 53.15 5.40
N LEU K 137 -42.44 52.61 4.89
CA LEU K 137 -41.13 53.28 4.96
C LEU K 137 -40.51 53.18 3.58
N ASN K 138 -40.15 54.31 2.98
CA ASN K 138 -39.79 54.29 1.56
C ASN K 138 -38.29 54.40 1.28
N ASN K 139 -37.92 54.05 0.05
CA ASN K 139 -36.53 53.98 -0.43
C ASN K 139 -35.37 54.40 0.54
N PHE K 140 -34.91 53.44 1.37
CA PHE K 140 -33.83 53.55 2.41
C PHE K 140 -33.21 52.14 2.42
N TYR K 141 -32.28 51.72 3.30
CA TYR K 141 -30.98 52.30 3.76
C TYR K 141 -30.65 52.76 5.20
N PRO K 142 -29.95 51.91 5.99
CA PRO K 142 -29.61 50.51 5.70
C PRO K 142 -30.60 49.50 6.32
N ARG K 143 -30.14 48.26 6.49
CA ARG K 143 -30.94 47.14 7.04
C ARG K 143 -31.86 47.46 8.23
N GLU K 144 -31.35 48.17 9.24
CA GLU K 144 -32.05 48.38 10.53
C GLU K 144 -33.17 49.43 10.48
N ALA K 145 -34.17 49.22 11.32
CA ALA K 145 -35.29 50.15 11.53
C ALA K 145 -36.15 49.68 12.71
N LYS K 146 -36.72 50.64 13.46
CA LYS K 146 -37.62 50.33 14.57
C LYS K 146 -39.02 50.90 14.31
N VAL K 147 -40.04 50.16 14.77
CA VAL K 147 -41.46 50.51 14.54
C VAL K 147 -42.29 50.30 15.80
N GLN K 148 -42.76 51.41 16.40
CA GLN K 148 -43.65 51.36 17.55
C GLN K 148 -45.02 51.92 17.19
N TRP K 149 -46.08 51.34 17.76
CA TRP K 149 -47.46 51.82 17.58
C TRP K 149 -48.01 52.33 18.90
N LYS K 150 -48.72 53.46 18.88
CA LYS K 150 -49.29 54.04 20.11
C LYS K 150 -50.80 54.35 20.04
N VAL K 151 -51.53 53.74 20.98
CA VAL K 151 -53.00 53.79 21.04
C VAL K 151 -53.45 54.36 22.39
N ASP K 152 -54.04 55.56 22.34
CA ASP K 152 -54.33 56.39 23.53
C ASP K 152 -53.05 56.58 24.36
N ASN K 153 -51.92 56.68 23.66
CA ASN K 153 -50.55 56.77 24.22
C ASN K 153 -50.06 55.58 25.05
N ALA K 154 -50.30 54.38 24.53
CA ALA K 154 -49.81 53.12 25.11
C ALA K 154 -49.11 52.28 24.04
N LEU K 155 -48.00 51.65 24.41
CA LEU K 155 -47.21 50.78 23.51
C LEU K 155 -47.90 49.43 23.21
N GLN K 156 -47.65 48.89 22.01
CA GLN K 156 -48.25 47.61 21.56
C GLN K 156 -47.31 46.41 21.72
N SER K 157 -47.88 45.20 21.72
CA SER K 157 -47.10 43.95 21.77
C SER K 157 -47.80 42.76 21.10
N GLY K 158 -47.20 42.27 20.02
CA GLY K 158 -47.71 41.10 19.31
C GLY K 158 -48.66 41.44 18.18
N ASN K 159 -49.54 42.42 18.42
CA ASN K 159 -50.61 42.82 17.49
C ASN K 159 -50.19 43.45 16.13
N SER K 160 -48.93 43.25 15.75
CA SER K 160 -48.39 43.68 14.45
C SER K 160 -47.39 42.69 13.83
N GLN K 161 -47.22 42.78 12.50
CA GLN K 161 -46.23 41.99 11.75
C GLN K 161 -45.85 42.75 10.46
N GLU K 162 -44.55 42.79 10.15
CA GLU K 162 -44.03 43.61 9.05
C GLU K 162 -43.35 42.80 7.95
N SER K 163 -43.00 43.48 6.85
CA SER K 163 -42.23 42.85 5.78
C SER K 163 -41.39 43.87 5.01
N VAL K 164 -40.14 43.50 4.73
CA VAL K 164 -39.16 44.35 4.04
C VAL K 164 -39.00 43.84 2.62
N THR K 165 -38.61 44.72 1.68
CA THR K 165 -38.13 44.26 0.37
C THR K 165 -36.64 43.88 0.43
N GLU K 166 -36.09 43.54 -0.72
CA GLU K 166 -34.65 43.44 -0.88
C GLU K 166 -34.21 44.79 -1.47
N GLN K 167 -32.91 45.06 -1.46
CA GLN K 167 -32.38 46.28 -2.08
C GLN K 167 -32.85 46.42 -3.52
N ASP K 168 -32.99 47.66 -3.97
CA ASP K 168 -33.36 47.95 -5.34
C ASP K 168 -32.18 47.61 -6.25
N SER K 169 -32.44 46.87 -7.34
CA SER K 169 -31.40 46.58 -8.34
C SER K 169 -31.04 47.81 -9.20
N LYS K 170 -31.93 48.81 -9.21
CA LYS K 170 -31.66 50.08 -9.86
C LYS K 170 -31.11 51.08 -8.83
N ASP K 171 -31.79 51.19 -7.70
CA ASP K 171 -31.42 52.11 -6.62
C ASP K 171 -30.31 51.46 -5.80
N SER K 172 -30.66 50.93 -4.63
CA SER K 172 -29.71 50.39 -3.65
C SER K 172 -30.42 50.15 -2.33
N THR K 173 -31.74 50.33 -2.32
CA THR K 173 -32.46 50.56 -1.07
C THR K 173 -33.63 49.63 -0.72
N TYR K 174 -33.75 49.38 0.58
CA TYR K 174 -34.84 48.64 1.18
C TYR K 174 -36.15 49.45 1.27
N SER K 175 -37.19 48.80 1.79
CA SER K 175 -38.49 49.40 2.12
C SER K 175 -39.26 48.43 3.04
N LEU K 176 -39.68 48.92 4.21
CA LEU K 176 -40.41 48.12 5.23
C LEU K 176 -41.93 48.29 5.14
N SER K 177 -42.67 47.43 5.84
CA SER K 177 -44.14 47.50 5.80
C SER K 177 -44.81 46.91 7.07
N SER K 178 -45.04 47.75 8.09
CA SER K 178 -45.73 47.33 9.33
C SER K 178 -47.24 47.60 9.31
N THR K 179 -47.99 46.54 9.61
CA THR K 179 -49.46 46.57 9.66
C THR K 179 -49.96 46.33 11.09
N LEU K 180 -51.09 46.94 11.41
CA LEU K 180 -51.70 46.91 12.73
C LEU K 180 -53.05 46.23 12.64
N THR K 181 -53.14 45.04 13.25
CA THR K 181 -54.38 44.27 13.23
C THR K 181 -55.09 44.26 14.60
N LEU K 182 -56.22 44.97 14.67
CA LEU K 182 -57.12 44.99 15.83
C LEU K 182 -58.54 45.18 15.33
N SER K 183 -59.50 44.52 15.97
CA SER K 183 -60.90 44.45 15.49
C SER K 183 -61.58 45.81 15.34
N LYS K 184 -62.47 45.92 14.34
CA LYS K 184 -63.23 47.15 14.07
C LYS K 184 -64.18 47.48 15.21
N ALA K 185 -64.09 46.70 16.29
CA ALA K 185 -64.85 46.92 17.51
C ALA K 185 -63.97 47.56 18.58
N ASP K 186 -62.75 47.04 18.74
CA ASP K 186 -61.75 47.61 19.64
C ASP K 186 -61.11 48.87 19.05
N TYR K 187 -61.20 49.02 17.74
CA TYR K 187 -60.72 50.20 17.02
C TYR K 187 -61.59 51.43 17.29
N GLU K 188 -62.91 51.24 17.35
CA GLU K 188 -63.90 52.32 17.50
C GLU K 188 -63.83 53.10 18.82
N LYS K 189 -63.16 52.52 19.81
CA LYS K 189 -63.00 53.15 21.12
C LYS K 189 -61.89 54.20 21.10
N HIS K 190 -60.65 53.73 20.96
CA HIS K 190 -59.46 54.55 21.08
C HIS K 190 -59.35 55.57 19.97
N LYS K 191 -58.73 56.71 20.26
CA LYS K 191 -58.87 57.92 19.42
C LYS K 191 -57.63 58.32 18.59
N VAL K 192 -56.44 58.10 19.15
CA VAL K 192 -55.16 58.51 18.52
C VAL K 192 -54.21 57.32 18.20
N TYR K 193 -53.90 57.14 16.91
CA TYR K 193 -53.00 56.05 16.45
C TYR K 193 -51.74 56.59 15.79
N ALA K 194 -50.58 56.19 16.31
CA ALA K 194 -49.29 56.74 15.86
C ALA K 194 -48.27 55.69 15.42
N CYS K 195 -47.56 55.98 14.34
CA CYS K 195 -46.46 55.12 13.86
C CYS K 195 -45.10 55.79 14.08
N GLU K 196 -44.31 55.23 15.00
CA GLU K 196 -43.00 55.77 15.37
C GLU K 196 -41.85 55.05 14.63
N VAL K 197 -41.06 55.83 13.90
CA VAL K 197 -39.97 55.31 13.08
C VAL K 197 -38.59 55.86 13.52
N THR K 198 -37.85 55.02 14.25
CA THR K 198 -36.46 55.27 14.68
C THR K 198 -35.48 54.67 13.65
N HIS K 199 -34.48 55.44 13.24
CA HIS K 199 -33.51 55.00 12.24
C HIS K 199 -32.17 55.64 12.49
N GLN K 200 -31.10 54.94 12.09
CA GLN K 200 -29.75 55.47 12.21
C GLN K 200 -29.46 56.55 11.16
N GLY K 201 -30.27 56.58 10.11
CA GLY K 201 -30.18 57.61 9.09
C GLY K 201 -31.04 58.83 9.39
N LEU K 202 -31.40 59.00 10.67
CA LEU K 202 -32.23 60.12 11.14
C LEU K 202 -31.63 60.80 12.38
N SER K 203 -31.94 62.08 12.57
CA SER K 203 -31.53 62.81 13.77
C SER K 203 -32.24 62.26 15.00
N SER K 204 -33.57 62.26 14.95
CA SER K 204 -34.41 61.68 16.00
C SER K 204 -35.69 61.06 15.42
N PRO K 205 -36.20 59.98 16.06
CA PRO K 205 -37.42 59.28 15.68
C PRO K 205 -38.51 60.18 15.09
N VAL K 206 -38.82 59.97 13.81
CA VAL K 206 -39.90 60.70 13.14
C VAL K 206 -41.22 59.93 13.23
N THR K 207 -42.25 60.62 13.70
CA THR K 207 -43.56 60.02 13.97
C THR K 207 -44.60 60.41 12.91
N LYS K 208 -45.54 59.49 12.65
CA LYS K 208 -46.72 59.74 11.80
C LYS K 208 -48.00 59.16 12.44
N SER K 209 -49.00 60.04 12.61
CA SER K 209 -50.22 59.73 13.35
C SER K 209 -51.52 60.22 12.68
N PHE K 210 -52.65 59.92 13.32
CA PHE K 210 -53.99 60.33 12.86
C PHE K 210 -55.07 60.21 13.95
N ASN K 211 -56.13 61.02 13.87
CA ASN K 211 -57.21 61.05 14.87
C ASN K 211 -58.55 60.46 14.43
N ARG K 212 -58.49 59.21 13.95
CA ARG K 212 -59.66 58.48 13.44
C ARG K 212 -60.57 59.26 12.48
N GLY K 213 -59.96 59.83 11.43
CA GLY K 213 -60.68 60.53 10.36
C GLY K 213 -61.29 61.87 10.75
N GLU K 214 -60.50 62.69 11.46
CA GLU K 214 -60.94 64.01 11.93
C GLU K 214 -60.33 65.17 11.13
N GLN L 1 -38.36 33.11 -27.37
CA GLN L 1 -37.51 32.09 -28.05
C GLN L 1 -37.92 30.65 -27.68
N VAL L 2 -37.29 30.11 -26.63
CA VAL L 2 -37.76 28.87 -26.01
C VAL L 2 -38.19 29.22 -24.60
N GLN L 3 -39.45 28.94 -24.27
CA GLN L 3 -40.00 29.37 -22.98
C GLN L 3 -40.75 28.27 -22.28
N LEU L 4 -40.84 28.38 -20.96
CA LEU L 4 -41.39 27.30 -20.15
C LEU L 4 -42.48 27.76 -19.20
N GLN L 5 -43.60 27.04 -19.17
CA GLN L 5 -44.73 27.42 -18.32
C GLN L 5 -45.11 26.41 -17.22
N GLU L 6 -44.92 26.84 -15.97
CA GLU L 6 -45.29 26.04 -14.81
C GLU L 6 -46.79 25.94 -14.63
N SER L 7 -47.40 24.99 -15.34
CA SER L 7 -48.81 24.68 -15.17
C SER L 7 -49.05 23.67 -14.02
N GLY L 8 -49.98 23.97 -13.13
CA GLY L 8 -50.30 23.04 -12.06
C GLY L 8 -50.73 23.60 -10.70
N PRO L 9 -51.70 22.92 -10.06
CA PRO L 9 -52.30 23.22 -8.77
C PRO L 9 -51.32 23.82 -7.76
N GLY L 10 -51.70 24.94 -7.16
CA GLY L 10 -50.88 25.57 -6.14
C GLY L 10 -51.14 25.00 -4.75
N LEU L 11 -52.05 24.05 -4.67
CA LEU L 11 -52.38 23.38 -3.39
C LEU L 11 -52.36 21.86 -3.52
N VAL L 12 -51.97 21.17 -2.44
CA VAL L 12 -52.08 19.69 -2.34
C VAL L 12 -52.19 19.29 -0.86
N LYS L 13 -52.85 18.15 -0.61
CA LYS L 13 -53.34 17.76 0.71
C LYS L 13 -52.50 16.67 1.41
N PRO L 14 -52.17 16.86 2.72
CA PRO L 14 -51.20 16.01 3.44
C PRO L 14 -51.32 14.52 3.11
N SER L 15 -50.23 13.98 2.60
CA SER L 15 -50.13 12.64 2.02
C SER L 15 -51.17 12.34 0.93
N GLN L 16 -51.40 13.34 0.09
CA GLN L 16 -52.00 13.14 -1.22
C GLN L 16 -50.89 13.43 -2.21
N THR L 17 -51.12 13.16 -3.49
CA THR L 17 -50.04 13.31 -4.47
C THR L 17 -50.00 14.64 -5.25
N LEU L 18 -48.91 15.39 -5.05
CA LEU L 18 -48.66 16.64 -5.76
C LEU L 18 -48.35 16.40 -7.23
N SER L 19 -48.82 17.31 -8.09
CA SER L 19 -48.54 17.22 -9.52
C SER L 19 -48.44 18.59 -10.16
N LEU L 20 -47.58 18.68 -11.19
CA LEU L 20 -47.41 19.89 -11.98
C LEU L 20 -47.04 19.48 -13.38
N THR L 21 -47.07 20.44 -14.29
CA THR L 21 -46.62 20.20 -15.65
C THR L 21 -45.93 21.43 -16.27
N CYS L 22 -45.00 21.19 -17.19
CA CYS L 22 -44.22 22.23 -17.83
C CYS L 22 -44.57 22.21 -19.30
N THR L 23 -44.66 23.39 -19.91
CA THR L 23 -45.01 23.50 -21.33
C THR L 23 -43.83 24.08 -22.07
N VAL L 24 -43.72 23.75 -23.35
CA VAL L 24 -42.62 24.22 -24.17
C VAL L 24 -43.12 24.96 -25.42
N SER L 25 -42.67 26.21 -25.57
CA SER L 25 -42.99 27.06 -26.72
C SER L 25 -41.72 27.40 -27.47
N GLY L 26 -41.77 27.32 -28.80
CA GLY L 26 -40.63 27.69 -29.65
C GLY L 26 -39.52 26.67 -29.59
N GLY L 27 -39.44 25.84 -30.63
CA GLY L 27 -38.61 24.63 -30.60
C GLY L 27 -39.32 23.56 -29.79
N SER L 28 -39.08 22.29 -30.12
CA SER L 28 -39.77 21.21 -29.41
C SER L 28 -38.83 20.28 -28.66
N ILE L 29 -39.34 19.71 -27.58
CA ILE L 29 -38.63 18.69 -26.79
C ILE L 29 -37.90 17.69 -27.67
N SER L 30 -38.61 17.03 -28.59
CA SER L 30 -37.99 16.04 -29.50
C SER L 30 -36.85 16.65 -30.30
N SER L 31 -35.77 15.86 -30.41
CA SER L 31 -34.43 16.35 -30.66
C SER L 31 -33.60 15.66 -29.55
N GLY L 32 -32.81 14.64 -29.92
CA GLY L 32 -32.05 13.81 -28.95
C GLY L 32 -30.97 14.47 -28.08
N ASP L 33 -31.35 15.53 -27.37
CA ASP L 33 -30.39 16.42 -26.74
C ASP L 33 -30.56 16.47 -25.23
N TYR L 34 -31.44 17.37 -24.78
CA TYR L 34 -31.38 17.94 -23.43
C TYR L 34 -32.18 17.18 -22.43
N PHE L 35 -32.01 17.55 -21.17
CA PHE L 35 -32.75 16.88 -20.12
C PHE L 35 -33.75 17.84 -19.55
N TRP L 36 -35.03 17.48 -19.62
CA TRP L 36 -36.09 18.33 -19.09
C TRP L 36 -36.28 18.01 -17.64
N SER L 37 -36.30 19.05 -16.80
CA SER L 37 -35.87 18.87 -15.42
C SER L 37 -36.72 19.60 -14.39
N TRP L 38 -36.82 19.05 -13.18
CA TRP L 38 -37.55 19.69 -12.09
C TRP L 38 -36.67 20.05 -10.93
N ILE L 39 -36.68 21.31 -10.57
CA ILE L 39 -35.96 21.77 -9.40
C ILE L 39 -36.94 22.39 -8.41
N ARG L 40 -36.82 22.03 -7.15
CA ARG L 40 -37.60 22.71 -6.12
C ARG L 40 -36.68 23.52 -5.26
N GLN L 41 -37.22 24.49 -4.54
CA GLN L 41 -36.41 25.38 -3.73
C GLN L 41 -37.07 25.60 -2.36
N LEU L 42 -36.41 25.15 -1.29
CA LEU L 42 -37.07 24.86 0.00
C LEU L 42 -37.08 25.96 1.06
N PRO L 43 -38.22 26.68 1.18
CA PRO L 43 -38.39 27.94 1.86
C PRO L 43 -37.12 28.76 2.14
N GLY L 44 -36.78 29.62 1.17
CA GLY L 44 -35.66 30.55 1.26
C GLY L 44 -34.34 29.96 1.71
N LYS L 45 -33.94 28.86 1.07
CA LYS L 45 -32.58 28.31 1.24
C LYS L 45 -32.14 27.55 -0.03
N GLY L 46 -31.65 26.33 0.13
CA GLY L 46 -31.07 25.54 -0.94
C GLY L 46 -32.04 25.05 -1.98
N LEU L 47 -31.63 25.16 -3.23
CA LEU L 47 -32.31 24.49 -4.32
C LEU L 47 -32.04 23.00 -4.18
N GLU L 48 -33.00 22.19 -4.62
CA GLU L 48 -32.88 20.74 -4.59
C GLU L 48 -33.17 20.26 -6.01
N TRP L 49 -32.29 19.43 -6.56
CA TRP L 49 -32.55 18.86 -7.87
C TRP L 49 -33.42 17.69 -7.67
N ILE L 50 -34.61 17.68 -8.30
CA ILE L 50 -35.58 16.58 -8.13
C ILE L 50 -35.28 15.36 -9.04
N GLY L 51 -35.36 15.59 -10.35
CA GLY L 51 -35.01 14.57 -11.29
C GLY L 51 -35.20 15.20 -12.65
N HIS L 52 -34.65 14.59 -13.69
CA HIS L 52 -34.85 15.08 -15.03
C HIS L 52 -35.39 13.98 -15.91
N ILE L 53 -35.82 14.32 -17.12
CA ILE L 53 -36.21 13.31 -18.12
C ILE L 53 -35.72 13.67 -19.53
N HIS L 54 -35.43 12.65 -20.35
CA HIS L 54 -35.00 12.85 -21.73
C HIS L 54 -36.17 12.72 -22.69
N ASN L 55 -35.98 13.16 -23.94
CA ASN L 55 -37.02 13.05 -24.97
C ASN L 55 -37.34 11.60 -25.37
N SER L 56 -36.48 10.67 -24.97
CA SER L 56 -36.75 9.24 -25.15
C SER L 56 -37.49 8.64 -23.95
N GLY L 57 -37.94 9.46 -23.01
CA GLY L 57 -38.79 9.00 -21.93
C GLY L 57 -38.07 8.36 -20.75
N THR L 58 -36.74 8.39 -20.78
CA THR L 58 -35.90 7.85 -19.70
C THR L 58 -35.60 8.90 -18.62
N THR L 59 -35.67 8.47 -17.36
CA THR L 59 -35.63 9.41 -16.24
C THR L 59 -34.30 9.37 -15.48
N TYR L 60 -34.19 10.21 -14.44
CA TYR L 60 -33.06 10.23 -13.51
C TYR L 60 -33.59 10.91 -12.25
N TYR L 61 -33.47 10.27 -11.09
CA TYR L 61 -34.06 10.88 -9.88
C TYR L 61 -33.07 11.04 -8.75
N ASN L 62 -33.32 11.99 -7.86
CA ASN L 62 -32.47 12.18 -6.69
C ASN L 62 -32.76 11.10 -5.64
N PRO L 63 -31.91 10.06 -5.58
CA PRO L 63 -32.04 8.97 -4.63
C PRO L 63 -32.88 9.31 -3.42
N SER L 64 -32.41 10.27 -2.61
CA SER L 64 -33.01 10.61 -1.31
C SER L 64 -34.52 10.82 -1.42
N LEU L 65 -34.99 11.30 -2.56
CA LEU L 65 -36.42 11.27 -2.88
C LEU L 65 -36.85 9.84 -3.26
N LYS L 66 -36.83 8.96 -2.23
CA LYS L 66 -36.92 7.46 -2.31
C LYS L 66 -38.12 6.94 -3.12
N SER L 67 -37.98 7.11 -4.43
CA SER L 67 -39.11 7.20 -5.35
C SER L 67 -40.50 7.40 -4.72
N ARG L 68 -40.85 8.68 -4.66
CA ARG L 68 -42.18 9.22 -4.55
C ARG L 68 -42.39 9.87 -5.91
N VAL L 69 -41.27 9.98 -6.61
CA VAL L 69 -41.15 10.84 -7.77
C VAL L 69 -41.31 10.06 -9.03
N THR L 70 -42.07 10.65 -9.95
CA THR L 70 -42.22 10.14 -11.30
C THR L 70 -42.24 11.34 -12.21
N ILE L 71 -41.70 11.21 -13.42
CA ILE L 71 -41.75 12.33 -14.36
C ILE L 71 -41.79 11.85 -15.82
N SER L 72 -42.48 12.57 -16.69
CA SER L 72 -42.79 12.06 -18.04
C SER L 72 -42.87 13.11 -19.15
N VAL L 73 -42.73 12.66 -20.40
CA VAL L 73 -42.91 13.53 -21.58
C VAL L 73 -44.04 13.09 -22.54
N ASP L 74 -44.50 14.06 -23.34
CA ASP L 74 -45.42 13.81 -24.45
C ASP L 74 -45.08 14.90 -25.45
N THR L 75 -44.30 14.57 -26.47
CA THR L 75 -43.90 15.53 -27.53
C THR L 75 -45.10 15.98 -28.38
N SER L 76 -46.03 15.05 -28.60
CA SER L 76 -47.30 15.31 -29.26
C SER L 76 -48.13 16.27 -28.43
N LYS L 77 -47.84 16.33 -27.14
CA LYS L 77 -48.57 17.21 -26.23
C LYS L 77 -47.71 18.37 -25.67
N LYS L 78 -46.43 18.41 -26.04
CA LYS L 78 -45.51 19.51 -25.69
C LYS L 78 -45.43 19.86 -24.20
N GLN L 79 -45.33 18.83 -23.36
CA GLN L 79 -45.27 19.03 -21.91
C GLN L 79 -44.59 17.90 -21.14
N PHE L 80 -43.88 18.27 -20.08
CA PHE L 80 -43.39 17.24 -19.17
C PHE L 80 -43.91 17.44 -17.75
N SER L 81 -44.14 16.34 -17.07
CA SER L 81 -44.88 16.41 -15.80
C SER L 81 -44.13 15.70 -14.71
N LEU L 82 -44.21 16.27 -13.51
CA LEU L 82 -43.64 15.68 -12.32
C LEU L 82 -44.81 15.29 -11.45
N ARG L 83 -44.65 14.25 -10.63
CA ARG L 83 -45.60 13.92 -9.57
C ARG L 83 -44.90 13.34 -8.33
N LEU L 84 -44.91 14.11 -7.26
CA LEU L 84 -44.47 13.61 -5.97
C LEU L 84 -45.54 12.67 -5.51
N SER L 85 -45.38 12.16 -4.29
CA SER L 85 -46.34 11.23 -3.69
C SER L 85 -46.31 11.45 -2.21
N SER L 86 -47.41 11.18 -1.54
CA SER L 86 -47.39 10.98 -0.10
C SER L 86 -46.95 12.20 0.73
N VAL L 87 -46.83 13.33 0.05
CA VAL L 87 -46.18 14.60 0.50
C VAL L 87 -46.39 15.07 1.96
N THR L 88 -45.66 16.10 2.39
CA THR L 88 -45.89 16.74 3.72
C THR L 88 -45.43 18.21 3.79
N ALA L 89 -45.10 18.71 4.99
CA ALA L 89 -44.48 20.03 5.20
C ALA L 89 -43.18 20.20 4.41
N ALA L 90 -42.33 19.17 4.48
CA ALA L 90 -41.03 19.20 3.81
C ALA L 90 -41.12 19.14 2.28
N ASP L 91 -42.33 19.27 1.74
CA ASP L 91 -42.52 19.28 0.28
C ASP L 91 -43.02 20.65 -0.22
N THR L 92 -43.42 21.51 0.72
CA THR L 92 -43.82 22.88 0.43
C THR L 92 -42.61 23.67 -0.06
N ALA L 93 -42.68 24.15 -1.31
CA ALA L 93 -41.59 24.90 -1.93
C ALA L 93 -41.91 25.31 -3.37
N VAL L 94 -41.23 26.34 -3.87
CA VAL L 94 -41.43 26.72 -5.26
C VAL L 94 -40.82 25.61 -6.09
N TYR L 95 -41.46 25.32 -7.21
CA TYR L 95 -41.04 24.21 -8.05
C TYR L 95 -40.78 24.79 -9.43
N TYR L 96 -39.52 24.83 -9.83
CA TYR L 96 -39.21 25.29 -11.18
C TYR L 96 -39.10 24.09 -12.08
N CYS L 97 -39.58 24.23 -13.30
CA CYS L 97 -39.16 23.31 -14.33
C CYS L 97 -38.09 24.05 -15.11
N ALA L 98 -37.24 23.34 -15.84
CA ALA L 98 -36.13 23.96 -16.57
C ALA L 98 -35.47 23.04 -17.57
N ARG L 99 -34.88 23.65 -18.60
CA ARG L 99 -34.15 22.91 -19.59
C ARG L 99 -32.65 22.99 -19.32
N ASP L 100 -32.07 21.82 -19.02
CA ASP L 100 -30.64 21.63 -18.89
C ASP L 100 -30.03 21.10 -20.18
N ARG L 101 -28.96 21.75 -20.64
CA ARG L 101 -28.23 21.32 -21.82
C ARG L 101 -27.31 20.17 -21.47
N GLY L 102 -27.92 18.99 -21.25
CA GLY L 102 -27.25 17.80 -20.69
C GLY L 102 -25.77 17.63 -20.96
N GLY L 103 -25.33 18.10 -22.12
CA GLY L 103 -23.97 17.94 -22.54
C GLY L 103 -24.01 18.22 -24.02
N ASP L 104 -25.19 18.62 -24.51
CA ASP L 104 -25.33 19.14 -25.88
C ASP L 104 -24.56 20.46 -25.95
N TYR L 105 -23.82 20.70 -24.88
CA TYR L 105 -22.42 21.11 -24.88
C TYR L 105 -22.04 21.72 -23.52
N TYR L 106 -22.99 22.38 -22.86
CA TYR L 106 -22.76 22.98 -21.54
C TYR L 106 -22.67 21.91 -20.47
N TYR L 107 -23.85 21.40 -20.08
CA TYR L 107 -24.15 21.02 -18.68
C TYR L 107 -24.54 22.27 -17.87
N GLY L 108 -25.84 22.44 -17.63
CA GLY L 108 -26.38 23.56 -16.87
C GLY L 108 -27.70 24.02 -17.46
N MET L 109 -28.49 24.75 -16.68
CA MET L 109 -29.85 25.14 -17.10
C MET L 109 -29.94 26.54 -17.72
N ASP L 110 -30.02 26.58 -19.04
CA ASP L 110 -30.11 27.84 -19.77
C ASP L 110 -31.52 28.43 -19.81
N VAL L 111 -32.54 27.57 -19.67
CA VAL L 111 -33.92 28.03 -19.72
C VAL L 111 -34.68 27.60 -18.47
N TRP L 112 -35.31 28.55 -17.79
CA TRP L 112 -36.21 28.19 -16.70
C TRP L 112 -37.59 28.68 -17.00
N GLY L 113 -38.58 28.07 -16.35
CA GLY L 113 -39.90 28.67 -16.20
C GLY L 113 -39.83 29.57 -14.97
N GLN L 114 -40.93 30.26 -14.65
CA GLN L 114 -40.92 31.22 -13.53
C GLN L 114 -41.28 30.56 -12.23
N GLY L 115 -41.83 29.37 -12.32
CA GLY L 115 -42.00 28.50 -11.17
C GLY L 115 -43.11 28.86 -10.21
N THR L 116 -43.97 27.89 -9.93
CA THR L 116 -45.17 28.09 -9.09
C THR L 116 -45.02 27.67 -7.63
N THR L 117 -45.41 28.52 -6.71
CA THR L 117 -45.21 28.15 -5.35
C THR L 117 -46.27 27.31 -4.79
N VAL L 118 -45.90 26.09 -4.49
CA VAL L 118 -46.81 25.06 -4.00
C VAL L 118 -46.81 24.99 -2.48
N THR L 119 -48.02 24.89 -1.93
CA THR L 119 -48.21 24.76 -0.50
C THR L 119 -48.98 23.48 -0.21
N VAL L 120 -48.45 22.68 0.71
CA VAL L 120 -49.07 21.41 1.11
C VAL L 120 -49.81 21.54 2.44
N SER L 121 -51.13 21.45 2.34
CA SER L 121 -52.04 21.45 3.47
C SER L 121 -53.32 20.79 3.00
N SER L 122 -54.21 20.46 3.95
CA SER L 122 -55.64 20.32 3.67
C SER L 122 -56.25 21.57 4.31
N ALA L 123 -56.52 22.57 3.48
CA ALA L 123 -56.60 23.94 3.99
C ALA L 123 -57.86 24.73 3.61
N SER L 124 -58.39 24.42 2.42
CA SER L 124 -59.41 25.25 1.76
C SER L 124 -58.75 26.50 1.17
N THR L 125 -58.74 26.58 -0.15
CA THR L 125 -58.17 27.75 -0.84
C THR L 125 -59.13 28.94 -0.66
N LYS L 126 -58.60 30.09 -0.24
CA LYS L 126 -59.40 31.31 -0.14
C LYS L 126 -58.99 32.41 -1.14
N GLY L 127 -59.98 33.15 -1.64
CA GLY L 127 -59.75 34.30 -2.52
C GLY L 127 -59.35 35.49 -1.68
N PRO L 128 -58.61 36.43 -2.28
CA PRO L 128 -58.12 37.58 -1.53
C PRO L 128 -59.16 38.68 -1.45
N SER L 129 -59.18 39.37 -0.31
CA SER L 129 -59.97 40.59 -0.15
C SER L 129 -59.09 41.81 -0.46
N VAL L 130 -59.58 42.71 -1.31
CA VAL L 130 -58.84 43.91 -1.69
C VAL L 130 -59.53 45.16 -1.14
N PHE L 131 -58.79 45.96 -0.36
CA PHE L 131 -59.26 47.28 0.07
C PHE L 131 -58.17 48.32 -0.23
N PRO L 132 -58.52 49.41 -0.92
CA PRO L 132 -57.47 50.36 -1.26
C PRO L 132 -57.03 51.12 -0.03
N LEU L 133 -55.73 51.41 0.02
CA LEU L 133 -55.17 52.32 1.02
C LEU L 133 -55.06 53.70 0.37
N ALA L 134 -55.86 54.63 0.87
CA ALA L 134 -56.07 55.90 0.19
C ALA L 134 -55.04 56.95 0.58
N PRO L 135 -54.49 57.68 -0.43
CA PRO L 135 -53.49 58.75 -0.25
C PRO L 135 -53.95 59.89 0.65
N GLY L 143 -45.24 67.84 -3.71
CA GLY L 143 -44.24 66.79 -3.46
C GLY L 143 -44.55 65.48 -4.17
N THR L 144 -44.44 64.38 -3.43
CA THR L 144 -44.79 63.05 -3.93
C THR L 144 -45.54 62.22 -2.86
N ALA L 145 -46.67 61.63 -3.27
CA ALA L 145 -47.54 60.91 -2.35
C ALA L 145 -47.35 59.41 -2.44
N ALA L 146 -47.88 58.68 -1.45
CA ALA L 146 -47.84 57.21 -1.43
C ALA L 146 -49.25 56.59 -1.38
N LEU L 147 -49.56 55.78 -2.40
CA LEU L 147 -50.86 55.11 -2.52
C LEU L 147 -50.70 53.66 -3.04
N GLY L 148 -51.47 52.76 -2.45
CA GLY L 148 -51.42 51.35 -2.80
C GLY L 148 -52.45 50.53 -2.05
N CYS L 149 -52.92 49.47 -2.68
CA CYS L 149 -53.98 48.63 -2.11
C CYS L 149 -53.46 47.51 -1.20
N LEU L 150 -54.29 47.07 -0.25
CA LEU L 150 -53.96 45.95 0.67
C LEU L 150 -54.72 44.66 0.35
N VAL L 151 -54.00 43.68 -0.21
CA VAL L 151 -54.54 42.37 -0.59
C VAL L 151 -54.46 41.43 0.63
N LYS L 152 -55.60 40.86 1.05
CA LYS L 152 -55.71 40.32 2.40
C LYS L 152 -56.61 39.09 2.52
N ASP L 153 -56.21 38.15 3.36
CA ASP L 153 -57.00 36.95 3.71
C ASP L 153 -57.17 35.90 2.60
N TYR L 154 -56.06 35.52 1.97
CA TYR L 154 -56.07 34.48 0.95
C TYR L 154 -55.11 33.35 1.29
N PHE L 155 -54.67 32.62 0.27
CA PHE L 155 -54.44 31.20 0.39
C PHE L 155 -54.93 30.46 -0.86
N PRO L 156 -54.04 29.70 -1.49
CA PRO L 156 -52.67 29.56 -1.00
C PRO L 156 -51.77 30.68 -1.51
N GLU L 157 -50.47 30.58 -1.26
CA GLU L 157 -49.61 31.74 -1.20
C GLU L 157 -49.24 32.50 -2.50
N PRO L 158 -49.39 31.88 -3.68
CA PRO L 158 -49.10 32.71 -4.89
C PRO L 158 -50.13 33.84 -5.18
N VAL L 159 -49.73 35.10 -4.96
CA VAL L 159 -50.54 36.27 -5.43
C VAL L 159 -49.74 37.28 -6.27
N THR L 160 -50.23 37.61 -7.45
CA THR L 160 -49.61 38.66 -8.26
C THR L 160 -50.39 39.97 -8.10
N VAL L 161 -49.69 41.11 -8.08
CA VAL L 161 -50.35 42.43 -8.10
C VAL L 161 -49.57 43.50 -8.89
N SER L 162 -50.16 43.97 -10.00
CA SER L 162 -49.58 45.09 -10.77
C SER L 162 -50.45 46.38 -10.67
N TRP L 163 -50.11 47.39 -11.48
CA TRP L 163 -50.74 48.72 -11.40
C TRP L 163 -51.06 49.28 -12.74
N ASN L 164 -52.33 49.66 -12.91
CA ASN L 164 -52.88 50.07 -14.21
C ASN L 164 -52.54 49.02 -15.27
N SER L 165 -52.64 47.76 -14.87
CA SER L 165 -52.20 46.58 -15.61
C SER L 165 -50.88 46.76 -16.38
N GLY L 166 -49.76 46.71 -15.65
CA GLY L 166 -48.43 46.73 -16.24
C GLY L 166 -47.97 48.06 -16.80
N ALA L 167 -48.89 49.03 -16.88
CA ALA L 167 -48.59 50.34 -17.44
C ALA L 167 -47.90 51.26 -16.41
N LEU L 168 -48.17 51.06 -15.12
CA LEU L 168 -47.44 51.72 -14.03
C LEU L 168 -46.59 50.74 -13.23
N THR L 169 -45.26 50.88 -13.37
CA THR L 169 -44.28 50.09 -12.59
C THR L 169 -43.32 50.99 -11.76
N SER L 170 -43.34 52.30 -12.03
CA SER L 170 -42.50 53.31 -11.36
C SER L 170 -42.72 53.43 -9.86
N GLY L 171 -41.67 53.18 -9.09
CA GLY L 171 -41.73 53.34 -7.63
C GLY L 171 -42.64 52.36 -6.88
N VAL L 172 -43.03 51.27 -7.54
CA VAL L 172 -43.85 50.20 -6.94
C VAL L 172 -43.01 49.36 -5.97
N HIS L 173 -43.52 49.18 -4.76
CA HIS L 173 -42.92 48.28 -3.78
C HIS L 173 -43.96 47.29 -3.23
N THR L 174 -44.14 46.14 -3.90
CA THR L 174 -44.99 45.06 -3.36
C THR L 174 -44.23 44.18 -2.35
N PHE L 175 -44.64 44.22 -1.09
CA PHE L 175 -43.91 43.57 0.02
C PHE L 175 -44.29 42.12 0.28
N PRO L 176 -43.30 41.24 0.39
CA PRO L 176 -43.45 39.82 0.70
C PRO L 176 -44.64 39.53 1.62
N ALA L 177 -45.42 38.49 1.26
CA ALA L 177 -46.63 38.14 1.99
C ALA L 177 -46.35 37.71 3.43
N VAL L 178 -47.18 38.17 4.37
CA VAL L 178 -47.05 37.76 5.78
C VAL L 178 -48.16 36.81 6.22
N LEU L 179 -47.74 35.58 6.54
CA LEU L 179 -48.62 34.50 7.02
C LEU L 179 -49.21 34.83 8.41
N GLN L 180 -50.40 35.45 8.41
CA GLN L 180 -51.15 35.84 9.62
C GLN L 180 -51.38 34.66 10.57
N SER L 181 -51.63 34.98 11.84
CA SER L 181 -51.95 33.98 12.85
C SER L 181 -53.31 33.31 12.60
N SER L 182 -54.11 33.90 11.70
CA SER L 182 -55.37 33.31 11.26
C SER L 182 -55.11 32.02 10.49
N GLY L 183 -54.13 32.08 9.59
CA GLY L 183 -53.74 30.94 8.74
C GLY L 183 -53.65 31.32 7.27
N LEU L 184 -54.29 32.45 6.97
CA LEU L 184 -54.31 33.04 5.64
C LEU L 184 -53.28 34.16 5.60
N TYR L 185 -53.04 34.72 4.42
CA TYR L 185 -51.94 35.65 4.17
C TYR L 185 -52.38 37.08 3.94
N SER L 186 -51.49 38.00 4.27
CA SER L 186 -51.68 39.39 3.92
C SER L 186 -50.55 39.72 2.94
N LEU L 187 -50.42 41.00 2.54
CA LEU L 187 -49.54 41.46 1.46
C LEU L 187 -50.03 42.85 1.04
N SER L 188 -49.13 43.84 1.08
CA SER L 188 -49.44 45.21 0.63
C SER L 188 -48.76 45.52 -0.71
N SER L 189 -49.19 46.56 -1.40
CA SER L 189 -48.60 46.85 -2.70
C SER L 189 -48.63 48.36 -3.00
N VAL L 190 -47.71 49.10 -2.36
CA VAL L 190 -47.66 50.57 -2.49
C VAL L 190 -47.06 51.06 -3.82
N VAL L 191 -47.41 52.28 -4.19
CA VAL L 191 -46.74 53.05 -5.25
C VAL L 191 -46.51 54.43 -4.66
N THR L 192 -45.55 55.16 -5.23
CA THR L 192 -45.32 56.56 -4.90
C THR L 192 -45.32 57.35 -6.19
N VAL L 193 -46.15 58.40 -6.22
CA VAL L 193 -46.29 59.26 -7.41
C VAL L 193 -46.26 60.74 -7.07
N PRO L 194 -45.80 61.58 -8.02
CA PRO L 194 -45.90 63.04 -7.96
C PRO L 194 -47.25 63.49 -7.38
N SER L 195 -47.19 64.23 -6.26
CA SER L 195 -48.37 64.62 -5.49
C SER L 195 -49.38 65.50 -6.26
N SER L 196 -48.92 66.07 -7.37
CA SER L 196 -49.79 66.86 -8.27
C SER L 196 -50.32 66.03 -9.45
N SER L 197 -50.64 64.76 -9.18
CA SER L 197 -51.23 63.85 -10.15
C SER L 197 -52.47 63.13 -9.60
N LEU L 198 -52.81 63.42 -8.34
CA LEU L 198 -54.01 62.90 -7.69
C LEU L 198 -55.27 63.47 -8.36
N GLY L 199 -55.45 63.13 -9.63
CA GLY L 199 -56.54 63.66 -10.45
C GLY L 199 -56.37 63.32 -11.91
N THR L 200 -55.14 63.05 -12.32
CA THR L 200 -54.81 62.75 -13.72
C THR L 200 -54.25 61.33 -13.92
N GLN L 201 -54.65 60.68 -15.02
CA GLN L 201 -54.28 59.28 -15.33
C GLN L 201 -53.98 58.47 -14.06
N THR L 202 -55.02 58.28 -13.24
CA THR L 202 -54.86 57.69 -11.89
C THR L 202 -54.85 56.16 -11.84
N TYR L 203 -55.00 55.63 -10.63
CA TYR L 203 -54.37 54.35 -10.28
C TYR L 203 -55.31 53.22 -9.88
N ILE L 204 -55.27 52.15 -10.67
CA ILE L 204 -56.00 50.93 -10.42
C ILE L 204 -54.99 49.82 -10.22
N CYS L 205 -55.15 49.07 -9.13
CA CYS L 205 -54.32 47.89 -8.90
C CYS L 205 -55.09 46.62 -9.19
N ASN L 206 -54.44 45.69 -9.88
CA ASN L 206 -55.10 44.47 -10.27
C ASN L 206 -54.48 43.25 -9.56
N VAL L 207 -55.16 42.80 -8.51
CA VAL L 207 -54.79 41.60 -7.77
C VAL L 207 -55.32 40.33 -8.50
N ASN L 208 -54.43 39.38 -8.72
CA ASN L 208 -54.82 38.07 -9.23
C ASN L 208 -54.46 36.97 -8.26
N HIS L 209 -55.20 35.87 -8.33
CA HIS L 209 -55.02 34.72 -7.43
C HIS L 209 -55.51 33.42 -8.09
N LYS L 210 -54.60 32.72 -8.77
CA LYS L 210 -54.97 31.55 -9.57
C LYS L 210 -55.68 30.43 -8.77
N PRO L 211 -55.07 29.98 -7.64
CA PRO L 211 -55.72 28.89 -6.87
C PRO L 211 -57.19 29.10 -6.55
N SER L 212 -57.66 30.35 -6.63
CA SER L 212 -59.04 30.70 -6.29
C SER L 212 -59.80 31.34 -7.46
N ASN L 213 -59.13 31.49 -8.60
CA ASN L 213 -59.73 32.05 -9.82
C ASN L 213 -59.96 33.55 -9.76
N THR L 214 -59.44 34.20 -8.72
CA THR L 214 -59.58 35.64 -8.56
C THR L 214 -58.73 36.41 -9.56
N LYS L 215 -59.35 37.45 -10.13
CA LYS L 215 -58.67 38.46 -10.94
C LYS L 215 -59.51 39.73 -10.75
N VAL L 216 -59.14 40.56 -9.77
CA VAL L 216 -59.88 41.82 -9.51
C VAL L 216 -59.05 43.09 -9.44
N ASP L 217 -59.56 44.11 -10.13
CA ASP L 217 -58.98 45.44 -10.14
C ASP L 217 -59.47 46.25 -8.93
N LYS L 218 -58.84 47.40 -8.67
CA LYS L 218 -59.32 48.34 -7.65
C LYS L 218 -58.69 49.74 -7.81
N LYS L 219 -59.53 50.78 -7.79
CA LYS L 219 -59.09 52.17 -7.94
C LYS L 219 -58.75 52.81 -6.59
N VAL L 220 -57.53 53.35 -6.49
CA VAL L 220 -57.05 54.02 -5.26
C VAL L 220 -57.15 55.54 -5.45
N GLU L 221 -57.91 56.20 -4.57
CA GLU L 221 -58.27 57.63 -4.72
C GLU L 221 -58.57 58.36 -3.37
N PRO L 222 -58.37 59.70 -3.31
CA PRO L 222 -58.62 60.57 -2.13
C PRO L 222 -59.85 60.19 -1.28
ZN ZN M . 5.25 6.99 0.52
#